data_8V4T
# 
_entry.id   8V4T 
# 
_audit_conform.dict_name       mmcif_pdbx.dic 
_audit_conform.dict_version    5.402 
_audit_conform.dict_location   http://mmcif.pdb.org/dictionaries/ascii/mmcif_pdbx.dic 
# 
loop_
_database_2.database_id 
_database_2.database_code 
_database_2.pdbx_database_accession 
_database_2.pdbx_DOI 
PDB   8V4T         pdb_00008v4t 10.2210/pdb8v4t/pdb 
WWPDB D_1000279528 ?            ?                   
# 
loop_
_pdbx_audit_revision_history.ordinal 
_pdbx_audit_revision_history.data_content_type 
_pdbx_audit_revision_history.major_revision 
_pdbx_audit_revision_history.minor_revision 
_pdbx_audit_revision_history.revision_date 
_pdbx_audit_revision_history.part_number 
1 'Structure model' 1 0 2024-10-02 ? 
2 'Structure model' 1 1 2025-01-08 ? 
3 'Structure model' 1 2 2025-03-05 ? 
# 
_pdbx_audit_revision_details.ordinal             1 
_pdbx_audit_revision_details.revision_ordinal    1 
_pdbx_audit_revision_details.data_content_type   'Structure model' 
_pdbx_audit_revision_details.provider            repository 
_pdbx_audit_revision_details.type                'Initial release' 
_pdbx_audit_revision_details.description         ? 
_pdbx_audit_revision_details.details             ? 
# 
loop_
_pdbx_audit_revision_group.ordinal 
_pdbx_audit_revision_group.revision_ordinal 
_pdbx_audit_revision_group.data_content_type 
_pdbx_audit_revision_group.group 
1 2 'Structure model' 'Data collection'     
2 2 'Structure model' 'Structure summary'   
3 3 'Structure model' 'Database references' 
# 
loop_
_pdbx_audit_revision_category.ordinal 
_pdbx_audit_revision_category.revision_ordinal 
_pdbx_audit_revision_category.data_content_type 
_pdbx_audit_revision_category.category 
1 2 'Structure model' diffrn_detector    
2 2 'Structure model' diffrn_source      
3 2 'Structure model' pdbx_entry_details 
4 3 'Structure model' citation           
5 3 'Structure model' citation_author    
# 
loop_
_pdbx_audit_revision_item.ordinal 
_pdbx_audit_revision_item.revision_ordinal 
_pdbx_audit_revision_item.data_content_type 
_pdbx_audit_revision_item.item 
1  2 'Structure model' '_diffrn_detector.type'                        
2  2 'Structure model' '_diffrn_source.pdbx_synchrotron_beamline'     
3  2 'Structure model' '_diffrn_source.type'                          
4  2 'Structure model' '_pdbx_entry_details.has_protein_modification' 
5  3 'Structure model' '_citation.country'                            
6  3 'Structure model' '_citation.journal_abbrev'                     
7  3 'Structure model' '_citation.journal_id_CSD'                     
8  3 'Structure model' '_citation.journal_id_ISSN'                    
9  3 'Structure model' '_citation.journal_volume'                     
10 3 'Structure model' '_citation.page_first'                         
11 3 'Structure model' '_citation.page_last'                          
12 3 'Structure model' '_citation.pdbx_database_id_DOI'               
13 3 'Structure model' '_citation.pdbx_database_id_PubMed'            
14 3 'Structure model' '_citation.title'                              
15 3 'Structure model' '_citation.year'                               
# 
_pdbx_database_status.status_code                     REL 
_pdbx_database_status.status_code_sf                  REL 
_pdbx_database_status.status_code_mr                  ? 
_pdbx_database_status.entry_id                        8V4T 
_pdbx_database_status.recvd_initial_deposition_date   2023-11-29 
_pdbx_database_status.SG_entry                        N 
_pdbx_database_status.deposit_site                    RCSB 
_pdbx_database_status.process_site                    RCSB 
_pdbx_database_status.status_code_cs                  ? 
_pdbx_database_status.status_code_nmr_data            ? 
_pdbx_database_status.methods_development_category    ? 
_pdbx_database_status.pdb_format_compatible           Y 
# 
_pdbx_contact_author.id                 3 
_pdbx_contact_author.email              wdw@gsu.edu 
_pdbx_contact_author.name_first         W 
_pdbx_contact_author.name_last          Wilson 
_pdbx_contact_author.name_mi            David 
_pdbx_contact_author.role               'principal investigator/group leader' 
_pdbx_contact_author.identifier_ORCID   0000-0001-5225-5089 
# 
loop_
_audit_author.name 
_audit_author.pdbx_ordinal 
_audit_author.identifier_ORCID 
'Terrell, J.R.' 1 0000-0001-5394-5663 
'Wilson, W.D.'  2 0000-0001-5225-5089 
# 
_citation.abstract                  ? 
_citation.abstract_id_CAS           ? 
_citation.book_id_ISBN              ? 
_citation.book_publisher            ? 
_citation.book_publisher_city       ? 
_citation.book_title                ? 
_citation.coordinate_linkage        ? 
_citation.country                   US 
_citation.database_id_Medline       ? 
_citation.details                   ? 
_citation.id                        primary 
_citation.journal_abbrev            'Acs Chem.Biol.' 
_citation.journal_id_ASTM           ? 
_citation.journal_id_CSD            ? 
_citation.journal_id_ISSN           1554-8937 
_citation.journal_full              ? 
_citation.journal_issue             ? 
_citation.journal_volume            20 
_citation.language                  ? 
_citation.page_first                489 
_citation.page_last                 506 
_citation.title                     
;Alternative Approach to Sequence-Specific Recognition of DNA: Cooperative Stacking of Dication Dimers&#9472;Sensitivity to Compound Curvature, Aromatic Structure, and DNA Sequence.
;
_citation.year                      2025 
_citation.database_id_CSD           ? 
_citation.pdbx_database_id_DOI      10.1021/acschembio.4c00800 
_citation.pdbx_database_id_PubMed   39920086 
_citation.pdbx_database_id_patent   ? 
_citation.unpublished_flag          ? 
# 
loop_
_citation_author.citation_id 
_citation_author.name 
_citation_author.ordinal 
_citation_author.identifier_ORCID 
primary 'Paul, A.'      1 0000-0003-4592-3442 
primary 'Terrell, J.R.' 2 ?                   
primary 'Farahat, A.A.' 3 ?                   
primary 'Ogbonna, E.N.' 4 ?                   
primary 'Kumar, A.'     5 ?                   
primary 'Boykin, D.W.'  6 ?                   
primary 'Neidle, S.'    7 0000-0003-0622-6548 
primary 'Wilson, W.D.'  8 0000-0001-5225-5089 
# 
loop_
_entity.id 
_entity.type 
_entity.src_method 
_entity.pdbx_description 
_entity.formula_weight 
_entity.pdbx_number_of_molecules 
_entity.pdbx_ec 
_entity.pdbx_mutation 
_entity.pdbx_fragment 
_entity.details 
1 polymer     syn 
;DNA (5'-D(*GP*CP*TP*GP*CP*GP*TP*TP*AP*AP*CP*GP*CP*AP*GP*C)-3')
;
4899.179 1  ? ? ? ? 
2 non-polymer syn 'CALCIUM ION'                                                    40.078   7  ? ? ? ? 
3 water       nat water                                                            18.015   92 ? ? ? ? 
# 
_entity_poly.entity_id                      1 
_entity_poly.type                           polydeoxyribonucleotide 
_entity_poly.nstd_linkage                   no 
_entity_poly.nstd_monomer                   no 
_entity_poly.pdbx_seq_one_letter_code       '(DG)(DC)(DT)(DG)(DC)(DG)(DT)(DT)(DA)(DA)(DC)(DG)(DC)(DA)(DG)(DC)' 
_entity_poly.pdbx_seq_one_letter_code_can   GCTGCGTTAACGCAGC 
_entity_poly.pdbx_strand_id                 A 
_entity_poly.pdbx_target_identifier         ? 
# 
loop_
_pdbx_entity_nonpoly.entity_id 
_pdbx_entity_nonpoly.name 
_pdbx_entity_nonpoly.comp_id 
2 'CALCIUM ION' CA  
3 water         HOH 
# 
loop_
_entity_poly_seq.entity_id 
_entity_poly_seq.num 
_entity_poly_seq.mon_id 
_entity_poly_seq.hetero 
1 1  DG n 
1 2  DC n 
1 3  DT n 
1 4  DG n 
1 5  DC n 
1 6  DG n 
1 7  DT n 
1 8  DT n 
1 9  DA n 
1 10 DA n 
1 11 DC n 
1 12 DG n 
1 13 DC n 
1 14 DA n 
1 15 DG n 
1 16 DC n 
# 
_pdbx_entity_src_syn.entity_id              1 
_pdbx_entity_src_syn.pdbx_src_id            1 
_pdbx_entity_src_syn.pdbx_alt_source_flag   sample 
_pdbx_entity_src_syn.pdbx_beg_seq_num       1 
_pdbx_entity_src_syn.pdbx_end_seq_num       16 
_pdbx_entity_src_syn.organism_scientific    'synthetic construct' 
_pdbx_entity_src_syn.organism_common_name   ? 
_pdbx_entity_src_syn.ncbi_taxonomy_id       32630 
_pdbx_entity_src_syn.details                ? 
# 
loop_
_chem_comp.id 
_chem_comp.type 
_chem_comp.mon_nstd_flag 
_chem_comp.name 
_chem_comp.pdbx_synonyms 
_chem_comp.formula 
_chem_comp.formula_weight 
CA  non-polymer   . 'CALCIUM ION'                        ? 'Ca 2'            40.078  
DA  'DNA linking' y "2'-DEOXYADENOSINE-5'-MONOPHOSPHATE" ? 'C10 H14 N5 O6 P' 331.222 
DC  'DNA linking' y "2'-DEOXYCYTIDINE-5'-MONOPHOSPHATE"  ? 'C9 H14 N3 O7 P'  307.197 
DG  'DNA linking' y "2'-DEOXYGUANOSINE-5'-MONOPHOSPHATE" ? 'C10 H14 N5 O7 P' 347.221 
DT  'DNA linking' y "THYMIDINE-5'-MONOPHOSPHATE"         ? 'C10 H15 N2 O8 P' 322.208 
HOH non-polymer   . WATER                                ? 'H2 O'            18.015  
# 
loop_
_pdbx_poly_seq_scheme.asym_id 
_pdbx_poly_seq_scheme.entity_id 
_pdbx_poly_seq_scheme.seq_id 
_pdbx_poly_seq_scheme.mon_id 
_pdbx_poly_seq_scheme.ndb_seq_num 
_pdbx_poly_seq_scheme.pdb_seq_num 
_pdbx_poly_seq_scheme.auth_seq_num 
_pdbx_poly_seq_scheme.pdb_mon_id 
_pdbx_poly_seq_scheme.auth_mon_id 
_pdbx_poly_seq_scheme.pdb_strand_id 
_pdbx_poly_seq_scheme.pdb_ins_code 
_pdbx_poly_seq_scheme.hetero 
A 1 1  DG 1  1  1  DG DG A . n 
A 1 2  DC 2  2  2  DC DC A . n 
A 1 3  DT 3  3  3  DT DT A . n 
A 1 4  DG 4  4  4  DG DG A . n 
A 1 5  DC 5  5  5  DC DC A . n 
A 1 6  DG 6  6  6  DG DG A . n 
A 1 7  DT 7  7  7  DT DT A . n 
A 1 8  DT 8  8  8  DT DT A . n 
A 1 9  DA 9  9  9  DA DA A . n 
A 1 10 DA 10 10 10 DA DA A . n 
A 1 11 DC 11 11 11 DC DC A . n 
A 1 12 DG 12 12 12 DG DG A . n 
A 1 13 DC 13 13 13 DC DC A . n 
A 1 14 DA 14 14 14 DA DA A . n 
A 1 15 DG 15 15 15 DG DG A . n 
A 1 16 DC 16 16 16 DC DC A . n 
# 
_pdbx_entity_instance_feature.ordinal        1 
_pdbx_entity_instance_feature.comp_id        CA 
_pdbx_entity_instance_feature.asym_id        ? 
_pdbx_entity_instance_feature.seq_num        ? 
_pdbx_entity_instance_feature.auth_comp_id   CA 
_pdbx_entity_instance_feature.auth_asym_id   ? 
_pdbx_entity_instance_feature.auth_seq_num   ? 
_pdbx_entity_instance_feature.feature_type   'SUBJECT OF INVESTIGATION' 
_pdbx_entity_instance_feature.details        ? 
# 
loop_
_pdbx_nonpoly_scheme.asym_id 
_pdbx_nonpoly_scheme.entity_id 
_pdbx_nonpoly_scheme.mon_id 
_pdbx_nonpoly_scheme.ndb_seq_num 
_pdbx_nonpoly_scheme.pdb_seq_num 
_pdbx_nonpoly_scheme.auth_seq_num 
_pdbx_nonpoly_scheme.pdb_mon_id 
_pdbx_nonpoly_scheme.auth_mon_id 
_pdbx_nonpoly_scheme.pdb_strand_id 
_pdbx_nonpoly_scheme.pdb_ins_code 
B 2 CA  1  101 1  CA  CA  A . 
C 2 CA  1  102 2  CA  CA  A . 
D 2 CA  1  103 3  CA  CA  A . 
E 2 CA  1  104 4  CA  CA  A . 
F 2 CA  1  105 5  CA  CA  A . 
G 2 CA  1  106 6  CA  CA  A . 
H 2 CA  1  107 7  CA  CA  A . 
I 3 HOH 1  201 21 HOH HOH A . 
I 3 HOH 2  202 55 HOH HOH A . 
I 3 HOH 3  203 51 HOH HOH A . 
I 3 HOH 4  204 89 HOH HOH A . 
I 3 HOH 5  205 59 HOH HOH A . 
I 3 HOH 6  206 35 HOH HOH A . 
I 3 HOH 7  207 42 HOH HOH A . 
I 3 HOH 8  208 5  HOH HOH A . 
I 3 HOH 9  209 47 HOH HOH A . 
I 3 HOH 10 210 67 HOH HOH A . 
I 3 HOH 11 211 61 HOH HOH A . 
I 3 HOH 12 212 50 HOH HOH A . 
I 3 HOH 13 213 28 HOH HOH A . 
I 3 HOH 14 214 12 HOH HOH A . 
I 3 HOH 15 215 23 HOH HOH A . 
I 3 HOH 16 216 53 HOH HOH A . 
I 3 HOH 17 217 19 HOH HOH A . 
I 3 HOH 18 218 81 HOH HOH A . 
I 3 HOH 19 219 34 HOH HOH A . 
I 3 HOH 20 220 74 HOH HOH A . 
I 3 HOH 21 221 43 HOH HOH A . 
I 3 HOH 22 222 8  HOH HOH A . 
I 3 HOH 23 223 38 HOH HOH A . 
I 3 HOH 24 224 9  HOH HOH A . 
I 3 HOH 25 225 15 HOH HOH A . 
I 3 HOH 26 226 29 HOH HOH A . 
I 3 HOH 27 227 36 HOH HOH A . 
I 3 HOH 28 228 73 HOH HOH A . 
I 3 HOH 29 229 13 HOH HOH A . 
I 3 HOH 30 230 76 HOH HOH A . 
I 3 HOH 31 231 70 HOH HOH A . 
I 3 HOH 32 232 16 HOH HOH A . 
I 3 HOH 33 233 32 HOH HOH A . 
I 3 HOH 34 234 72 HOH HOH A . 
I 3 HOH 35 235 11 HOH HOH A . 
I 3 HOH 36 236 26 HOH HOH A . 
I 3 HOH 37 237 40 HOH HOH A . 
I 3 HOH 38 238 64 HOH HOH A . 
I 3 HOH 39 239 82 HOH HOH A . 
I 3 HOH 40 240 14 HOH HOH A . 
I 3 HOH 41 241 91 HOH HOH A . 
I 3 HOH 42 242 27 HOH HOH A . 
I 3 HOH 43 243 39 HOH HOH A . 
I 3 HOH 44 244 79 HOH HOH A . 
I 3 HOH 45 245 31 HOH HOH A . 
I 3 HOH 46 246 58 HOH HOH A . 
I 3 HOH 47 247 2  HOH HOH A . 
I 3 HOH 48 248 56 HOH HOH A . 
I 3 HOH 49 249 25 HOH HOH A . 
I 3 HOH 50 250 69 HOH HOH A . 
I 3 HOH 51 251 48 HOH HOH A . 
I 3 HOH 52 252 6  HOH HOH A . 
I 3 HOH 53 253 45 HOH HOH A . 
I 3 HOH 54 254 77 HOH HOH A . 
I 3 HOH 55 255 75 HOH HOH A . 
I 3 HOH 56 256 92 HOH HOH A . 
I 3 HOH 57 257 83 HOH HOH A . 
I 3 HOH 58 258 37 HOH HOH A . 
I 3 HOH 59 259 54 HOH HOH A . 
I 3 HOH 60 260 46 HOH HOH A . 
I 3 HOH 61 261 80 HOH HOH A . 
I 3 HOH 62 262 93 HOH HOH A . 
I 3 HOH 63 263 20 HOH HOH A . 
I 3 HOH 64 264 33 HOH HOH A . 
I 3 HOH 65 265 41 HOH HOH A . 
I 3 HOH 66 266 63 HOH HOH A . 
I 3 HOH 67 267 62 HOH HOH A . 
I 3 HOH 68 268 44 HOH HOH A . 
I 3 HOH 69 269 17 HOH HOH A . 
I 3 HOH 70 270 78 HOH HOH A . 
I 3 HOH 71 271 24 HOH HOH A . 
I 3 HOH 72 272 1  HOH HOH A . 
I 3 HOH 73 273 84 HOH HOH A . 
I 3 HOH 74 274 60 HOH HOH A . 
I 3 HOH 75 275 10 HOH HOH A . 
I 3 HOH 76 276 7  HOH HOH A . 
I 3 HOH 77 277 87 HOH HOH A . 
I 3 HOH 78 278 4  HOH HOH A . 
I 3 HOH 79 279 30 HOH HOH A . 
I 3 HOH 80 280 66 HOH HOH A . 
I 3 HOH 81 281 85 HOH HOH A . 
I 3 HOH 82 282 57 HOH HOH A . 
I 3 HOH 83 283 18 HOH HOH A . 
I 3 HOH 84 284 68 HOH HOH A . 
I 3 HOH 85 285 90 HOH HOH A . 
I 3 HOH 86 286 65 HOH HOH A . 
I 3 HOH 87 287 22 HOH HOH A . 
I 3 HOH 88 288 3  HOH HOH A . 
I 3 HOH 89 289 49 HOH HOH A . 
I 3 HOH 90 290 71 HOH HOH A . 
I 3 HOH 91 291 88 HOH HOH A . 
I 3 HOH 92 292 52 HOH HOH A . 
# 
loop_
_software.citation_id 
_software.classification 
_software.compiler_name 
_software.compiler_version 
_software.contact_author 
_software.contact_author_email 
_software.date 
_software.description 
_software.dependencies 
_software.hardware 
_software.language 
_software.location 
_software.mods 
_software.name 
_software.os 
_software.os_version 
_software.type 
_software.version 
_software.pdbx_ordinal 
? refinement       ? ? ? ? ? ? ? ? ? ? ? PHENIX  ? ? ? 1.19.2_4158 1 
? 'data reduction' ? ? ? ? ? ? ? ? ? ? ? XDS     ? ? ? .           2 
? 'data scaling'   ? ? ? ? ? ? ? ? ? ? ? Aimless ? ? ? .           3 
? phasing          ? ? ? ? ? ? ? ? ? ? ? PHASER  ? ? ? .           4 
# 
_cell.angle_alpha                  90.000 
_cell.angle_alpha_esd              ? 
_cell.angle_beta                   90.000 
_cell.angle_beta_esd               ? 
_cell.angle_gamma                  120.000 
_cell.angle_gamma_esd              ? 
_cell.entry_id                     8V4T 
_cell.details                      ? 
_cell.formula_units_Z              ? 
_cell.length_a                     38.324 
_cell.length_a_esd                 ? 
_cell.length_b                     38.324 
_cell.length_b_esd                 ? 
_cell.length_c                     163.022 
_cell.length_c_esd                 ? 
_cell.volume                       207356.910 
_cell.volume_esd                   ? 
_cell.Z_PDB                        18 
_cell.reciprocal_angle_alpha       ? 
_cell.reciprocal_angle_beta        ? 
_cell.reciprocal_angle_gamma       ? 
_cell.reciprocal_angle_alpha_esd   ? 
_cell.reciprocal_angle_beta_esd    ? 
_cell.reciprocal_angle_gamma_esd   ? 
_cell.reciprocal_length_a          ? 
_cell.reciprocal_length_b          ? 
_cell.reciprocal_length_c          ? 
_cell.reciprocal_length_a_esd      ? 
_cell.reciprocal_length_b_esd      ? 
_cell.reciprocal_length_c_esd      ? 
_cell.pdbx_unique_axis             ? 
_cell.pdbx_esd_method              ? 
# 
_symmetry.entry_id                         8V4T 
_symmetry.cell_setting                     ? 
_symmetry.Int_Tables_number                155 
_symmetry.space_group_name_Hall            
;R 3 2"
;
_symmetry.space_group_name_H-M             'H 3 2' 
_symmetry.pdbx_full_space_group_name_H-M   ? 
# 
_exptl.absorpt_coefficient_mu     ? 
_exptl.absorpt_correction_T_max   ? 
_exptl.absorpt_correction_T_min   ? 
_exptl.absorpt_correction_type    ? 
_exptl.absorpt_process_details    ? 
_exptl.entry_id                   8V4T 
_exptl.crystals_number            1 
_exptl.details                    ? 
_exptl.method                     'X-RAY DIFFRACTION' 
_exptl.method_details             ? 
# 
_exptl_crystal.colour                       ? 
_exptl_crystal.density_diffrn               ? 
_exptl_crystal.density_Matthews             2.35 
_exptl_crystal.density_method               ? 
_exptl_crystal.density_percent_sol          47.69 
_exptl_crystal.description                  ? 
_exptl_crystal.F_000                        ? 
_exptl_crystal.id                           1 
_exptl_crystal.preparation                  ? 
_exptl_crystal.size_max                     ? 
_exptl_crystal.size_mid                     ? 
_exptl_crystal.size_min                     ? 
_exptl_crystal.size_rad                     ? 
_exptl_crystal.colour_lustre                ? 
_exptl_crystal.colour_modifier              ? 
_exptl_crystal.colour_primary               ? 
_exptl_crystal.density_meas                 ? 
_exptl_crystal.density_meas_esd             ? 
_exptl_crystal.density_meas_gt              ? 
_exptl_crystal.density_meas_lt              ? 
_exptl_crystal.density_meas_temp            ? 
_exptl_crystal.density_meas_temp_esd        ? 
_exptl_crystal.density_meas_temp_gt         ? 
_exptl_crystal.density_meas_temp_lt         ? 
_exptl_crystal.pdbx_crystal_image_url       ? 
_exptl_crystal.pdbx_crystal_image_format    ? 
_exptl_crystal.pdbx_mosaicity               ? 
_exptl_crystal.pdbx_mosaicity_esd           ? 
_exptl_crystal.pdbx_mosaic_method           ? 
_exptl_crystal.pdbx_mosaic_block_size       ? 
_exptl_crystal.pdbx_mosaic_block_size_esd   ? 
# 
_exptl_crystal_grow.apparatus       ? 
_exptl_crystal_grow.atmosphere      ? 
_exptl_crystal_grow.crystal_id      1 
_exptl_crystal_grow.details         ? 
_exptl_crystal_grow.method          'VAPOR DIFFUSION, HANGING DROP' 
_exptl_crystal_grow.method_ref      ? 
_exptl_crystal_grow.pH              8.6 
_exptl_crystal_grow.pressure        ? 
_exptl_crystal_grow.pressure_esd    ? 
_exptl_crystal_grow.seeding         ? 
_exptl_crystal_grow.seeding_ref     ? 
_exptl_crystal_grow.temp_details    ? 
_exptl_crystal_grow.temp_esd        ? 
_exptl_crystal_grow.time            ? 
_exptl_crystal_grow.pdbx_details    '10mM HEPES, pH=8.6, 600mM CaCl2, 38% PEG200 mixed 1:1 with 1mM DNA duplex' 
_exptl_crystal_grow.pdbx_pH_range   ? 
_exptl_crystal_grow.temp            295 
# 
_diffrn.ambient_environment              ? 
_diffrn.ambient_temp                     100 
_diffrn.ambient_temp_details             ? 
_diffrn.ambient_temp_esd                 ? 
_diffrn.crystal_id                       1 
_diffrn.crystal_support                  ? 
_diffrn.crystal_treatment                ? 
_diffrn.details                          ? 
_diffrn.id                               1 
_diffrn.ambient_pressure                 ? 
_diffrn.ambient_pressure_esd             ? 
_diffrn.ambient_pressure_gt              ? 
_diffrn.ambient_pressure_lt              ? 
_diffrn.ambient_temp_gt                  ? 
_diffrn.ambient_temp_lt                  ? 
_diffrn.pdbx_serial_crystal_experiment   N 
# 
_diffrn_detector.details                      ? 
_diffrn_detector.detector                     PIXEL 
_diffrn_detector.diffrn_id                    1 
_diffrn_detector.type                         'DECTRIS EIGER X 16M' 
_diffrn_detector.area_resol_mean              ? 
_diffrn_detector.dtime                        ? 
_diffrn_detector.pdbx_frames_total            ? 
_diffrn_detector.pdbx_collection_time_total   ? 
_diffrn_detector.pdbx_collection_date         2023-10-15 
_diffrn_detector.pdbx_frequency               ? 
_diffrn_detector.id                           ? 
_diffrn_detector.number_of_axes               ? 
# 
_diffrn_radiation.collimation                      ? 
_diffrn_radiation.diffrn_id                        1 
_diffrn_radiation.filter_edge                      ? 
_diffrn_radiation.inhomogeneity                    ? 
_diffrn_radiation.monochromator                    'Vertical DCM' 
_diffrn_radiation.polarisn_norm                    ? 
_diffrn_radiation.polarisn_ratio                   ? 
_diffrn_radiation.probe                            ? 
_diffrn_radiation.type                             ? 
_diffrn_radiation.xray_symbol                      ? 
_diffrn_radiation.wavelength_id                    1 
_diffrn_radiation.pdbx_monochromatic_or_laue_m_l   M 
_diffrn_radiation.pdbx_wavelength_list             ? 
_diffrn_radiation.pdbx_wavelength                  ? 
_diffrn_radiation.pdbx_diffrn_protocol             'SINGLE WAVELENGTH' 
_diffrn_radiation.pdbx_analyzer                    ? 
_diffrn_radiation.pdbx_scattering_type             x-ray 
# 
_diffrn_radiation_wavelength.id           1 
_diffrn_radiation_wavelength.wavelength   0.979338 
_diffrn_radiation_wavelength.wt           1.0 
# 
_diffrn_source.current                     ? 
_diffrn_source.details                     ? 
_diffrn_source.diffrn_id                   1 
_diffrn_source.power                       ? 
_diffrn_source.size                        ? 
_diffrn_source.source                      SYNCHROTRON 
_diffrn_source.target                      ? 
_diffrn_source.type                        'NSLS-II BEAMLINE 17-ID-2' 
_diffrn_source.voltage                     ? 
_diffrn_source.take-off_angle              ? 
_diffrn_source.pdbx_wavelength_list        0.979338 
_diffrn_source.pdbx_wavelength             ? 
_diffrn_source.pdbx_synchrotron_beamline   17-ID-2 
_diffrn_source.pdbx_synchrotron_site       NSLS-II 
# 
_reflns.B_iso_Wilson_estimate                          15.97 
_reflns.entry_id                                       8V4T 
_reflns.data_reduction_details                         ? 
_reflns.data_reduction_method                          ? 
_reflns.d_resolution_high                              1.47 
_reflns.d_resolution_low                               25.74 
_reflns.details                                        ? 
_reflns.limit_h_max                                    ? 
_reflns.limit_h_min                                    ? 
_reflns.limit_k_max                                    ? 
_reflns.limit_k_min                                    ? 
_reflns.limit_l_max                                    ? 
_reflns.limit_l_min                                    ? 
_reflns.number_all                                     ? 
_reflns.number_obs                                     8251 
_reflns.observed_criterion                             ? 
_reflns.observed_criterion_F_max                       ? 
_reflns.observed_criterion_F_min                       ? 
_reflns.observed_criterion_I_max                       ? 
_reflns.observed_criterion_I_min                       ? 
_reflns.observed_criterion_sigma_F                     ? 
_reflns.observed_criterion_sigma_I                     ? 
_reflns.percent_possible_obs                           99.56 
_reflns.R_free_details                                 ? 
_reflns.Rmerge_F_all                                   ? 
_reflns.Rmerge_F_obs                                   ? 
_reflns.Friedel_coverage                               ? 
_reflns.number_gt                                      ? 
_reflns.threshold_expression                           ? 
_reflns.pdbx_redundancy                                10.7 
_reflns.pdbx_netI_over_av_sigmaI                       ? 
_reflns.pdbx_netI_over_sigmaI                          23.58 
_reflns.pdbx_res_netI_over_av_sigmaI_2                 ? 
_reflns.pdbx_res_netI_over_sigmaI_2                    ? 
_reflns.pdbx_chi_squared                               ? 
_reflns.pdbx_scaling_rejects                           ? 
_reflns.pdbx_d_res_high_opt                            ? 
_reflns.pdbx_d_res_low_opt                             ? 
_reflns.pdbx_d_res_opt_method                          ? 
_reflns.phase_calculation_details                      ? 
_reflns.pdbx_Rrim_I_all                                0.05689 
_reflns.pdbx_Rpim_I_all                                ? 
_reflns.pdbx_d_opt                                     ? 
_reflns.pdbx_number_measured_all                       ? 
_reflns.pdbx_diffrn_id                                 1 
_reflns.pdbx_ordinal                                   1 
_reflns.pdbx_CC_half                                   0.999 
_reflns.pdbx_CC_star                                   1 
_reflns.pdbx_R_split                                   ? 
_reflns.pdbx_Rmerge_I_obs                              0.05398 
_reflns.pdbx_Rmerge_I_all                              ? 
_reflns.pdbx_Rsym_value                                0.01765 
_reflns.pdbx_CC_split_method                           ? 
_reflns.pdbx_aniso_diffraction_limit_axis_1_ortho[1]   ? 
_reflns.pdbx_aniso_diffraction_limit_axis_1_ortho[2]   ? 
_reflns.pdbx_aniso_diffraction_limit_axis_1_ortho[3]   ? 
_reflns.pdbx_aniso_diffraction_limit_axis_2_ortho[1]   ? 
_reflns.pdbx_aniso_diffraction_limit_axis_2_ortho[2]   ? 
_reflns.pdbx_aniso_diffraction_limit_axis_2_ortho[3]   ? 
_reflns.pdbx_aniso_diffraction_limit_axis_3_ortho[1]   ? 
_reflns.pdbx_aniso_diffraction_limit_axis_3_ortho[2]   ? 
_reflns.pdbx_aniso_diffraction_limit_axis_3_ortho[3]   ? 
_reflns.pdbx_aniso_diffraction_limit_1                 ? 
_reflns.pdbx_aniso_diffraction_limit_2                 ? 
_reflns.pdbx_aniso_diffraction_limit_3                 ? 
_reflns.pdbx_aniso_B_tensor_eigenvector_1_ortho[1]     ? 
_reflns.pdbx_aniso_B_tensor_eigenvector_1_ortho[2]     ? 
_reflns.pdbx_aniso_B_tensor_eigenvector_1_ortho[3]     ? 
_reflns.pdbx_aniso_B_tensor_eigenvector_2_ortho[1]     ? 
_reflns.pdbx_aniso_B_tensor_eigenvector_2_ortho[2]     ? 
_reflns.pdbx_aniso_B_tensor_eigenvector_2_ortho[3]     ? 
_reflns.pdbx_aniso_B_tensor_eigenvector_3_ortho[1]     ? 
_reflns.pdbx_aniso_B_tensor_eigenvector_3_ortho[2]     ? 
_reflns.pdbx_aniso_B_tensor_eigenvector_3_ortho[3]     ? 
_reflns.pdbx_aniso_B_tensor_eigenvalue_1               ? 
_reflns.pdbx_aniso_B_tensor_eigenvalue_2               ? 
_reflns.pdbx_aniso_B_tensor_eigenvalue_3               ? 
_reflns.pdbx_orthogonalization_convention              ? 
_reflns.pdbx_percent_possible_ellipsoidal              ? 
_reflns.pdbx_percent_possible_spherical                ? 
_reflns.pdbx_percent_possible_ellipsoidal_anomalous    ? 
_reflns.pdbx_percent_possible_spherical_anomalous      ? 
_reflns.pdbx_redundancy_anomalous                      ? 
_reflns.pdbx_CC_half_anomalous                         ? 
_reflns.pdbx_absDiff_over_sigma_anomalous              ? 
_reflns.pdbx_percent_possible_anomalous                ? 
_reflns.pdbx_observed_signal_threshold                 ? 
_reflns.pdbx_signal_type                               ? 
_reflns.pdbx_signal_details                            ? 
_reflns.pdbx_signal_software_id                        ? 
# 
_reflns_shell.d_res_high                                    1.47 
_reflns_shell.d_res_low                                     1.523 
_reflns_shell.meanI_over_sigI_all                           ? 
_reflns_shell.meanI_over_sigI_obs                           4.52 
_reflns_shell.number_measured_all                           ? 
_reflns_shell.number_measured_obs                           ? 
_reflns_shell.number_possible                               ? 
_reflns_shell.number_unique_all                             ? 
_reflns_shell.number_unique_obs                             802 
_reflns_shell.percent_possible_obs                          ? 
_reflns_shell.Rmerge_F_all                                  ? 
_reflns_shell.Rmerge_F_obs                                  ? 
_reflns_shell.meanI_over_sigI_gt                            ? 
_reflns_shell.meanI_over_uI_all                             ? 
_reflns_shell.meanI_over_uI_gt                              ? 
_reflns_shell.number_measured_gt                            ? 
_reflns_shell.number_unique_gt                              ? 
_reflns_shell.percent_possible_gt                           ? 
_reflns_shell.Rmerge_F_gt                                   ? 
_reflns_shell.Rmerge_I_gt                                   ? 
_reflns_shell.pdbx_redundancy                               10.6 
_reflns_shell.pdbx_chi_squared                              ? 
_reflns_shell.pdbx_netI_over_sigmaI_all                     ? 
_reflns_shell.pdbx_netI_over_sigmaI_obs                     ? 
_reflns_shell.pdbx_Rrim_I_all                               0.5237 
_reflns_shell.pdbx_Rpim_I_all                               0.1595 
_reflns_shell.pdbx_rejects                                  ? 
_reflns_shell.pdbx_ordinal                                  1 
_reflns_shell.pdbx_diffrn_id                                1 
_reflns_shell.pdbx_CC_half                                  0.936 
_reflns_shell.pdbx_CC_star                                  0.983 
_reflns_shell.pdbx_R_split                                  ? 
_reflns_shell.percent_possible_all                          100 
_reflns_shell.Rmerge_I_all                                  ? 
_reflns_shell.Rmerge_I_obs                                  0.4983 
_reflns_shell.pdbx_Rsym_value                               ? 
_reflns_shell.pdbx_percent_possible_ellipsoidal             ? 
_reflns_shell.pdbx_percent_possible_spherical               ? 
_reflns_shell.pdbx_percent_possible_ellipsoidal_anomalous   ? 
_reflns_shell.pdbx_percent_possible_spherical_anomalous     ? 
_reflns_shell.pdbx_redundancy_anomalous                     ? 
_reflns_shell.pdbx_CC_half_anomalous                        ? 
_reflns_shell.pdbx_absDiff_over_sigma_anomalous             ? 
_reflns_shell.pdbx_percent_possible_anomalous               ? 
# 
_refine.aniso_B[1][1]                            ? 
_refine.aniso_B[1][2]                            ? 
_refine.aniso_B[1][3]                            ? 
_refine.aniso_B[2][2]                            ? 
_refine.aniso_B[2][3]                            ? 
_refine.aniso_B[3][3]                            ? 
_refine.B_iso_max                                ? 
_refine.B_iso_mean                               23.67 
_refine.B_iso_min                                ? 
_refine.correlation_coeff_Fo_to_Fc               ? 
_refine.correlation_coeff_Fo_to_Fc_free          ? 
_refine.details                                  ? 
_refine.diff_density_max                         ? 
_refine.diff_density_max_esd                     ? 
_refine.diff_density_min                         ? 
_refine.diff_density_min_esd                     ? 
_refine.diff_density_rms                         ? 
_refine.diff_density_rms_esd                     ? 
_refine.entry_id                                 8V4T 
_refine.pdbx_refine_id                           'X-RAY DIFFRACTION' 
_refine.ls_abs_structure_details                 ? 
_refine.ls_abs_structure_Flack                   ? 
_refine.ls_abs_structure_Flack_esd               ? 
_refine.ls_abs_structure_Rogers                  ? 
_refine.ls_abs_structure_Rogers_esd              ? 
_refine.ls_d_res_high                            1.47 
_refine.ls_d_res_low                             25.74 
_refine.ls_extinction_coef                       ? 
_refine.ls_extinction_coef_esd                   ? 
_refine.ls_extinction_expression                 ? 
_refine.ls_extinction_method                     ? 
_refine.ls_goodness_of_fit_all                   ? 
_refine.ls_goodness_of_fit_all_esd               ? 
_refine.ls_goodness_of_fit_obs                   ? 
_refine.ls_goodness_of_fit_obs_esd               ? 
_refine.ls_hydrogen_treatment                    ? 
_refine.ls_matrix_type                           ? 
_refine.ls_number_constraints                    ? 
_refine.ls_number_parameters                     ? 
_refine.ls_number_reflns_all                     ? 
_refine.ls_number_reflns_obs                     8226 
_refine.ls_number_reflns_R_free                  820 
_refine.ls_number_reflns_R_work                  7406 
_refine.ls_number_restraints                     ? 
_refine.ls_percent_reflns_obs                    99.61 
_refine.ls_percent_reflns_R_free                 9.97 
_refine.ls_R_factor_all                          ? 
_refine.ls_R_factor_obs                          0.1968 
_refine.ls_R_factor_R_free                       0.2107 
_refine.ls_R_factor_R_free_error                 ? 
_refine.ls_R_factor_R_free_error_details         ? 
_refine.ls_R_factor_R_work                       0.1953 
_refine.ls_R_Fsqd_factor_obs                     ? 
_refine.ls_R_I_factor_obs                        ? 
_refine.ls_redundancy_reflns_all                 ? 
_refine.ls_redundancy_reflns_obs                 ? 
_refine.ls_restrained_S_all                      ? 
_refine.ls_restrained_S_obs                      ? 
_refine.ls_shift_over_esd_max                    ? 
_refine.ls_shift_over_esd_mean                   ? 
_refine.ls_structure_factor_coef                 ? 
_refine.ls_weighting_details                     ? 
_refine.ls_weighting_scheme                      ? 
_refine.ls_wR_factor_all                         ? 
_refine.ls_wR_factor_obs                         ? 
_refine.ls_wR_factor_R_free                      ? 
_refine.ls_wR_factor_R_work                      ? 
_refine.occupancy_max                            ? 
_refine.occupancy_min                            ? 
_refine.solvent_model_details                    'FLAT BULK SOLVENT MODEL' 
_refine.solvent_model_param_bsol                 ? 
_refine.solvent_model_param_ksol                 ? 
_refine.pdbx_R_complete                          ? 
_refine.ls_R_factor_gt                           ? 
_refine.ls_goodness_of_fit_gt                    ? 
_refine.ls_goodness_of_fit_ref                   ? 
_refine.ls_shift_over_su_max                     ? 
_refine.ls_shift_over_su_max_lt                  ? 
_refine.ls_shift_over_su_mean                    ? 
_refine.ls_shift_over_su_mean_lt                 ? 
_refine.pdbx_ls_sigma_I                          ? 
_refine.pdbx_ls_sigma_F                          1.34 
_refine.pdbx_ls_sigma_Fsqd                       ? 
_refine.pdbx_data_cutoff_high_absF               ? 
_refine.pdbx_data_cutoff_high_rms_absF           ? 
_refine.pdbx_data_cutoff_low_absF                ? 
_refine.pdbx_isotropic_thermal_model             ? 
_refine.pdbx_ls_cross_valid_method               'FREE R-VALUE' 
_refine.pdbx_method_to_determine_struct          'MOLECULAR REPLACEMENT' 
_refine.pdbx_starting_model                      ? 
_refine.pdbx_stereochemistry_target_values       'GeoStd + Monomer Library + CDL v1.2' 
_refine.pdbx_R_Free_selection_details            ? 
_refine.pdbx_stereochem_target_val_spec_case     ? 
_refine.pdbx_overall_ESU_R                       ? 
_refine.pdbx_overall_ESU_R_Free                  ? 
_refine.pdbx_solvent_vdw_probe_radii             1.1100 
_refine.pdbx_solvent_ion_probe_radii             ? 
_refine.pdbx_solvent_shrinkage_radii             0.9000 
_refine.pdbx_real_space_R                        ? 
_refine.pdbx_density_correlation                 ? 
_refine.pdbx_pd_number_of_powder_patterns        ? 
_refine.pdbx_pd_number_of_points                 ? 
_refine.pdbx_pd_meas_number_of_points            ? 
_refine.pdbx_pd_proc_ls_prof_R_factor            ? 
_refine.pdbx_pd_proc_ls_prof_wR_factor           ? 
_refine.pdbx_pd_Marquardt_correlation_coeff      ? 
_refine.pdbx_pd_Fsqrd_R_factor                   ? 
_refine.pdbx_pd_ls_matrix_band_width             ? 
_refine.pdbx_overall_phase_error                 22.6658 
_refine.pdbx_overall_SU_R_free_Cruickshank_DPI   ? 
_refine.pdbx_overall_SU_R_free_Blow_DPI          ? 
_refine.pdbx_overall_SU_R_Blow_DPI               ? 
_refine.pdbx_TLS_residual_ADP_flag               ? 
_refine.pdbx_diffrn_id                           1 
_refine.overall_SU_B                             ? 
_refine.overall_SU_ML                            0.1709 
_refine.overall_SU_R_Cruickshank_DPI             ? 
_refine.overall_SU_R_free                        ? 
_refine.overall_FOM_free_R_set                   ? 
_refine.overall_FOM_work_R_set                   ? 
_refine.pdbx_average_fsc_overall                 ? 
_refine.pdbx_average_fsc_work                    ? 
_refine.pdbx_average_fsc_free                    ? 
# 
_refine_hist.pdbx_refine_id                   'X-RAY DIFFRACTION' 
_refine_hist.cycle_id                         LAST 
_refine_hist.details                          ? 
_refine_hist.d_res_high                       1.47 
_refine_hist.d_res_low                        25.74 
_refine_hist.number_atoms_solvent             92 
_refine_hist.number_atoms_total               424 
_refine_hist.number_reflns_all                ? 
_refine_hist.number_reflns_obs                ? 
_refine_hist.number_reflns_R_free             ? 
_refine_hist.number_reflns_R_work             ? 
_refine_hist.R_factor_all                     ? 
_refine_hist.R_factor_obs                     ? 
_refine_hist.R_factor_R_free                  ? 
_refine_hist.R_factor_R_work                  ? 
_refine_hist.pdbx_number_residues_total       ? 
_refine_hist.pdbx_B_iso_mean_ligand           ? 
_refine_hist.pdbx_B_iso_mean_solvent          ? 
_refine_hist.pdbx_number_atoms_protein        0 
_refine_hist.pdbx_number_atoms_nucleic_acid   325 
_refine_hist.pdbx_number_atoms_ligand         7 
_refine_hist.pdbx_number_atoms_lipid          ? 
_refine_hist.pdbx_number_atoms_carb           ? 
_refine_hist.pdbx_pseudo_atom_details         ? 
# 
loop_
_refine_ls_restr.pdbx_refine_id 
_refine_ls_restr.criterion 
_refine_ls_restr.dev_ideal 
_refine_ls_restr.dev_ideal_target 
_refine_ls_restr.number 
_refine_ls_restr.rejects 
_refine_ls_restr.type 
_refine_ls_restr.weight 
_refine_ls_restr.pdbx_restraint_function 
'X-RAY DIFFRACTION' ? 0.0130  ? 364 ? f_bond_d           ? ? 
'X-RAY DIFFRACTION' ? 1.5030  ? 560 ? f_angle_d          ? ? 
'X-RAY DIFFRACTION' ? 0.0799  ? 63  ? f_chiral_restr     ? ? 
'X-RAY DIFFRACTION' ? 0.0180  ? 16  ? f_plane_restr      ? ? 
'X-RAY DIFFRACTION' ? 34.6666 ? 156 ? f_dihedral_angle_d ? ? 
# 
loop_
_refine_ls_shell.pdbx_refine_id 
_refine_ls_shell.d_res_high 
_refine_ls_shell.d_res_low 
_refine_ls_shell.number_reflns_all 
_refine_ls_shell.number_reflns_obs 
_refine_ls_shell.number_reflns_R_free 
_refine_ls_shell.number_reflns_R_work 
_refine_ls_shell.percent_reflns_obs 
_refine_ls_shell.percent_reflns_R_free 
_refine_ls_shell.R_factor_all 
_refine_ls_shell.R_factor_obs 
_refine_ls_shell.R_factor_R_free_error 
_refine_ls_shell.R_factor_R_work 
_refine_ls_shell.redundancy_reflns_all 
_refine_ls_shell.redundancy_reflns_obs 
_refine_ls_shell.wR_factor_all 
_refine_ls_shell.wR_factor_obs 
_refine_ls_shell.wR_factor_R_free 
_refine_ls_shell.wR_factor_R_work 
_refine_ls_shell.pdbx_R_complete 
_refine_ls_shell.pdbx_total_number_of_bins_used 
_refine_ls_shell.pdbx_phase_error 
_refine_ls_shell.pdbx_fsc_work 
_refine_ls_shell.pdbx_fsc_free 
_refine_ls_shell.R_factor_R_free 
'X-RAY DIFFRACTION' 1.47 1.56  . . 134 1203 100.00 . . . . 0.2522 . . . . . . . . . . . 0.2667 
'X-RAY DIFFRACTION' 1.56 1.68  . . 133 1204 99.18  . . . . 0.2095 . . . . . . . . . . . 0.2471 
'X-RAY DIFFRACTION' 1.68 1.85  . . 131 1208 98.97  . . . . 0.1958 . . . . . . . . . . . 0.2336 
'X-RAY DIFFRACTION' 1.85 2.12  . . 137 1233 100.00 . . . . 0.2048 . . . . . . . . . . . 0.2500 
'X-RAY DIFFRACTION' 2.12 2.67  . . 138 1242 100.00 . . . . 0.2055 . . . . . . . . . . . 0.2253 
'X-RAY DIFFRACTION' 2.67 25.74 . . 147 1316 99.52  . . . . 0.1795 . . . . . . . . . . . 0.1791 
# 
_struct.entry_id                     8V4T 
_struct.title                        
;The Native DNA 16-mer sequence 5'-GCTGCGTTAACGCAGC-3
;
_struct.pdbx_model_details           ? 
_struct.pdbx_formula_weight          ? 
_struct.pdbx_formula_weight_method   ? 
_struct.pdbx_model_type_details      ? 
_struct.pdbx_CASP_flag               N 
# 
_struct_keywords.entry_id        8V4T 
_struct_keywords.text            'DNA duplex, DNA, 16-mer, Self-complementary' 
_struct_keywords.pdbx_keywords   DNA 
# 
loop_
_struct_asym.id 
_struct_asym.pdbx_blank_PDB_chainid_flag 
_struct_asym.pdbx_modified 
_struct_asym.entity_id 
_struct_asym.details 
A N N 1 ? 
B N N 2 ? 
C N N 2 ? 
D N N 2 ? 
E N N 2 ? 
F N N 2 ? 
G N N 2 ? 
H N N 2 ? 
I N N 3 ? 
# 
_struct_ref.id                         1 
_struct_ref.db_name                    PDB 
_struct_ref.db_code                    8V4T 
_struct_ref.pdbx_db_accession          8V4T 
_struct_ref.pdbx_db_isoform            ? 
_struct_ref.entity_id                  1 
_struct_ref.pdbx_seq_one_letter_code   ? 
_struct_ref.pdbx_align_begin           1 
# 
_struct_ref_seq.align_id                      1 
_struct_ref_seq.ref_id                        1 
_struct_ref_seq.pdbx_PDB_id_code              8V4T 
_struct_ref_seq.pdbx_strand_id                A 
_struct_ref_seq.seq_align_beg                 1 
_struct_ref_seq.pdbx_seq_align_beg_ins_code   ? 
_struct_ref_seq.seq_align_end                 16 
_struct_ref_seq.pdbx_seq_align_end_ins_code   ? 
_struct_ref_seq.pdbx_db_accession             8V4T 
_struct_ref_seq.db_align_beg                  1 
_struct_ref_seq.pdbx_db_align_beg_ins_code    ? 
_struct_ref_seq.db_align_end                  16 
_struct_ref_seq.pdbx_db_align_end_ins_code    ? 
_struct_ref_seq.pdbx_auth_seq_align_beg       1 
_struct_ref_seq.pdbx_auth_seq_align_end       16 
# 
_pdbx_struct_assembly.id                   1 
_pdbx_struct_assembly.details              author_and_software_defined_assembly 
_pdbx_struct_assembly.method_details       PISA 
_pdbx_struct_assembly.oligomeric_details   dimeric 
_pdbx_struct_assembly.oligomeric_count     2 
# 
loop_
_pdbx_struct_assembly_prop.biol_id 
_pdbx_struct_assembly_prop.type 
_pdbx_struct_assembly_prop.value 
_pdbx_struct_assembly_prop.details 
1 'ABSA (A^2)' 1840 ? 
1 MORE         -41  ? 
1 'SSA (A^2)'  6080 ? 
# 
_pdbx_struct_assembly_gen.assembly_id       1 
_pdbx_struct_assembly_gen.oper_expression   1,2 
_pdbx_struct_assembly_gen.asym_id_list      A,B,C,D,E,F,G,H,I 
# 
_pdbx_struct_assembly_auth_evidence.id                     1 
_pdbx_struct_assembly_auth_evidence.assembly_id            1 
_pdbx_struct_assembly_auth_evidence.experimental_support   none 
_pdbx_struct_assembly_auth_evidence.details                ? 
# 
loop_
_pdbx_struct_oper_list.id 
_pdbx_struct_oper_list.type 
_pdbx_struct_oper_list.name 
_pdbx_struct_oper_list.symmetry_operation 
_pdbx_struct_oper_list.matrix[1][1] 
_pdbx_struct_oper_list.matrix[1][2] 
_pdbx_struct_oper_list.matrix[1][3] 
_pdbx_struct_oper_list.vector[1] 
_pdbx_struct_oper_list.matrix[2][1] 
_pdbx_struct_oper_list.matrix[2][2] 
_pdbx_struct_oper_list.matrix[2][3] 
_pdbx_struct_oper_list.vector[2] 
_pdbx_struct_oper_list.matrix[3][1] 
_pdbx_struct_oper_list.matrix[3][2] 
_pdbx_struct_oper_list.matrix[3][3] 
_pdbx_struct_oper_list.vector[3] 
1 'identity operation'         1_555  x,y,z                 1.0000000000 0.0000000000 0.0000000000  0.0000000000 0.0000000000 1.0000000000  0.0000000000  0.0000000000  0.0000000000  0.0000000000  1.0000000000  0.0000000000  
2 'crystal symmetry operation' 17_435 x-y-2/3,-y-4/3,-z+2/3 0.4721864087 0.7826023566 -0.4056766532 0.2803668140 0.7826023566 -0.5839749336 -0.2156544191 -1.6619757608 -0.4056766532 -0.2156544191 -0.8882114751 -2.1887232774 
# 
loop_
_struct_conn.id 
_struct_conn.conn_type_id 
_struct_conn.pdbx_leaving_atom_flag 
_struct_conn.pdbx_PDB_id 
_struct_conn.ptnr1_label_asym_id 
_struct_conn.ptnr1_label_comp_id 
_struct_conn.ptnr1_label_seq_id 
_struct_conn.ptnr1_label_atom_id 
_struct_conn.pdbx_ptnr1_label_alt_id 
_struct_conn.pdbx_ptnr1_PDB_ins_code 
_struct_conn.pdbx_ptnr1_standard_comp_id 
_struct_conn.ptnr1_symmetry 
_struct_conn.ptnr2_label_asym_id 
_struct_conn.ptnr2_label_comp_id 
_struct_conn.ptnr2_label_seq_id 
_struct_conn.ptnr2_label_atom_id 
_struct_conn.pdbx_ptnr2_label_alt_id 
_struct_conn.pdbx_ptnr2_PDB_ins_code 
_struct_conn.ptnr1_auth_asym_id 
_struct_conn.ptnr1_auth_comp_id 
_struct_conn.ptnr1_auth_seq_id 
_struct_conn.ptnr2_auth_asym_id 
_struct_conn.ptnr2_auth_comp_id 
_struct_conn.ptnr2_auth_seq_id 
_struct_conn.ptnr2_symmetry 
_struct_conn.pdbx_ptnr3_label_atom_id 
_struct_conn.pdbx_ptnr3_label_seq_id 
_struct_conn.pdbx_ptnr3_label_comp_id 
_struct_conn.pdbx_ptnr3_label_asym_id 
_struct_conn.pdbx_ptnr3_label_alt_id 
_struct_conn.pdbx_ptnr3_PDB_ins_code 
_struct_conn.details 
_struct_conn.pdbx_dist_value 
_struct_conn.pdbx_value_order 
_struct_conn.pdbx_role 
metalc1  metalc ? ? A DC 2  OP1 ? ? ? 1_555 B CA  .  CA ? ? A DC 2   A CA  101 1_555  ? ? ? ? ? ? ?            2.326 ? ? 
metalc2  metalc ? ? A DC 2  OP1 ? ? ? 1_555 B CA  .  CA ? ? A DC 2   A CA  101 2_455  ? ? ? ? ? ? ?            2.327 ? ? 
metalc3  metalc ? ? A DG 6  OP1 ? ? ? 1_555 D CA  .  CA ? ? A DG 6   A CA  103 1_555  ? ? ? ? ? ? ?            2.429 ? ? 
metalc4  metalc ? ? A DG 6  OP1 ? ? ? 1_555 D CA  .  CA ? ? A DG 6   A CA  103 3_545  ? ? ? ? ? ? ?            2.292 ? ? 
metalc5  metalc ? ? A DG 6  OP2 ? ? ? 1_555 E CA  .  CA ? ? A DG 6   A CA  104 1_555  ? ? ? ? ? ? ?            2.345 ? ? 
metalc6  metalc ? ? A DG 6  OP2 ? ? ? 1_555 E CA  .  CA ? ? A DG 6   A CA  104 3_545  ? ? ? ? ? ? ?            2.325 ? ? 
metalc7  metalc ? ? A DT 7  OP1 ? ? ? 1_555 H CA  .  CA ? ? A DT 7   A CA  107 1_555  ? ? ? ? ? ? ?            3.123 ? ? 
metalc8  metalc ? ? A DG 15 OP1 ? ? ? 1_555 C CA  .  CA ? ? A DG 15  A CA  102 18_445 ? ? ? ? ? ? ?            2.331 ? ? 
metalc9  metalc ? ? A DC 16 OP1 ? ? ? 1_555 G CA  .  CA ? ? A DC 16  A CA  106 1_555  ? ? ? ? ? ? ?            2.264 ? ? 
metalc10 metalc ? ? A DC 16 OP1 ? ? ? 1_555 G CA  .  CA ? ? A DC 16  A CA  106 3_545  ? ? ? ? ? ? ?            2.223 ? ? 
metalc11 metalc ? ? B CA .  CA  ? ? ? 1_555 I HOH .  O  ? ? A CA 101 A HOH 278 1_555  ? ? ? ? ? ? ?            2.371 ? ? 
metalc12 metalc ? ? B CA .  CA  ? ? ? 1_555 I HOH .  O  ? ? A CA 101 A HOH 278 2_455  ? ? ? ? ? ? ?            2.323 ? ? 
metalc13 metalc ? ? C CA .  CA  ? ? ? 1_555 I HOH .  O  ? ? A CA 102 A HOH 208 1_555  ? ? ? ? ? ? ?            2.281 ? ? 
metalc14 metalc ? ? C CA .  CA  ? ? ? 1_555 I HOH .  O  ? ? A CA 102 A HOH 258 1_555  ? ? ? ? ? ? ?            2.543 ? ? 
metalc15 metalc ? ? C CA .  CA  ? ? ? 1_555 I HOH .  O  ? ? A CA 102 A HOH 272 1_555  ? ? ? ? ? ? ?            2.322 ? ? 
metalc16 metalc ? ? C CA .  CA  ? ? ? 1_555 I HOH .  O  ? ? A CA 102 A HOH 283 1_555  ? ? ? ? ? ? ?            2.961 ? ? 
metalc17 metalc ? ? C CA .  CA  ? ? ? 1_555 I HOH .  O  ? ? A CA 102 A HOH 287 1_555  ? ? ? ? ? ? ?            2.400 ? ? 
metalc18 metalc ? ? C CA .  CA  ? ? ? 1_555 I HOH .  O  ? ? A CA 102 A HOH 288 1_555  ? ? ? ? ? ? ?            2.481 ? ? 
metalc19 metalc ? ? D CA .  CA  ? ? ? 1_555 I HOH .  O  ? ? A CA 103 A HOH 276 1_555  ? ? ? ? ? ? ?            2.263 ? ? 
metalc20 metalc ? ? D CA .  CA  ? ? ? 1_555 I HOH .  O  ? ? A CA 103 A HOH 276 3_545  ? ? ? ? ? ? ?            2.373 ? ? 
metalc21 metalc ? ? E CA .  CA  ? ? ? 1_555 I HOH .  O  ? ? A CA 104 A HOH 252 1_555  ? ? ? ? ? ? ?            2.342 ? ? 
metalc22 metalc ? ? E CA .  CA  ? ? ? 1_555 I HOH .  O  ? ? A CA 104 A HOH 252 2_445  ? ? ? ? ? ? ?            2.333 ? ? 
metalc23 metalc ? ? F CA .  CA  ? ? ? 1_555 I HOH .  O  ? ? A CA 105 A HOH 235 1_555  ? ? ? ? ? ? ?            2.448 ? ? 
metalc24 metalc ? ? F CA .  CA  ? ? ? 1_555 I HOH .  O  ? ? A CA 105 A HOH 240 1_555  ? ? ? ? ? ? ?            2.336 ? ? 
metalc25 metalc ? ? F CA .  CA  ? ? ? 1_555 I HOH .  O  ? ? A CA 105 A HOH 256 17_435 ? ? ? ? ? ? ?            2.345 ? ? 
metalc26 metalc ? ? F CA .  CA  ? ? ? 1_555 I HOH .  O  ? ? A CA 105 A HOH 263 1_555  ? ? ? ? ? ? ?            2.405 ? ? 
metalc27 metalc ? ? F CA .  CA  ? ? ? 1_555 I HOH .  O  ? ? A CA 105 A HOH 264 1_555  ? ? ? ? ? ? ?            2.609 ? ? 
metalc28 metalc ? ? F CA .  CA  ? ? ? 1_555 I HOH .  O  ? ? A CA 105 A HOH 269 1_555  ? ? ? ? ? ? ?            2.411 ? ? 
metalc29 metalc ? ? F CA .  CA  ? ? ? 1_555 I HOH .  O  ? ? A CA 105 A HOH 289 1_555  ? ? ? ? ? ? ?            2.471 ? ? 
metalc30 metalc ? ? G CA .  CA  ? ? ? 1_555 I HOH .  O  ? ? A CA 106 A HOH 247 1_555  ? ? ? ? ? ? ?            2.349 ? ? 
metalc31 metalc ? ? G CA .  CA  ? ? ? 1_555 I HOH .  O  ? ? A CA 106 A HOH 247 2_445  ? ? ? ? ? ? ?            2.231 ? ? 
metalc32 metalc ? ? H CA .  CA  ? ? ? 1_555 I HOH .  O  ? ? A CA 107 A HOH 245 1_555  ? ? ? ? ? ? ?            2.300 ? ? 
metalc33 metalc ? ? H CA .  CA  ? ? ? 1_555 I HOH .  O  ? ? A CA 107 A HOH 253 1_555  ? ? ? ? ? ? ?            2.387 ? ? 
metalc34 metalc ? ? H CA .  CA  ? ? ? 1_555 I HOH .  O  ? ? A CA 107 A HOH 275 1_555  ? ? ? ? ? ? ?            2.345 ? ? 
hydrog1  hydrog ? ? A DG 1  N1  ? ? ? 1_555 A DC  16 N3 ? ? A DG 1   A DC  16  17_435 ? ? ? ? ? ? WATSON-CRICK ?     ? ? 
hydrog2  hydrog ? ? A DG 1  N2  ? ? ? 1_555 A DC  16 O2 ? ? A DG 1   A DC  16  17_435 ? ? ? ? ? ? WATSON-CRICK ?     ? ? 
hydrog3  hydrog ? ? A DG 1  O6  ? ? ? 1_555 A DC  16 N4 ? ? A DG 1   A DC  16  17_435 ? ? ? ? ? ? WATSON-CRICK ?     ? ? 
hydrog4  hydrog ? ? A DC 2  N3  ? ? ? 1_555 A DG  15 N1 ? ? A DC 2   A DG  15  17_435 ? ? ? ? ? ? WATSON-CRICK ?     ? ? 
hydrog5  hydrog ? ? A DC 2  N4  ? ? ? 1_555 A DG  15 O6 ? ? A DC 2   A DG  15  17_435 ? ? ? ? ? ? WATSON-CRICK ?     ? ? 
hydrog6  hydrog ? ? A DC 2  O2  ? ? ? 1_555 A DG  15 N2 ? ? A DC 2   A DG  15  17_435 ? ? ? ? ? ? WATSON-CRICK ?     ? ? 
hydrog7  hydrog ? ? A DT 3  N3  ? ? ? 1_555 A DA  14 N1 ? ? A DT 3   A DA  14  17_435 ? ? ? ? ? ? WATSON-CRICK ?     ? ? 
hydrog8  hydrog ? ? A DT 3  O4  ? ? ? 1_555 A DA  14 N6 ? ? A DT 3   A DA  14  17_435 ? ? ? ? ? ? WATSON-CRICK ?     ? ? 
hydrog9  hydrog ? ? A DG 4  N1  ? ? ? 1_555 A DC  13 N3 ? ? A DG 4   A DC  13  17_435 ? ? ? ? ? ? WATSON-CRICK ?     ? ? 
hydrog10 hydrog ? ? A DG 4  N2  ? ? ? 1_555 A DC  13 O2 ? ? A DG 4   A DC  13  17_435 ? ? ? ? ? ? WATSON-CRICK ?     ? ? 
hydrog11 hydrog ? ? A DG 4  O6  ? ? ? 1_555 A DC  13 N4 ? ? A DG 4   A DC  13  17_435 ? ? ? ? ? ? WATSON-CRICK ?     ? ? 
hydrog12 hydrog ? ? A DC 5  N3  ? ? ? 1_555 A DG  12 N1 ? ? A DC 5   A DG  12  17_435 ? ? ? ? ? ? WATSON-CRICK ?     ? ? 
hydrog13 hydrog ? ? A DC 5  N4  ? ? ? 1_555 A DG  12 O6 ? ? A DC 5   A DG  12  17_435 ? ? ? ? ? ? WATSON-CRICK ?     ? ? 
hydrog14 hydrog ? ? A DC 5  O2  ? ? ? 1_555 A DG  12 N2 ? ? A DC 5   A DG  12  17_435 ? ? ? ? ? ? WATSON-CRICK ?     ? ? 
hydrog15 hydrog ? ? A DG 6  N1  ? ? ? 1_555 A DC  11 N3 ? ? A DG 6   A DC  11  17_435 ? ? ? ? ? ? WATSON-CRICK ?     ? ? 
hydrog16 hydrog ? ? A DG 6  N2  ? ? ? 1_555 A DC  11 O2 ? ? A DG 6   A DC  11  17_435 ? ? ? ? ? ? WATSON-CRICK ?     ? ? 
hydrog17 hydrog ? ? A DG 6  O6  ? ? ? 1_555 A DC  11 N4 ? ? A DG 6   A DC  11  17_435 ? ? ? ? ? ? WATSON-CRICK ?     ? ? 
hydrog18 hydrog ? ? A DT 7  N3  ? ? ? 1_555 A DA  10 N1 ? ? A DT 7   A DA  10  17_435 ? ? ? ? ? ? WATSON-CRICK ?     ? ? 
hydrog19 hydrog ? ? A DT 7  O4  ? ? ? 1_555 A DA  10 N6 ? ? A DT 7   A DA  10  17_435 ? ? ? ? ? ? WATSON-CRICK ?     ? ? 
hydrog20 hydrog ? ? A DT 8  N3  ? ? ? 1_555 A DA  9  N1 ? ? A DT 8   A DA  9   17_435 ? ? ? ? ? ? WATSON-CRICK ?     ? ? 
hydrog21 hydrog ? ? A DT 8  O4  ? ? ? 1_555 A DA  9  N6 ? ? A DT 8   A DA  9   17_435 ? ? ? ? ? ? WATSON-CRICK ?     ? ? 
hydrog22 hydrog ? ? A DA 9  N1  ? ? ? 1_555 A DT  8  N3 ? ? A DA 9   A DT  8   17_435 ? ? ? ? ? ? WATSON-CRICK ?     ? ? 
hydrog23 hydrog ? ? A DA 9  N6  ? ? ? 1_555 A DT  8  O4 ? ? A DA 9   A DT  8   17_435 ? ? ? ? ? ? WATSON-CRICK ?     ? ? 
hydrog24 hydrog ? ? A DA 10 N1  ? ? ? 1_555 A DT  7  N3 ? ? A DA 10  A DT  7   17_435 ? ? ? ? ? ? WATSON-CRICK ?     ? ? 
hydrog25 hydrog ? ? A DA 10 N6  ? ? ? 1_555 A DT  7  O4 ? ? A DA 10  A DT  7   17_435 ? ? ? ? ? ? WATSON-CRICK ?     ? ? 
hydrog26 hydrog ? ? A DC 11 N3  ? ? ? 1_555 A DG  6  N1 ? ? A DC 11  A DG  6   17_435 ? ? ? ? ? ? WATSON-CRICK ?     ? ? 
hydrog27 hydrog ? ? A DC 11 N4  ? ? ? 1_555 A DG  6  O6 ? ? A DC 11  A DG  6   17_435 ? ? ? ? ? ? WATSON-CRICK ?     ? ? 
hydrog28 hydrog ? ? A DC 11 O2  ? ? ? 1_555 A DG  6  N2 ? ? A DC 11  A DG  6   17_435 ? ? ? ? ? ? WATSON-CRICK ?     ? ? 
hydrog29 hydrog ? ? A DG 12 N1  ? ? ? 1_555 A DC  5  N3 ? ? A DG 12  A DC  5   17_435 ? ? ? ? ? ? WATSON-CRICK ?     ? ? 
hydrog30 hydrog ? ? A DG 12 N2  ? ? ? 1_555 A DC  5  O2 ? ? A DG 12  A DC  5   17_435 ? ? ? ? ? ? WATSON-CRICK ?     ? ? 
hydrog31 hydrog ? ? A DG 12 O6  ? ? ? 1_555 A DC  5  N4 ? ? A DG 12  A DC  5   17_435 ? ? ? ? ? ? WATSON-CRICK ?     ? ? 
hydrog32 hydrog ? ? A DC 13 N3  ? ? ? 1_555 A DG  4  N1 ? ? A DC 13  A DG  4   17_435 ? ? ? ? ? ? WATSON-CRICK ?     ? ? 
hydrog33 hydrog ? ? A DC 13 N4  ? ? ? 1_555 A DG  4  O6 ? ? A DC 13  A DG  4   17_435 ? ? ? ? ? ? WATSON-CRICK ?     ? ? 
hydrog34 hydrog ? ? A DC 13 O2  ? ? ? 1_555 A DG  4  N2 ? ? A DC 13  A DG  4   17_435 ? ? ? ? ? ? WATSON-CRICK ?     ? ? 
hydrog35 hydrog ? ? A DA 14 N1  ? ? ? 1_555 A DT  3  N3 ? ? A DA 14  A DT  3   17_435 ? ? ? ? ? ? WATSON-CRICK ?     ? ? 
hydrog36 hydrog ? ? A DA 14 N6  ? ? ? 1_555 A DT  3  O4 ? ? A DA 14  A DT  3   17_435 ? ? ? ? ? ? WATSON-CRICK ?     ? ? 
hydrog37 hydrog ? ? A DG 15 N1  ? ? ? 1_555 A DC  2  N3 ? ? A DG 15  A DC  2   17_435 ? ? ? ? ? ? WATSON-CRICK ?     ? ? 
hydrog38 hydrog ? ? A DG 15 N2  ? ? ? 1_555 A DC  2  O2 ? ? A DG 15  A DC  2   17_435 ? ? ? ? ? ? WATSON-CRICK ?     ? ? 
hydrog39 hydrog ? ? A DG 15 O6  ? ? ? 1_555 A DC  2  N4 ? ? A DG 15  A DC  2   17_435 ? ? ? ? ? ? WATSON-CRICK ?     ? ? 
hydrog40 hydrog ? ? A DC 16 N3  ? ? ? 1_555 A DG  1  N1 ? ? A DC 16  A DG  1   17_435 ? ? ? ? ? ? WATSON-CRICK ?     ? ? 
hydrog41 hydrog ? ? A DC 16 N4  ? ? ? 1_555 A DG  1  O6 ? ? A DC 16  A DG  1   17_435 ? ? ? ? ? ? WATSON-CRICK ?     ? ? 
hydrog42 hydrog ? ? A DC 16 O2  ? ? ? 1_555 A DG  1  N2 ? ? A DC 16  A DG  1   17_435 ? ? ? ? ? ? WATSON-CRICK ?     ? ? 
# 
loop_
_struct_conn_type.id 
_struct_conn_type.criteria 
_struct_conn_type.reference 
metalc ? ? 
hydrog ? ? 
# 
loop_
_pdbx_struct_conn_angle.id 
_pdbx_struct_conn_angle.ptnr1_label_atom_id 
_pdbx_struct_conn_angle.ptnr1_label_alt_id 
_pdbx_struct_conn_angle.ptnr1_label_asym_id 
_pdbx_struct_conn_angle.ptnr1_label_comp_id 
_pdbx_struct_conn_angle.ptnr1_label_seq_id 
_pdbx_struct_conn_angle.ptnr1_auth_atom_id 
_pdbx_struct_conn_angle.ptnr1_auth_asym_id 
_pdbx_struct_conn_angle.ptnr1_auth_comp_id 
_pdbx_struct_conn_angle.ptnr1_auth_seq_id 
_pdbx_struct_conn_angle.ptnr1_PDB_ins_code 
_pdbx_struct_conn_angle.ptnr1_symmetry 
_pdbx_struct_conn_angle.ptnr2_label_atom_id 
_pdbx_struct_conn_angle.ptnr2_label_alt_id 
_pdbx_struct_conn_angle.ptnr2_label_asym_id 
_pdbx_struct_conn_angle.ptnr2_label_comp_id 
_pdbx_struct_conn_angle.ptnr2_label_seq_id 
_pdbx_struct_conn_angle.ptnr2_auth_atom_id 
_pdbx_struct_conn_angle.ptnr2_auth_asym_id 
_pdbx_struct_conn_angle.ptnr2_auth_comp_id 
_pdbx_struct_conn_angle.ptnr2_auth_seq_id 
_pdbx_struct_conn_angle.ptnr2_PDB_ins_code 
_pdbx_struct_conn_angle.ptnr2_symmetry 
_pdbx_struct_conn_angle.ptnr3_label_atom_id 
_pdbx_struct_conn_angle.ptnr3_label_alt_id 
_pdbx_struct_conn_angle.ptnr3_label_asym_id 
_pdbx_struct_conn_angle.ptnr3_label_comp_id 
_pdbx_struct_conn_angle.ptnr3_label_seq_id 
_pdbx_struct_conn_angle.ptnr3_auth_atom_id 
_pdbx_struct_conn_angle.ptnr3_auth_asym_id 
_pdbx_struct_conn_angle.ptnr3_auth_comp_id 
_pdbx_struct_conn_angle.ptnr3_auth_seq_id 
_pdbx_struct_conn_angle.ptnr3_PDB_ins_code 
_pdbx_struct_conn_angle.ptnr3_symmetry 
_pdbx_struct_conn_angle.value 
_pdbx_struct_conn_angle.value_esd 
1  OP1 ? A DC  2  ? A DC  2   ? 1_555  CA ? B CA . ? A CA 101 ? 1_555  OP1 ? A DC  2  ? A DC  2   ? 1_555  0.0   ? 
2  OP1 ? A DC  2  ? A DC  2   ? 1_555  CA ? B CA . ? A CA 101 ? 1_555  O   ? I HOH .  ? A HOH 278 ? 1_555  173.6 ? 
3  OP1 ? A DC  2  ? A DC  2   ? 1_555  CA ? B CA . ? A CA 101 ? 1_555  O   ? I HOH .  ? A HOH 278 ? 1_555  173.6 ? 
4  OP1 ? A DC  2  ? A DC  2   ? 1_555  CA ? B CA . ? A CA 101 ? 1_555  O   ? I HOH .  ? A HOH 278 ? 2_455  84.0  ? 
5  OP1 ? A DC  2  ? A DC  2   ? 1_555  CA ? B CA . ? A CA 101 ? 1_555  O   ? I HOH .  ? A HOH 278 ? 2_455  84.0  ? 
6  O   ? I HOH .  ? A HOH 278 ? 1_555  CA ? B CA . ? A CA 101 ? 1_555  O   ? I HOH .  ? A HOH 278 ? 2_455  90.0  ? 
7  OP1 ? A DG  6  ? A DG  6   ? 1_555  CA ? D CA . ? A CA 103 ? 1_555  OP1 ? A DG  6  ? A DG  6   ? 1_555  0.0   ? 
8  OP1 ? A DG  6  ? A DG  6   ? 1_555  CA ? D CA . ? A CA 103 ? 1_555  O   ? I HOH .  ? A HOH 276 ? 1_555  172.6 ? 
9  OP1 ? A DG  6  ? A DG  6   ? 1_555  CA ? D CA . ? A CA 103 ? 1_555  O   ? I HOH .  ? A HOH 276 ? 1_555  172.6 ? 
10 OP1 ? A DG  6  ? A DG  6   ? 1_555  CA ? D CA . ? A CA 103 ? 1_555  O   ? I HOH .  ? A HOH 276 ? 3_545  87.0  ? 
11 OP1 ? A DG  6  ? A DG  6   ? 1_555  CA ? D CA . ? A CA 103 ? 1_555  O   ? I HOH .  ? A HOH 276 ? 3_545  87.0  ? 
12 O   ? I HOH .  ? A HOH 276 ? 1_555  CA ? D CA . ? A CA 103 ? 1_555  O   ? I HOH .  ? A HOH 276 ? 3_545  85.6  ? 
13 OP2 ? A DG  6  ? A DG  6   ? 1_555  CA ? E CA . ? A CA 104 ? 1_555  OP2 ? A DG  6  ? A DG  6   ? 1_555  0.0   ? 
14 OP2 ? A DG  6  ? A DG  6   ? 1_555  CA ? E CA . ? A CA 104 ? 1_555  O   ? I HOH .  ? A HOH 252 ? 1_555  88.7  ? 
15 OP2 ? A DG  6  ? A DG  6   ? 1_555  CA ? E CA . ? A CA 104 ? 1_555  O   ? I HOH .  ? A HOH 252 ? 1_555  88.7  ? 
16 OP2 ? A DG  6  ? A DG  6   ? 1_555  CA ? E CA . ? A CA 104 ? 1_555  O   ? I HOH .  ? A HOH 252 ? 2_445  173.5 ? 
17 OP2 ? A DG  6  ? A DG  6   ? 1_555  CA ? E CA . ? A CA 104 ? 1_555  O   ? I HOH .  ? A HOH 252 ? 2_445  173.5 ? 
18 O   ? I HOH .  ? A HOH 252 ? 1_555  CA ? E CA . ? A CA 104 ? 1_555  O   ? I HOH .  ? A HOH 252 ? 2_445  87.9  ? 
19 OP1 ? A DT  7  ? A DT  7   ? 1_555  CA ? H CA . ? A CA 107 ? 1_555  O   ? I HOH .  ? A HOH 245 ? 1_555  87.8  ? 
20 OP1 ? A DT  7  ? A DT  7   ? 1_555  CA ? H CA . ? A CA 107 ? 1_555  O   ? I HOH .  ? A HOH 253 ? 1_555  88.5  ? 
21 O   ? I HOH .  ? A HOH 245 ? 1_555  CA ? H CA . ? A CA 107 ? 1_555  O   ? I HOH .  ? A HOH 253 ? 1_555  74.0  ? 
22 OP1 ? A DT  7  ? A DT  7   ? 1_555  CA ? H CA . ? A CA 107 ? 1_555  O   ? I HOH .  ? A HOH 275 ? 1_555  115.9 ? 
23 O   ? I HOH .  ? A HOH 245 ? 1_555  CA ? H CA . ? A CA 107 ? 1_555  O   ? I HOH .  ? A HOH 275 ? 1_555  138.5 ? 
24 O   ? I HOH .  ? A HOH 253 ? 1_555  CA ? H CA . ? A CA 107 ? 1_555  O   ? I HOH .  ? A HOH 275 ? 1_555  73.1  ? 
25 OP1 ? A DG  15 ? A DG  15  ? 1_555  CA ? C CA . ? A CA 102 ? 18_445 O   ? I HOH .  ? A HOH 208 ? 1_555  69.7  ? 
26 OP1 ? A DG  15 ? A DG  15  ? 1_555  CA ? C CA . ? A CA 102 ? 18_445 O   ? I HOH .  ? A HOH 258 ? 1_555  73.1  ? 
27 O   ? I HOH .  ? A HOH 208 ? 1_555  CA ? C CA . ? A CA 102 ? 18_445 O   ? I HOH .  ? A HOH 258 ? 1_555  3.7   ? 
28 OP1 ? A DG  15 ? A DG  15  ? 1_555  CA ? C CA . ? A CA 102 ? 18_445 O   ? I HOH .  ? A HOH 272 ? 1_555  71.0  ? 
29 O   ? I HOH .  ? A HOH 208 ? 1_555  CA ? C CA . ? A CA 102 ? 18_445 O   ? I HOH .  ? A HOH 272 ? 1_555  3.3   ? 
30 O   ? I HOH .  ? A HOH 258 ? 1_555  CA ? C CA . ? A CA 102 ? 18_445 O   ? I HOH .  ? A HOH 272 ? 1_555  2.6   ? 
31 OP1 ? A DG  15 ? A DG  15  ? 1_555  CA ? C CA . ? A CA 102 ? 18_445 O   ? I HOH .  ? A HOH 283 ? 1_555  70.7  ? 
32 O   ? I HOH .  ? A HOH 208 ? 1_555  CA ? C CA . ? A CA 102 ? 18_445 O   ? I HOH .  ? A HOH 283 ? 1_555  1.2   ? 
33 O   ? I HOH .  ? A HOH 258 ? 1_555  CA ? C CA . ? A CA 102 ? 18_445 O   ? I HOH .  ? A HOH 283 ? 1_555  3.4   ? 
34 O   ? I HOH .  ? A HOH 272 ? 1_555  CA ? C CA . ? A CA 102 ? 18_445 O   ? I HOH .  ? A HOH 283 ? 1_555  3.9   ? 
35 OP1 ? A DG  15 ? A DG  15  ? 1_555  CA ? C CA . ? A CA 102 ? 18_445 O   ? I HOH .  ? A HOH 287 ? 1_555  75.1  ? 
36 O   ? I HOH .  ? A HOH 208 ? 1_555  CA ? C CA . ? A CA 102 ? 18_445 O   ? I HOH .  ? A HOH 287 ? 1_555  5.8   ? 
37 O   ? I HOH .  ? A HOH 258 ? 1_555  CA ? C CA . ? A CA 102 ? 18_445 O   ? I HOH .  ? A HOH 287 ? 1_555  2.1   ? 
38 O   ? I HOH .  ? A HOH 272 ? 1_555  CA ? C CA . ? A CA 102 ? 18_445 O   ? I HOH .  ? A HOH 287 ? 1_555  4.3   ? 
39 O   ? I HOH .  ? A HOH 283 ? 1_555  CA ? C CA . ? A CA 102 ? 18_445 O   ? I HOH .  ? A HOH 287 ? 1_555  5.3   ? 
40 OP1 ? A DG  15 ? A DG  15  ? 1_555  CA ? C CA . ? A CA 102 ? 18_445 O   ? I HOH .  ? A HOH 288 ? 1_555  74.1  ? 
41 O   ? I HOH .  ? A HOH 208 ? 1_555  CA ? C CA . ? A CA 102 ? 18_445 O   ? I HOH .  ? A HOH 288 ? 1_555  4.3   ? 
42 O   ? I HOH .  ? A HOH 258 ? 1_555  CA ? C CA . ? A CA 102 ? 18_445 O   ? I HOH .  ? A HOH 288 ? 1_555  1.9   ? 
43 O   ? I HOH .  ? A HOH 272 ? 1_555  CA ? C CA . ? A CA 102 ? 18_445 O   ? I HOH .  ? A HOH 288 ? 1_555  4.4   ? 
44 O   ? I HOH .  ? A HOH 283 ? 1_555  CA ? C CA . ? A CA 102 ? 18_445 O   ? I HOH .  ? A HOH 288 ? 1_555  3.5   ? 
45 O   ? I HOH .  ? A HOH 287 ? 1_555  CA ? C CA . ? A CA 102 ? 18_445 O   ? I HOH .  ? A HOH 288 ? 1_555  2.4   ? 
46 OP1 ? A DC  16 ? A DC  16  ? 1_555  CA ? G CA . ? A CA 106 ? 1_555  OP1 ? A DC  16 ? A DC  16  ? 1_555  0.0   ? 
47 OP1 ? A DC  16 ? A DC  16  ? 1_555  CA ? G CA . ? A CA 106 ? 1_555  O   ? I HOH .  ? A HOH 247 ? 1_555  87.4  ? 
48 OP1 ? A DC  16 ? A DC  16  ? 1_555  CA ? G CA . ? A CA 106 ? 1_555  O   ? I HOH .  ? A HOH 247 ? 1_555  87.4  ? 
49 OP1 ? A DC  16 ? A DC  16  ? 1_555  CA ? G CA . ? A CA 106 ? 1_555  O   ? I HOH .  ? A HOH 247 ? 2_445  109.0 ? 
50 OP1 ? A DC  16 ? A DC  16  ? 1_555  CA ? G CA . ? A CA 106 ? 1_555  O   ? I HOH .  ? A HOH 247 ? 2_445  109.0 ? 
51 O   ? I HOH .  ? A HOH 247 ? 1_555  CA ? G CA . ? A CA 106 ? 1_555  O   ? I HOH .  ? A HOH 247 ? 2_445  78.5  ? 
52 O   ? I HOH .  ? A HOH 235 ? 1_555  CA ? F CA . ? A CA 105 ? 1_555  O   ? I HOH .  ? A HOH 240 ? 1_555  74.2  ? 
53 O   ? I HOH .  ? A HOH 235 ? 1_555  CA ? F CA . ? A CA 105 ? 1_555  O   ? I HOH .  ? A HOH 256 ? 17_435 161.5 ? 
54 O   ? I HOH .  ? A HOH 240 ? 1_555  CA ? F CA . ? A CA 105 ? 1_555  O   ? I HOH .  ? A HOH 256 ? 17_435 89.7  ? 
55 O   ? I HOH .  ? A HOH 235 ? 1_555  CA ? F CA . ? A CA 105 ? 1_555  O   ? I HOH .  ? A HOH 263 ? 1_555  107.8 ? 
56 O   ? I HOH .  ? A HOH 240 ? 1_555  CA ? F CA . ? A CA 105 ? 1_555  O   ? I HOH .  ? A HOH 263 ? 1_555  83.9  ? 
57 O   ? I HOH .  ? A HOH 256 ? 17_435 CA ? F CA . ? A CA 105 ? 1_555  O   ? I HOH .  ? A HOH 263 ? 1_555  78.7  ? 
58 O   ? I HOH .  ? A HOH 235 ? 1_555  CA ? F CA . ? A CA 105 ? 1_555  O   ? I HOH .  ? A HOH 264 ? 1_555  68.0  ? 
59 O   ? I HOH .  ? A HOH 240 ? 1_555  CA ? F CA . ? A CA 105 ? 1_555  O   ? I HOH .  ? A HOH 264 ? 1_555  123.2 ? 
60 O   ? I HOH .  ? A HOH 256 ? 17_435 CA ? F CA . ? A CA 105 ? 1_555  O   ? I HOH .  ? A HOH 264 ? 1_555  129.9 ? 
61 O   ? I HOH .  ? A HOH 263 ? 1_555  CA ? F CA . ? A CA 105 ? 1_555  O   ? I HOH .  ? A HOH 264 ? 1_555  69.9  ? 
62 O   ? I HOH .  ? A HOH 235 ? 1_555  CA ? F CA . ? A CA 105 ? 1_555  O   ? I HOH .  ? A HOH 269 ? 1_555  88.5  ? 
63 O   ? I HOH .  ? A HOH 240 ? 1_555  CA ? F CA . ? A CA 105 ? 1_555  O   ? I HOH .  ? A HOH 269 ? 1_555  89.4  ? 
64 O   ? I HOH .  ? A HOH 256 ? 17_435 CA ? F CA . ? A CA 105 ? 1_555  O   ? I HOH .  ? A HOH 269 ? 1_555  82.2  ? 
65 O   ? I HOH .  ? A HOH 263 ? 1_555  CA ? F CA . ? A CA 105 ? 1_555  O   ? I HOH .  ? A HOH 269 ? 1_555  159.8 ? 
66 O   ? I HOH .  ? A HOH 264 ? 1_555  CA ? F CA . ? A CA 105 ? 1_555  O   ? I HOH .  ? A HOH 269 ? 1_555  128.9 ? 
67 O   ? I HOH .  ? A HOH 235 ? 1_555  CA ? F CA . ? A CA 105 ? 1_555  O   ? I HOH .  ? A HOH 289 ? 1_555  124.6 ? 
68 O   ? I HOH .  ? A HOH 240 ? 1_555  CA ? F CA . ? A CA 105 ? 1_555  O   ? I HOH .  ? A HOH 289 ? 1_555  158.3 ? 
69 O   ? I HOH .  ? A HOH 256 ? 17_435 CA ? F CA . ? A CA 105 ? 1_555  O   ? I HOH .  ? A HOH 289 ? 1_555  69.8  ? 
70 O   ? I HOH .  ? A HOH 263 ? 1_555  CA ? F CA . ? A CA 105 ? 1_555  O   ? I HOH .  ? A HOH 289 ? 1_555  98.5  ? 
71 O   ? I HOH .  ? A HOH 264 ? 1_555  CA ? F CA . ? A CA 105 ? 1_555  O   ? I HOH .  ? A HOH 289 ? 1_555  77.2  ? 
72 O   ? I HOH .  ? A HOH 269 ? 1_555  CA ? F CA . ? A CA 105 ? 1_555  O   ? I HOH .  ? A HOH 289 ? 1_555  81.1  ? 
# 
_pdbx_entry_details.entry_id                   8V4T 
_pdbx_entry_details.nonpolymer_details         ? 
_pdbx_entry_details.sequence_details           ? 
_pdbx_entry_details.compound_details           ? 
_pdbx_entry_details.source_details             ? 
_pdbx_entry_details.has_ligand_of_interest     Y 
_pdbx_entry_details.has_protein_modification   N 
# 
loop_
_pdbx_validate_rmsd_bond.id 
_pdbx_validate_rmsd_bond.PDB_model_num 
_pdbx_validate_rmsd_bond.auth_atom_id_1 
_pdbx_validate_rmsd_bond.auth_asym_id_1 
_pdbx_validate_rmsd_bond.auth_comp_id_1 
_pdbx_validate_rmsd_bond.auth_seq_id_1 
_pdbx_validate_rmsd_bond.PDB_ins_code_1 
_pdbx_validate_rmsd_bond.label_alt_id_1 
_pdbx_validate_rmsd_bond.auth_atom_id_2 
_pdbx_validate_rmsd_bond.auth_asym_id_2 
_pdbx_validate_rmsd_bond.auth_comp_id_2 
_pdbx_validate_rmsd_bond.auth_seq_id_2 
_pdbx_validate_rmsd_bond.PDB_ins_code_2 
_pdbx_validate_rmsd_bond.label_alt_id_2 
_pdbx_validate_rmsd_bond.bond_value 
_pdbx_validate_rmsd_bond.bond_target_value 
_pdbx_validate_rmsd_bond.bond_deviation 
_pdbx_validate_rmsd_bond.bond_standard_deviation 
_pdbx_validate_rmsd_bond.linker_flag 
1 1 "O3'" A DA 10 ? ? "C3'" A DA 10 ? ? 1.375 1.419 -0.044 0.006 N 
2 1 "O3'" A DG 12 ? ? "C3'" A DG 12 ? ? 1.381 1.419 -0.038 0.006 N 
# 
loop_
_pdbx_validate_rmsd_angle.id 
_pdbx_validate_rmsd_angle.PDB_model_num 
_pdbx_validate_rmsd_angle.auth_atom_id_1 
_pdbx_validate_rmsd_angle.auth_asym_id_1 
_pdbx_validate_rmsd_angle.auth_comp_id_1 
_pdbx_validate_rmsd_angle.auth_seq_id_1 
_pdbx_validate_rmsd_angle.PDB_ins_code_1 
_pdbx_validate_rmsd_angle.label_alt_id_1 
_pdbx_validate_rmsd_angle.auth_atom_id_2 
_pdbx_validate_rmsd_angle.auth_asym_id_2 
_pdbx_validate_rmsd_angle.auth_comp_id_2 
_pdbx_validate_rmsd_angle.auth_seq_id_2 
_pdbx_validate_rmsd_angle.PDB_ins_code_2 
_pdbx_validate_rmsd_angle.label_alt_id_2 
_pdbx_validate_rmsd_angle.auth_atom_id_3 
_pdbx_validate_rmsd_angle.auth_asym_id_3 
_pdbx_validate_rmsd_angle.auth_comp_id_3 
_pdbx_validate_rmsd_angle.auth_seq_id_3 
_pdbx_validate_rmsd_angle.PDB_ins_code_3 
_pdbx_validate_rmsd_angle.label_alt_id_3 
_pdbx_validate_rmsd_angle.angle_value 
_pdbx_validate_rmsd_angle.angle_target_value 
_pdbx_validate_rmsd_angle.angle_deviation 
_pdbx_validate_rmsd_angle.angle_standard_deviation 
_pdbx_validate_rmsd_angle.linker_flag 
1 1 "O4'" A DC 5  ? ? "C1'" A DC 5  ? ? N1 A DC 5  ? ? 110.67 108.30 2.37 0.30 N 
2 1 "O4'" A DC 13 ? ? "C1'" A DC 13 ? ? N1 A DC 13 ? ? 110.37 108.30 2.07 0.30 N 
# 
loop_
_pdbx_struct_special_symmetry.id 
_pdbx_struct_special_symmetry.PDB_model_num 
_pdbx_struct_special_symmetry.auth_asym_id 
_pdbx_struct_special_symmetry.auth_comp_id 
_pdbx_struct_special_symmetry.auth_seq_id 
_pdbx_struct_special_symmetry.PDB_ins_code 
_pdbx_struct_special_symmetry.label_asym_id 
_pdbx_struct_special_symmetry.label_comp_id 
_pdbx_struct_special_symmetry.label_seq_id 
1 1 A CA 101 ? B CA . 
2 1 A CA 103 ? D CA . 
3 1 A CA 104 ? E CA . 
4 1 A CA 106 ? G CA . 
# 
loop_
_space_group_symop.id 
_space_group_symop.operation_xyz 
1  x,y,z                  
2  -y,x-y,z               
3  -x+y,-x,z              
4  x-y,-y,-z              
5  -x,-x+y,-z             
6  y,x,-z                 
7  x+1/3,y+2/3,z+2/3      
8  -y+1/3,x-y+2/3,z+2/3   
9  -x+y+1/3,-x+2/3,z+2/3  
10 x-y+1/3,-y+2/3,-z+2/3  
11 -x+1/3,-x+y+2/3,-z+2/3 
12 y+1/3,x+2/3,-z+2/3     
13 x+2/3,y+1/3,z+1/3      
14 -y+2/3,x-y+1/3,z+1/3   
15 -x+y+2/3,-x+1/3,z+1/3  
16 x-y+2/3,-y+1/3,-z+1/3  
17 -x+2/3,-x+y+1/3,-z+1/3 
18 y+2/3,x+1/3,-z+1/3     
# 
_pdbx_refine_tls.id               1 
_pdbx_refine_tls.pdbx_refine_id   'X-RAY DIFFRACTION' 
_pdbx_refine_tls.details          ? 
_pdbx_refine_tls.method           refined 
_pdbx_refine_tls.origin_x         -0.548789690 
_pdbx_refine_tls.origin_y         0.2929263583 
_pdbx_refine_tls.origin_z         0.0904354557 
_pdbx_refine_tls.T[1][1]          0.164979954256 
_pdbx_refine_tls.T[1][1]_esd      ? 
_pdbx_refine_tls.T[1][2]          -0.008112544991 
_pdbx_refine_tls.T[1][2]_esd      ? 
_pdbx_refine_tls.T[1][3]          0.015464398095 
_pdbx_refine_tls.T[1][3]_esd      ? 
_pdbx_refine_tls.T[2][2]          0.171497211771 
_pdbx_refine_tls.T[2][2]_esd      ? 
_pdbx_refine_tls.T[2][3]          0.003472720710 
_pdbx_refine_tls.T[2][3]_esd      ? 
_pdbx_refine_tls.T[3][3]          0.217937238361 
_pdbx_refine_tls.T[3][3]_esd      ? 
_pdbx_refine_tls.L[1][1]          0.490983422494 
_pdbx_refine_tls.L[1][1]_esd      ? 
_pdbx_refine_tls.L[1][2]          -2.194933550306 
_pdbx_refine_tls.L[1][2]_esd      ? 
_pdbx_refine_tls.L[1][3]          0.164927542371 
_pdbx_refine_tls.L[1][3]_esd      ? 
_pdbx_refine_tls.L[2][2]          4.900701909947 
_pdbx_refine_tls.L[2][2]_esd      ? 
_pdbx_refine_tls.L[2][3]          -0.407980812776 
_pdbx_refine_tls.L[2][3]_esd      ? 
_pdbx_refine_tls.L[3][3]          -0.12820901743 
_pdbx_refine_tls.L[3][3]_esd      ? 
_pdbx_refine_tls.S[1][1]          0.087660257717 
_pdbx_refine_tls.S[1][1]_esd      ? 
_pdbx_refine_tls.S[1][2]          0.064576314868 
_pdbx_refine_tls.S[1][2]_esd      ? 
_pdbx_refine_tls.S[1][3]          0.133671518053 
_pdbx_refine_tls.S[1][3]_esd      ? 
_pdbx_refine_tls.S[2][1]          -0.033874468316 
_pdbx_refine_tls.S[2][1]_esd      ? 
_pdbx_refine_tls.S[2][2]          -0.160602852251 
_pdbx_refine_tls.S[2][2]_esd      ? 
_pdbx_refine_tls.S[2][3]          -0.365735540751 
_pdbx_refine_tls.S[2][3]_esd      ? 
_pdbx_refine_tls.S[3][1]          0.006982502326 
_pdbx_refine_tls.S[3][1]_esd      ? 
_pdbx_refine_tls.S[3][2]          0.029306479890 
_pdbx_refine_tls.S[3][2]_esd      ? 
_pdbx_refine_tls.S[3][3]          0.074148661166 
_pdbx_refine_tls.S[3][3]_esd      ? 
# 
_pdbx_refine_tls_group.id                  1 
_pdbx_refine_tls_group.pdbx_refine_id      'X-RAY DIFFRACTION' 
_pdbx_refine_tls_group.refine_tls_id       1 
_pdbx_refine_tls_group.beg_label_asym_id   A 
_pdbx_refine_tls_group.beg_label_seq_id    ? 
_pdbx_refine_tls_group.beg_auth_asym_id    B 
_pdbx_refine_tls_group.beg_auth_seq_id     1 
_pdbx_refine_tls_group.beg_PDB_ins_code    ? 
_pdbx_refine_tls_group.end_label_asym_id   I 
_pdbx_refine_tls_group.end_label_seq_id    ? 
_pdbx_refine_tls_group.end_auth_asym_id    A 
_pdbx_refine_tls_group.end_auth_seq_id     16 
_pdbx_refine_tls_group.end_PDB_ins_code    ? 
_pdbx_refine_tls_group.selection           ? 
_pdbx_refine_tls_group.selection_details   all 
# 
loop_
_pdbx_distant_solvent_atoms.id 
_pdbx_distant_solvent_atoms.PDB_model_num 
_pdbx_distant_solvent_atoms.auth_atom_id 
_pdbx_distant_solvent_atoms.label_alt_id 
_pdbx_distant_solvent_atoms.auth_asym_id 
_pdbx_distant_solvent_atoms.auth_comp_id 
_pdbx_distant_solvent_atoms.auth_seq_id 
_pdbx_distant_solvent_atoms.PDB_ins_code 
_pdbx_distant_solvent_atoms.neighbor_macromolecule_distance 
_pdbx_distant_solvent_atoms.neighbor_ligand_distance 
1 1 O ? A HOH 286 ? 6.09 . 
2 1 O ? A HOH 287 ? 6.29 . 
3 1 O ? A HOH 288 ? 6.58 . 
4 1 O ? A HOH 289 ? 6.63 . 
5 1 O ? A HOH 290 ? 6.69 . 
6 1 O ? A HOH 291 ? 7.22 . 
7 1 O ? A HOH 292 ? 8.78 . 
# 
loop_
_chem_comp_atom.comp_id 
_chem_comp_atom.atom_id 
_chem_comp_atom.type_symbol 
_chem_comp_atom.pdbx_aromatic_flag 
_chem_comp_atom.pdbx_stereo_config 
_chem_comp_atom.pdbx_ordinal 
CA  CA     CA N N 1   
DA  OP3    O  N N 2   
DA  P      P  N N 3   
DA  OP1    O  N N 4   
DA  OP2    O  N N 5   
DA  "O5'"  O  N N 6   
DA  "C5'"  C  N N 7   
DA  "C4'"  C  N R 8   
DA  "O4'"  O  N N 9   
DA  "C3'"  C  N S 10  
DA  "O3'"  O  N N 11  
DA  "C2'"  C  N N 12  
DA  "C1'"  C  N R 13  
DA  N9     N  Y N 14  
DA  C8     C  Y N 15  
DA  N7     N  Y N 16  
DA  C5     C  Y N 17  
DA  C6     C  Y N 18  
DA  N6     N  N N 19  
DA  N1     N  Y N 20  
DA  C2     C  Y N 21  
DA  N3     N  Y N 22  
DA  C4     C  Y N 23  
DA  HOP3   H  N N 24  
DA  HOP2   H  N N 25  
DA  "H5'"  H  N N 26  
DA  "H5''" H  N N 27  
DA  "H4'"  H  N N 28  
DA  "H3'"  H  N N 29  
DA  "HO3'" H  N N 30  
DA  "H2'"  H  N N 31  
DA  "H2''" H  N N 32  
DA  "H1'"  H  N N 33  
DA  H8     H  N N 34  
DA  H61    H  N N 35  
DA  H62    H  N N 36  
DA  H2     H  N N 37  
DC  OP3    O  N N 38  
DC  P      P  N N 39  
DC  OP1    O  N N 40  
DC  OP2    O  N N 41  
DC  "O5'"  O  N N 42  
DC  "C5'"  C  N N 43  
DC  "C4'"  C  N R 44  
DC  "O4'"  O  N N 45  
DC  "C3'"  C  N S 46  
DC  "O3'"  O  N N 47  
DC  "C2'"  C  N N 48  
DC  "C1'"  C  N R 49  
DC  N1     N  N N 50  
DC  C2     C  N N 51  
DC  O2     O  N N 52  
DC  N3     N  N N 53  
DC  C4     C  N N 54  
DC  N4     N  N N 55  
DC  C5     C  N N 56  
DC  C6     C  N N 57  
DC  HOP3   H  N N 58  
DC  HOP2   H  N N 59  
DC  "H5'"  H  N N 60  
DC  "H5''" H  N N 61  
DC  "H4'"  H  N N 62  
DC  "H3'"  H  N N 63  
DC  "HO3'" H  N N 64  
DC  "H2'"  H  N N 65  
DC  "H2''" H  N N 66  
DC  "H1'"  H  N N 67  
DC  H41    H  N N 68  
DC  H42    H  N N 69  
DC  H5     H  N N 70  
DC  H6     H  N N 71  
DG  OP3    O  N N 72  
DG  P      P  N N 73  
DG  OP1    O  N N 74  
DG  OP2    O  N N 75  
DG  "O5'"  O  N N 76  
DG  "C5'"  C  N N 77  
DG  "C4'"  C  N R 78  
DG  "O4'"  O  N N 79  
DG  "C3'"  C  N S 80  
DG  "O3'"  O  N N 81  
DG  "C2'"  C  N N 82  
DG  "C1'"  C  N R 83  
DG  N9     N  Y N 84  
DG  C8     C  Y N 85  
DG  N7     N  Y N 86  
DG  C5     C  Y N 87  
DG  C6     C  N N 88  
DG  O6     O  N N 89  
DG  N1     N  N N 90  
DG  C2     C  N N 91  
DG  N2     N  N N 92  
DG  N3     N  N N 93  
DG  C4     C  Y N 94  
DG  HOP3   H  N N 95  
DG  HOP2   H  N N 96  
DG  "H5'"  H  N N 97  
DG  "H5''" H  N N 98  
DG  "H4'"  H  N N 99  
DG  "H3'"  H  N N 100 
DG  "HO3'" H  N N 101 
DG  "H2'"  H  N N 102 
DG  "H2''" H  N N 103 
DG  "H1'"  H  N N 104 
DG  H8     H  N N 105 
DG  H1     H  N N 106 
DG  H21    H  N N 107 
DG  H22    H  N N 108 
DT  OP3    O  N N 109 
DT  P      P  N N 110 
DT  OP1    O  N N 111 
DT  OP2    O  N N 112 
DT  "O5'"  O  N N 113 
DT  "C5'"  C  N N 114 
DT  "C4'"  C  N R 115 
DT  "O4'"  O  N N 116 
DT  "C3'"  C  N S 117 
DT  "O3'"  O  N N 118 
DT  "C2'"  C  N N 119 
DT  "C1'"  C  N R 120 
DT  N1     N  N N 121 
DT  C2     C  N N 122 
DT  O2     O  N N 123 
DT  N3     N  N N 124 
DT  C4     C  N N 125 
DT  O4     O  N N 126 
DT  C5     C  N N 127 
DT  C7     C  N N 128 
DT  C6     C  N N 129 
DT  HOP3   H  N N 130 
DT  HOP2   H  N N 131 
DT  "H5'"  H  N N 132 
DT  "H5''" H  N N 133 
DT  "H4'"  H  N N 134 
DT  "H3'"  H  N N 135 
DT  "HO3'" H  N N 136 
DT  "H2'"  H  N N 137 
DT  "H2''" H  N N 138 
DT  "H1'"  H  N N 139 
DT  H3     H  N N 140 
DT  H71    H  N N 141 
DT  H72    H  N N 142 
DT  H73    H  N N 143 
DT  H6     H  N N 144 
HOH O      O  N N 145 
HOH H1     H  N N 146 
HOH H2     H  N N 147 
# 
loop_
_chem_comp_bond.comp_id 
_chem_comp_bond.atom_id_1 
_chem_comp_bond.atom_id_2 
_chem_comp_bond.value_order 
_chem_comp_bond.pdbx_aromatic_flag 
_chem_comp_bond.pdbx_stereo_config 
_chem_comp_bond.pdbx_ordinal 
DA  OP3   P      sing N N 1   
DA  OP3   HOP3   sing N N 2   
DA  P     OP1    doub N N 3   
DA  P     OP2    sing N N 4   
DA  P     "O5'"  sing N N 5   
DA  OP2   HOP2   sing N N 6   
DA  "O5'" "C5'"  sing N N 7   
DA  "C5'" "C4'"  sing N N 8   
DA  "C5'" "H5'"  sing N N 9   
DA  "C5'" "H5''" sing N N 10  
DA  "C4'" "O4'"  sing N N 11  
DA  "C4'" "C3'"  sing N N 12  
DA  "C4'" "H4'"  sing N N 13  
DA  "O4'" "C1'"  sing N N 14  
DA  "C3'" "O3'"  sing N N 15  
DA  "C3'" "C2'"  sing N N 16  
DA  "C3'" "H3'"  sing N N 17  
DA  "O3'" "HO3'" sing N N 18  
DA  "C2'" "C1'"  sing N N 19  
DA  "C2'" "H2'"  sing N N 20  
DA  "C2'" "H2''" sing N N 21  
DA  "C1'" N9     sing N N 22  
DA  "C1'" "H1'"  sing N N 23  
DA  N9    C8     sing Y N 24  
DA  N9    C4     sing Y N 25  
DA  C8    N7     doub Y N 26  
DA  C8    H8     sing N N 27  
DA  N7    C5     sing Y N 28  
DA  C5    C6     sing Y N 29  
DA  C5    C4     doub Y N 30  
DA  C6    N6     sing N N 31  
DA  C6    N1     doub Y N 32  
DA  N6    H61    sing N N 33  
DA  N6    H62    sing N N 34  
DA  N1    C2     sing Y N 35  
DA  C2    N3     doub Y N 36  
DA  C2    H2     sing N N 37  
DA  N3    C4     sing Y N 38  
DC  OP3   P      sing N N 39  
DC  OP3   HOP3   sing N N 40  
DC  P     OP1    doub N N 41  
DC  P     OP2    sing N N 42  
DC  P     "O5'"  sing N N 43  
DC  OP2   HOP2   sing N N 44  
DC  "O5'" "C5'"  sing N N 45  
DC  "C5'" "C4'"  sing N N 46  
DC  "C5'" "H5'"  sing N N 47  
DC  "C5'" "H5''" sing N N 48  
DC  "C4'" "O4'"  sing N N 49  
DC  "C4'" "C3'"  sing N N 50  
DC  "C4'" "H4'"  sing N N 51  
DC  "O4'" "C1'"  sing N N 52  
DC  "C3'" "O3'"  sing N N 53  
DC  "C3'" "C2'"  sing N N 54  
DC  "C3'" "H3'"  sing N N 55  
DC  "O3'" "HO3'" sing N N 56  
DC  "C2'" "C1'"  sing N N 57  
DC  "C2'" "H2'"  sing N N 58  
DC  "C2'" "H2''" sing N N 59  
DC  "C1'" N1     sing N N 60  
DC  "C1'" "H1'"  sing N N 61  
DC  N1    C2     sing N N 62  
DC  N1    C6     sing N N 63  
DC  C2    O2     doub N N 64  
DC  C2    N3     sing N N 65  
DC  N3    C4     doub N N 66  
DC  C4    N4     sing N N 67  
DC  C4    C5     sing N N 68  
DC  N4    H41    sing N N 69  
DC  N4    H42    sing N N 70  
DC  C5    C6     doub N N 71  
DC  C5    H5     sing N N 72  
DC  C6    H6     sing N N 73  
DG  OP3   P      sing N N 74  
DG  OP3   HOP3   sing N N 75  
DG  P     OP1    doub N N 76  
DG  P     OP2    sing N N 77  
DG  P     "O5'"  sing N N 78  
DG  OP2   HOP2   sing N N 79  
DG  "O5'" "C5'"  sing N N 80  
DG  "C5'" "C4'"  sing N N 81  
DG  "C5'" "H5'"  sing N N 82  
DG  "C5'" "H5''" sing N N 83  
DG  "C4'" "O4'"  sing N N 84  
DG  "C4'" "C3'"  sing N N 85  
DG  "C4'" "H4'"  sing N N 86  
DG  "O4'" "C1'"  sing N N 87  
DG  "C3'" "O3'"  sing N N 88  
DG  "C3'" "C2'"  sing N N 89  
DG  "C3'" "H3'"  sing N N 90  
DG  "O3'" "HO3'" sing N N 91  
DG  "C2'" "C1'"  sing N N 92  
DG  "C2'" "H2'"  sing N N 93  
DG  "C2'" "H2''" sing N N 94  
DG  "C1'" N9     sing N N 95  
DG  "C1'" "H1'"  sing N N 96  
DG  N9    C8     sing Y N 97  
DG  N9    C4     sing Y N 98  
DG  C8    N7     doub Y N 99  
DG  C8    H8     sing N N 100 
DG  N7    C5     sing Y N 101 
DG  C5    C6     sing N N 102 
DG  C5    C4     doub Y N 103 
DG  C6    O6     doub N N 104 
DG  C6    N1     sing N N 105 
DG  N1    C2     sing N N 106 
DG  N1    H1     sing N N 107 
DG  C2    N2     sing N N 108 
DG  C2    N3     doub N N 109 
DG  N2    H21    sing N N 110 
DG  N2    H22    sing N N 111 
DG  N3    C4     sing N N 112 
DT  OP3   P      sing N N 113 
DT  OP3   HOP3   sing N N 114 
DT  P     OP1    doub N N 115 
DT  P     OP2    sing N N 116 
DT  P     "O5'"  sing N N 117 
DT  OP2   HOP2   sing N N 118 
DT  "O5'" "C5'"  sing N N 119 
DT  "C5'" "C4'"  sing N N 120 
DT  "C5'" "H5'"  sing N N 121 
DT  "C5'" "H5''" sing N N 122 
DT  "C4'" "O4'"  sing N N 123 
DT  "C4'" "C3'"  sing N N 124 
DT  "C4'" "H4'"  sing N N 125 
DT  "O4'" "C1'"  sing N N 126 
DT  "C3'" "O3'"  sing N N 127 
DT  "C3'" "C2'"  sing N N 128 
DT  "C3'" "H3'"  sing N N 129 
DT  "O3'" "HO3'" sing N N 130 
DT  "C2'" "C1'"  sing N N 131 
DT  "C2'" "H2'"  sing N N 132 
DT  "C2'" "H2''" sing N N 133 
DT  "C1'" N1     sing N N 134 
DT  "C1'" "H1'"  sing N N 135 
DT  N1    C2     sing N N 136 
DT  N1    C6     sing N N 137 
DT  C2    O2     doub N N 138 
DT  C2    N3     sing N N 139 
DT  N3    C4     sing N N 140 
DT  N3    H3     sing N N 141 
DT  C4    O4     doub N N 142 
DT  C4    C5     sing N N 143 
DT  C5    C7     sing N N 144 
DT  C5    C6     doub N N 145 
DT  C7    H71    sing N N 146 
DT  C7    H72    sing N N 147 
DT  C7    H73    sing N N 148 
DT  C6    H6     sing N N 149 
HOH O     H1     sing N N 150 
HOH O     H2     sing N N 151 
# 
_ndb_struct_conf_na.entry_id   8V4T 
_ndb_struct_conf_na.feature    'b-form double helix' 
# 
loop_
_ndb_struct_na_base_pair.model_number 
_ndb_struct_na_base_pair.i_label_asym_id 
_ndb_struct_na_base_pair.i_label_comp_id 
_ndb_struct_na_base_pair.i_label_seq_id 
_ndb_struct_na_base_pair.i_symmetry 
_ndb_struct_na_base_pair.j_label_asym_id 
_ndb_struct_na_base_pair.j_label_comp_id 
_ndb_struct_na_base_pair.j_label_seq_id 
_ndb_struct_na_base_pair.j_symmetry 
_ndb_struct_na_base_pair.shear 
_ndb_struct_na_base_pair.stretch 
_ndb_struct_na_base_pair.stagger 
_ndb_struct_na_base_pair.buckle 
_ndb_struct_na_base_pair.propeller 
_ndb_struct_na_base_pair.opening 
_ndb_struct_na_base_pair.pair_number 
_ndb_struct_na_base_pair.pair_name 
_ndb_struct_na_base_pair.i_auth_asym_id 
_ndb_struct_na_base_pair.i_auth_seq_id 
_ndb_struct_na_base_pair.i_PDB_ins_code 
_ndb_struct_na_base_pair.j_auth_asym_id 
_ndb_struct_na_base_pair.j_auth_seq_id 
_ndb_struct_na_base_pair.j_PDB_ins_code 
_ndb_struct_na_base_pair.hbond_type_28 
_ndb_struct_na_base_pair.hbond_type_12 
1 A DG 1  1_555 A DC 16 17_435 -0.309 -0.128 0.069  0.505   -10.763 1.067  1  A_DG1:DC16_A A 1  ? A 16 ? 19 1 
1 A DC 2  1_555 A DG 15 17_435 0.171  -0.134 0.353  -10.201 -13.095 -0.851 2  A_DC2:DG15_A A 2  ? A 15 ? 19 1 
1 A DT 3  1_555 A DA 14 17_435 -0.091 -0.105 0.115  -7.245  -16.267 0.374  3  A_DT3:DA14_A A 3  ? A 14 ? 20 1 
1 A DG 4  1_555 A DC 13 17_435 -0.273 -0.116 -0.241 -10.900 -2.321  0.031  4  A_DG4:DC13_A A 4  ? A 13 ? 19 1 
1 A DC 5  1_555 A DG 12 17_435 0.343  -0.092 -0.059 3.949   -2.106  0.437  5  A_DC5:DG12_A A 5  ? A 12 ? 19 1 
1 A DG 6  1_555 A DC 11 17_435 -0.124 -0.099 0.208  -0.949  -13.898 0.430  6  A_DG6:DC11_A A 6  ? A 11 ? 19 1 
1 A DT 7  1_555 A DA 10 17_435 -0.079 -0.182 0.157  -6.650  -11.758 -1.164 7  A_DT7:DA10_A A 7  ? A 10 ? 20 1 
1 A DT 8  1_555 A DA 9  17_435 0.054  -0.059 -0.089 -3.486  -9.127  2.810  8  A_DT8:DA9_A  A 8  ? A 9  ? 20 1 
1 A DA 9  1_555 A DT 8  17_435 -0.054 -0.059 -0.089 3.486   -9.127  2.810  9  A_DA9:DT8_A  A 9  ? A 8  ? 20 1 
1 A DA 10 1_555 A DT 7  17_435 0.079  -0.182 0.157  6.650   -11.758 -1.164 10 A_DA10:DT7_A A 10 ? A 7  ? 20 1 
1 A DC 11 1_555 A DG 6  17_435 0.124  -0.099 0.208  0.949   -13.898 0.430  11 A_DC11:DG6_A A 11 ? A 6  ? 19 1 
1 A DG 12 1_555 A DC 5  17_435 -0.343 -0.092 -0.059 -3.949  -2.106  0.437  12 A_DG12:DC5_A A 12 ? A 5  ? 19 1 
1 A DC 13 1_555 A DG 4  17_435 0.273  -0.116 -0.241 10.900  -2.321  0.031  13 A_DC13:DG4_A A 13 ? A 4  ? 19 1 
1 A DA 14 1_555 A DT 3  17_435 0.091  -0.105 0.115  7.245   -16.267 0.374  14 A_DA14:DT3_A A 14 ? A 3  ? 20 1 
1 A DG 15 1_555 A DC 2  17_435 -0.171 -0.134 0.353  10.201  -13.095 -0.851 15 A_DG15:DC2_A A 15 ? A 2  ? 19 1 
1 A DC 16 1_555 A DG 1  17_435 0.309  -0.128 0.069  -0.505  -10.763 1.067  16 A_DC16:DG1_A A 16 ? A 1  ? 19 1 
# 
loop_
_ndb_struct_na_base_pair_step.model_number 
_ndb_struct_na_base_pair_step.i_label_asym_id_1 
_ndb_struct_na_base_pair_step.i_label_comp_id_1 
_ndb_struct_na_base_pair_step.i_label_seq_id_1 
_ndb_struct_na_base_pair_step.i_symmetry_1 
_ndb_struct_na_base_pair_step.j_label_asym_id_1 
_ndb_struct_na_base_pair_step.j_label_comp_id_1 
_ndb_struct_na_base_pair_step.j_label_seq_id_1 
_ndb_struct_na_base_pair_step.j_symmetry_1 
_ndb_struct_na_base_pair_step.i_label_asym_id_2 
_ndb_struct_na_base_pair_step.i_label_comp_id_2 
_ndb_struct_na_base_pair_step.i_label_seq_id_2 
_ndb_struct_na_base_pair_step.i_symmetry_2 
_ndb_struct_na_base_pair_step.j_label_asym_id_2 
_ndb_struct_na_base_pair_step.j_label_comp_id_2 
_ndb_struct_na_base_pair_step.j_label_seq_id_2 
_ndb_struct_na_base_pair_step.j_symmetry_2 
_ndb_struct_na_base_pair_step.shift 
_ndb_struct_na_base_pair_step.slide 
_ndb_struct_na_base_pair_step.rise 
_ndb_struct_na_base_pair_step.tilt 
_ndb_struct_na_base_pair_step.roll 
_ndb_struct_na_base_pair_step.twist 
_ndb_struct_na_base_pair_step.x_displacement 
_ndb_struct_na_base_pair_step.y_displacement 
_ndb_struct_na_base_pair_step.helical_rise 
_ndb_struct_na_base_pair_step.inclination 
_ndb_struct_na_base_pair_step.tip 
_ndb_struct_na_base_pair_step.helical_twist 
_ndb_struct_na_base_pair_step.step_number 
_ndb_struct_na_base_pair_step.step_name 
_ndb_struct_na_base_pair_step.i_auth_asym_id_1 
_ndb_struct_na_base_pair_step.i_auth_seq_id_1 
_ndb_struct_na_base_pair_step.i_PDB_ins_code_1 
_ndb_struct_na_base_pair_step.j_auth_asym_id_1 
_ndb_struct_na_base_pair_step.j_auth_seq_id_1 
_ndb_struct_na_base_pair_step.j_PDB_ins_code_1 
_ndb_struct_na_base_pair_step.i_auth_asym_id_2 
_ndb_struct_na_base_pair_step.i_auth_seq_id_2 
_ndb_struct_na_base_pair_step.i_PDB_ins_code_2 
_ndb_struct_na_base_pair_step.j_auth_asym_id_2 
_ndb_struct_na_base_pair_step.j_auth_seq_id_2 
_ndb_struct_na_base_pair_step.j_PDB_ins_code_2 
1 A DG 1  1_555 A DC 16 17_435 A DC 2  1_555 A DG 15 17_435 -1.013 -0.542 3.499 -4.142 -1.745 34.656 -0.615 1.003  3.615 -2.914 
6.917  34.938 1  AA_DG1DC2:DG15DC16_AA A 1  ? A 16 ? A 2  ? A 15 ? 
1 A DC 2  1_555 A DG 15 17_435 A DT 3  1_555 A DA 14 17_435 -0.628 -0.022 3.271 2.485  5.966  28.398 -1.338 1.788  3.136 11.965 
-4.984 29.109 2  AA_DC2DT3:DA14DG15_AA A 2  ? A 15 ? A 3  ? A 14 ? 
1 A DT 3  1_555 A DA 14 17_435 A DG 4  1_555 A DC 13 17_435 0.449  1.072  3.489 1.872  2.044  42.593 1.252  -0.415 3.550 2.811  
-2.574 42.679 3  AA_DT3DG4:DC13DA14_AA A 3  ? A 14 ? A 4  ? A 13 ? 
1 A DG 4  1_555 A DC 13 17_435 A DC 5  1_555 A DG 12 17_435 0.270  -0.025 3.023 -1.681 6.014  23.547 -1.797 -1.127 2.900 14.414 
4.028  24.350 4  AA_DG4DC5:DG12DC13_AA A 4  ? A 13 ? A 5  ? A 12 ? 
1 A DC 5  1_555 A DG 12 17_435 A DG 6  1_555 A DC 11 17_435 -1.012 0.988  3.488 -3.659 0.049  40.623 1.412  1.016  3.563 0.071  
5.257  40.780 5  AA_DC5DG6:DC11DG12_AA A 5  ? A 12 ? A 6  ? A 11 ? 
1 A DG 6  1_555 A DC 11 17_435 A DT 7  1_555 A DA 10 17_435 0.200  0.362  3.524 -0.568 -0.550 35.479 0.680  -0.417 3.515 -0.902 
0.932  35.487 6  AA_DG6DT7:DA10DC11_AA A 6  ? A 11 ? A 7  ? A 10 ? 
1 A DT 7  1_555 A DA 10 17_435 A DT 8  1_555 A DA 9  17_435 0.401  0.230  3.299 2.795  4.565  30.086 -0.488 -0.195 3.319 8.708  
-5.332 30.548 7  AA_DT7DT8:DA9DA10_AA  A 7  ? A 10 ? A 8  ? A 9  ? 
1 A DT 8  1_555 A DA 9  17_435 A DA 9  1_555 A DT 8  17_435 0.000  1.002  3.379 0.000  0.985  38.761 1.384  0.000  3.403 1.484  
0.000  38.773 8  AA_DT8DA9:DT8DA9_AA   A 8  ? A 9  ? A 9  ? A 8  ? 
1 A DA 9  1_555 A DT 8  17_435 A DA 10 1_555 A DT 7  17_435 -0.401 0.230  3.299 -2.795 4.565  30.086 -0.488 0.195  3.319 8.708  
5.332  30.548 9  AA_DA9DA10:DT7DT8_AA  A 9  ? A 8  ? A 10 ? A 7  ? 
1 A DA 10 1_555 A DT 7  17_435 A DC 11 1_555 A DG 6  17_435 -0.200 0.362  3.524 0.568  -0.550 35.479 0.680  0.417  3.515 -0.902 
-0.932 35.487 10 AA_DA10DC11:DG6DT7_AA A 10 ? A 7  ? A 11 ? A 6  ? 
1 A DC 11 1_555 A DG 6  17_435 A DG 12 1_555 A DC 5  17_435 1.012  0.988  3.488 3.659  0.049  40.623 1.412  -1.016 3.563 0.071  
-5.257 40.780 11 AA_DC11DG12:DC5DG6_AA A 11 ? A 6  ? A 12 ? A 5  ? 
1 A DG 12 1_555 A DC 5  17_435 A DC 13 1_555 A DG 4  17_435 -0.270 -0.025 3.023 1.681  6.014  23.547 -1.797 1.127  2.900 14.414 
-4.028 24.350 12 AA_DG12DC13:DG4DC5_AA A 12 ? A 5  ? A 13 ? A 4  ? 
1 A DC 13 1_555 A DG 4  17_435 A DA 14 1_555 A DT 3  17_435 -0.449 1.072  3.489 -1.872 2.044  42.593 1.252  0.415  3.550 2.811  
2.574  42.679 13 AA_DC13DA14:DT3DG4_AA A 13 ? A 4  ? A 14 ? A 3  ? 
1 A DA 14 1_555 A DT 3  17_435 A DG 15 1_555 A DC 2  17_435 0.628  -0.022 3.271 -2.485 5.966  28.398 -1.338 -1.788 3.136 11.965 
4.984  29.109 14 AA_DA14DG15:DC2DT3_AA A 14 ? A 3  ? A 15 ? A 2  ? 
1 A DG 15 1_555 A DC 2  17_435 A DC 16 1_555 A DG 1  17_435 1.013  -0.542 3.499 4.142  -1.745 34.656 -0.615 -1.003 3.615 -2.914 
-6.917 34.938 15 AA_DG15DC16:DG1DC2_AA A 15 ? A 2  ? A 16 ? A 1  ? 
# 
_pdbx_audit_support.funding_organization   
'National Institutes of Health/National Institute of General Medical Sciences (NIH/NIGMS)' 
_pdbx_audit_support.country                'United States' 
_pdbx_audit_support.grant_number           GM111749 
_pdbx_audit_support.ordinal                1 
# 
_pdbx_initial_refinement_model.id               1 
_pdbx_initial_refinement_model.entity_id_list   ? 
_pdbx_initial_refinement_model.type             'experimental model' 
_pdbx_initial_refinement_model.source_name      PDB 
_pdbx_initial_refinement_model.accession_code   8F94 
_pdbx_initial_refinement_model.details          ? 
# 
_space_group.name_H-M_alt     'R 3 2 :H' 
_space_group.name_Hall        
;R 3 2"
;
_space_group.IT_number        155 
_space_group.crystal_system   trigonal 
_space_group.id               1 
# 
_atom_sites.entry_id                    8V4T 
_atom_sites.Cartn_transf_matrix[1][1]   ? 
_atom_sites.Cartn_transf_matrix[1][2]   ? 
_atom_sites.Cartn_transf_matrix[1][3]   ? 
_atom_sites.Cartn_transf_matrix[2][1]   ? 
_atom_sites.Cartn_transf_matrix[2][2]   ? 
_atom_sites.Cartn_transf_matrix[2][3]   ? 
_atom_sites.Cartn_transf_matrix[3][1]   ? 
_atom_sites.Cartn_transf_matrix[3][2]   ? 
_atom_sites.Cartn_transf_matrix[3][3]   ? 
_atom_sites.Cartn_transf_vector[1]      ? 
_atom_sites.Cartn_transf_vector[2]      ? 
_atom_sites.Cartn_transf_vector[3]      ? 
_atom_sites.Cartn_transform_axes        ? 
_atom_sites.fract_transf_matrix[1][1]   -0.01979653 
_atom_sites.fract_transf_matrix[1][2]   -0.00920787 
_atom_sites.fract_transf_matrix[1][3]   0.02076322 
_atom_sites.fract_transf_matrix[2][1]   0.00518038 
_atom_sites.fract_transf_matrix[2][2]   0.00538546 
_atom_sites.fract_transf_matrix[2][3]   0.02918865 
_atom_sites.fract_transf_matrix[3][1]   -0.00296942 
_atom_sites.fract_transf_matrix[3][2]   0.00534764 
_atom_sites.fract_transf_matrix[3][3]   -0.00045966 
_atom_sites.fract_transf_vector[1]      -0.589142 
_atom_sites.fract_transf_vector[2]      -0.630976 
_atom_sites.fract_transf_vector[3]      0.337683 
_atom_sites.solution_primary            ? 
_atom_sites.solution_secondary          ? 
_atom_sites.solution_hydrogens          ? 
_atom_sites.special_details             ? 
# 
loop_
_atom_type.symbol 
_atom_type.scat_dispersion_real 
_atom_type.scat_dispersion_imag 
_atom_type.scat_Cromer_Mann_a1 
_atom_type.scat_Cromer_Mann_a2 
_atom_type.scat_Cromer_Mann_a3 
_atom_type.scat_Cromer_Mann_a4 
_atom_type.scat_Cromer_Mann_b1 
_atom_type.scat_Cromer_Mann_b2 
_atom_type.scat_Cromer_Mann_b3 
_atom_type.scat_Cromer_Mann_b4 
_atom_type.scat_Cromer_Mann_c 
_atom_type.scat_source 
_atom_type.scat_dispersion_source 
C   ? ? 3.54356  2.42580 ? ? 25.62398 1.50364  ? ? 0.0 
;2-Gaussian fit: Grosse-Kunstleve RW, Sauter NK, Adams PD: Newsletter of the IUCr Commission on Crystallographic Computing 2004, 3, 22-31.
;
? 
CA  ? ? 16.26893 3.65395 ? ? 3.58509  77.28589 ? ? 0.0 
;2-Gaussian fit: Grosse-Kunstleve RW, Sauter NK, Adams PD: Newsletter of the IUCr Commission on Crystallographic Computing 2004, 3, 22-31.
;
? 
H   ? ? 0.51345  0.48472 ? ? 24.73122 6.32584  ? ? 0.0 
;2-Gaussian fit: Grosse-Kunstleve RW, Sauter NK, Adams PD: Newsletter of the IUCr Commission on Crystallographic Computing 2004, 3, 22-31.
;
? 
N   ? ? 4.01032  2.96436 ? ? 19.97189 1.75589  ? ? 0.0 
;2-Gaussian fit: Grosse-Kunstleve RW, Sauter NK, Adams PD: Newsletter of the IUCr Commission on Crystallographic Computing 2004, 3, 22-31.
;
? 
O   ? ? 4.49882  3.47563 ? ? 15.80542 1.70748  ? ? 0.0 
;2-Gaussian fit: Grosse-Kunstleve RW, Sauter NK, Adams PD: Newsletter of the IUCr Commission on Crystallographic Computing 2004, 3, 22-31.
;
? 
O1- ? ? 5.12366  3.84317 ? ? 3.49406  27.47979 ? ? 0.0 
;2-Gaussian fit: Grosse-Kunstleve RW, Sauter NK, Adams PD: Newsletter of the IUCr Commission on Crystallographic Computing 2004, 3, 22-31.
;
? 
P   ? ? 9.51135  5.44231 ? ? 1.42069  35.72801 ? ? 0.0 
;2-Gaussian fit: Grosse-Kunstleve RW, Sauter NK, Adams PD: Newsletter of the IUCr Commission on Crystallographic Computing 2004, 3, 22-31.
;
? 
# 
loop_
_atom_site.group_PDB 
_atom_site.id 
_atom_site.type_symbol 
_atom_site.label_atom_id 
_atom_site.label_alt_id 
_atom_site.label_comp_id 
_atom_site.label_asym_id 
_atom_site.label_entity_id 
_atom_site.label_seq_id 
_atom_site.pdbx_PDB_ins_code 
_atom_site.Cartn_x 
_atom_site.Cartn_y 
_atom_site.Cartn_z 
_atom_site.occupancy 
_atom_site.B_iso_or_equiv 
_atom_site.pdbx_formal_charge 
_atom_site.auth_seq_id 
_atom_site.auth_comp_id 
_atom_site.auth_asym_id 
_atom_site.auth_atom_id 
_atom_site.pdbx_PDB_model_num 
ATOM   1   O  "O5'"  . DG  A 1 1  ? -4.08730  27.85647  -2.24264  1.000 37.74128 ?  1   DG  A "O5'"  1 
ATOM   2   C  "C5'"  . DG  A 1 1  ? -3.21020  26.91907  -1.59981  1.000 22.52247 ?  1   DG  A "C5'"  1 
ATOM   3   C  "C4'"  . DG  A 1 1  ? -3.84199  26.44137  -0.31361  1.000 17.42019 ?  1   DG  A "C4'"  1 
ATOM   4   O  "O4'"  . DG  A 1 1  ? -5.20037  26.03471  -0.57969  1.000 16.62798 ?  1   DG  A "O4'"  1 
ATOM   5   C  "C3'"  . DG  A 1 1  ? -3.18179  25.22332  0.32040   1.000 19.34863 ?  1   DG  A "C3'"  1 
ATOM   6   O  "O3'"  . DG  A 1 1  ? -3.48968  25.27543  1.71458   1.000 16.53465 ?  1   DG  A "O3'"  1 
ATOM   7   C  "C2'"  . DG  A 1 1  ? -3.88964  24.07657  -0.37464  1.000 15.39810 ?  1   DG  A "C2'"  1 
ATOM   8   C  "C1'"  . DG  A 1 1  ? -5.30437  24.61723  -0.53195  1.000 14.58142 ?  1   DG  A "C1'"  1 
ATOM   9   N  N9     . DG  A 1 1  ? -5.99882  24.18313  -1.73660  1.000 13.86971 ?  1   DG  A N9     1 
ATOM   10  C  C8     . DG  A 1 1  ? -5.53168  24.22721  -3.02711  1.000 17.96435 ?  1   DG  A C8     1 
ATOM   11  N  N7     . DG  A 1 1  ? -6.39409  23.78344  -3.89978  1.000 16.78961 ?  1   DG  A N7     1 
ATOM   12  C  C5     . DG  A 1 1  ? -7.50011  23.42963  -3.13963  1.000 13.06768 ?  1   DG  A C5     1 
ATOM   13  C  C6     . DG  A 1 1  ? -8.74803  22.88760  -3.53246  1.000 14.30854 ?  1   DG  A C6     1 
ATOM   14  O  O6     . DG  A 1 1  ? -9.14073  22.60321  -4.66447  1.000 16.21106 ?  1   DG  A O6     1 
ATOM   15  N  N1     . DG  A 1 1  ? -9.57963  22.67925  -2.43908  1.000 13.72026 ?  1   DG  A N1     1 
ATOM   16  C  C2     . DG  A 1 1  ? -9.25810  22.96393  -1.13758  1.000 13.14080 ?  1   DG  A C2     1 
ATOM   17  N  N2     . DG  A 1 1  ? -10.19810 22.69707  -0.22474  1.000 13.71783 ?  1   DG  A N2     1 
ATOM   18  N  N3     . DG  A 1 1  ? -8.09933  23.47131  -0.75866  1.000 12.09588 ?  1   DG  A N3     1 
ATOM   19  C  C4     . DG  A 1 1  ? -7.27447  23.67775  -1.80404  1.000 12.66140 ?  1   DG  A C4     1 
ATOM   20  H  "H5'"  . DG  A 1 1  ? -2.36321  27.34998  -1.40435  1.000 27.05682 ?  1   DG  A "H5'"  1 
ATOM   21  H  "H5''" . DG  A 1 1  ? -3.05930  26.16209  -2.18679  1.000 27.05682 ?  1   DG  A "H5''" 1 
ATOM   22  H  "H4'"  . DG  A 1 1  ? -3.84717  27.16919  0.32721   1.000 20.93408 ?  1   DG  A "H4'"  1 
ATOM   23  H  "H3'"  . DG  A 1 1  ? -2.22564  25.20934  0.15948   1.000 23.24821 ?  1   DG  A "H3'"  1 
ATOM   24  H  "H2'"  . DG  A 1 1  ? -3.48921  23.89879  -1.23974  1.000 18.32844 ?  1   DG  A "H2'"  1 
ATOM   25  H  "H2''" . DG  A 1 1  ? -3.88500  23.28153  0.18103   1.000 18.32844 ?  1   DG  A "H2''" 1 
ATOM   26  H  "H1'"  . DG  A 1 1  ? -5.82793  24.36457  0.24449   1.000 17.52755 ?  1   DG  A "H1'"  1 
ATOM   27  H  H8     . DG  A 1 1  ? -4.68550  24.53866  -3.25540  1.000 21.58707 ?  1   DG  A H8     1 
ATOM   28  H  H1     . DG  A 1 1  ? -10.36098 22.35492  -2.59256  1.000 16.49417 ?  1   DG  A H1     1 
ATOM   29  H  H21    . DG  A 1 1  ? -10.04739 22.85569  0.60698   1.000 16.49125 ?  1   DG  A H21    1 
ATOM   30  H  H22    . DG  A 1 1  ? -10.95356 22.36666  -0.46944  1.000 16.49125 ?  1   DG  A H22    1 
ATOM   31  H  "HO5'" . DG  A 1 1  ? -4.91456  27.82598  -2.09742  1.000 45.31939 ?  1   DG  A "HO5'" 1 
ATOM   32  P  P      . DC  A 1 2  ? -2.86960  24.24047  2.77613   1.000 16.96074 ?  2   DC  A P      1 
ATOM   33  O  OP1    . DC  A 1 2  ? -2.54304  24.99991  4.03042   1.000 17.90928 ?  2   DC  A OP1    1 
ATOM   34  O  OP2    . DC  A 1 2  ? -1.78787  23.42275  2.15489   1.000 18.44529 -1 2   DC  A OP2    1 
ATOM   35  O  "O5'"  . DC  A 1 2  ? -4.05214  23.23231  3.03679   1.000 15.74001 ?  2   DC  A "O5'"  1 
ATOM   36  C  "C5'"  . DC  A 1 2  ? -5.10261  23.61299  3.90963   1.000 19.32960 ?  2   DC  A "C5'"  1 
ATOM   37  C  "C4'"  . DC  A 1 2  ? -6.11629  22.51836  3.98182   1.000 17.02305 ?  2   DC  A "C4'"  1 
ATOM   38  O  "O4'"  . DC  A 1 2  ? -6.74996  22.40075  2.69045   1.000 18.13895 ?  2   DC  A "O4'"  1 
ATOM   39  C  "C3'"  . DC  A 1 2  ? -5.52567  21.14433  4.27813   1.000 25.08958 ?  2   DC  A "C3'"  1 
ATOM   40  O  "O3'"  . DC  A 1 2  ? -5.77406  20.72283  5.59636   1.000 23.98369 ?  2   DC  A "O3'"  1 
ATOM   41  C  "C2'"  . DC  A 1 2  ? -6.18664  20.20252  3.30263   1.000 28.18795 ?  2   DC  A "C2'"  1 
ATOM   42  C  "C1'"  . DC  A 1 2  ? -7.12226  21.05644  2.49359   1.000 23.00292 ?  2   DC  A "C1'"  1 
ATOM   43  N  N1     . DC  A 1 2  ? -7.04284  20.75993  1.09318   1.000 17.84202 ?  2   DC  A N1     1 
ATOM   44  C  C2     . DC  A 1 2  ? -8.08450  20.06600  0.48326   1.000 13.41798 ?  2   DC  A C2     1 
ATOM   45  O  O2     . DC  A 1 2  ? -9.05951  19.74351  1.16173   1.000 16.26507 ?  2   DC  A O2     1 
ATOM   46  N  N3     . DC  A 1 2  ? -8.00502  19.80944  -0.83989  1.000 12.89038 ?  2   DC  A N3     1 
ATOM   47  C  C4     . DC  A 1 2  ? -6.92629  20.18552  -1.52499  1.000 13.33139 ?  2   DC  A C4     1 
ATOM   48  N  N4     . DC  A 1 2  ? -6.89949  19.94004  -2.81915  1.000 14.13635 ?  2   DC  A N4     1 
ATOM   49  C  C5     . DC  A 1 2  ? -5.82624  20.83718  -0.90317  1.000 17.17507 ?  2   DC  A C5     1 
ATOM   50  C  C6     . DC  A 1 2  ? -5.92878  21.09651  0.40085   1.000 18.98581 ?  2   DC  A C6     1 
ATOM   51  H  "H5'"  . DC  A 1 2  ? -5.52279  24.42119  3.57599   1.000 23.22537 ?  2   DC  A "H5'"  1 
ATOM   52  H  "H5''" . DC  A 1 2  ? -4.74283  23.77873  4.79480   1.000 23.22537 ?  2   DC  A "H5''" 1 
ATOM   53  H  "H4'"  . DC  A 1 2  ? -6.78327  22.73663  4.65141   1.000 20.45752 ?  2   DC  A "H4'"  1 
ATOM   54  H  "H3'"  . DC  A 1 2  ? -4.56961  21.15896  4.11710   1.000 30.13735 ?  2   DC  A "H3'"  1 
ATOM   55  H  "H2'"  . DC  A 1 2  ? -5.52165  19.79404  2.72837   1.000 33.85539 ?  2   DC  A "H2'"  1 
ATOM   56  H  "H2''" . DC  A 1 2  ? -6.68578  19.52100  3.77606   1.000 33.85539 ?  2   DC  A "H2''" 1 
ATOM   57  H  "H1'"  . DC  A 1 2  ? -8.03080  20.92512  2.80500   1.000 27.63336 ?  2   DC  A "H1'"  1 
ATOM   58  H  H41    . DC  A 1 2  ? -6.21559  20.17178  -3.28677  1.000 16.99348 ?  2   DC  A H41    1 
ATOM   59  H  H42    . DC  A 1 2  ? -7.56552  19.54811  -3.19637  1.000 16.99348 ?  2   DC  A H42    1 
ATOM   60  H  H5     . DC  A 1 2  ? -5.08860  21.11729  -1.39544  1.000 20.63994 ?  2   DC  A H5     1 
ATOM   61  H  H6     . DC  A 1 2  ? -5.24433  21.55602  0.83149   1.000 22.81283 ?  2   DC  A H6     1 
ATOM   62  P  P      . DT  A 1 3  ? -5.25848  19.26712  6.06763   1.000 24.57016 ?  3   DT  A P      1 
ATOM   63  O  OP1    . DT  A 1 3  ? -5.04450  19.37619  7.51559   1.000 31.19661 ?  3   DT  A OP1    1 
ATOM   64  O  OP2    . DT  A 1 3  ? -4.19716  18.67617  5.20070   1.000 25.20357 -1 3   DT  A OP2    1 
ATOM   65  O  "O5'"  . DT  A 1 3  ? -6.50609  18.31591  5.78327   1.000 22.54093 ?  3   DT  A "O5'"  1 
ATOM   66  C  "C5'"  . DT  A 1 3  ? -7.76755  18.69694  6.20834   1.000 20.15393 ?  3   DT  A "C5'"  1 
ATOM   67  C  "C4'"  . DT  A 1 3  ? -8.76841  17.63792  5.82472   1.000 17.99302 ?  3   DT  A "C4'"  1 
ATOM   68  O  "O4'"  . DT  A 1 3  ? -8.86470  17.57415  4.38366   1.000 19.29887 ?  3   DT  A "O4'"  1 
ATOM   69  C  "C3'"  . DT  A 1 3  ? -8.41128  16.23268  6.29210   1.000 21.98467 ?  3   DT  A "C3'"  1 
ATOM   70  O  "O3'"  . DT  A 1 3  ? -9.57699  15.60126  6.75691   1.000 22.85353 ?  3   DT  A "O3'"  1 
ATOM   71  C  "C2'"  . DT  A 1 3  ? -7.83156  15.57494  5.05019   1.000 18.73656 ?  3   DT  A "C2'"  1 
ATOM   72  C  "C1'"  . DT  A 1 3  ? -8.59687  16.24781  3.93052   1.000 18.08043 ?  3   DT  A "C1'"  1 
ATOM   73  N  N1     . DT  A 1 3  ? -7.86704  16.36459  2.62952   1.000 15.73597 ?  3   DT  A N1     1 
ATOM   74  C  C2     . DT  A 1 3  ? -8.51525  16.00106  1.46661   1.000 17.24037 ?  3   DT  A C2     1 
ATOM   75  O  O2     . DT  A 1 3  ? -9.63049  15.51047  1.45571   1.000 17.19486 ?  3   DT  A O2     1 
ATOM   76  N  N3     . DT  A 1 3  ? -7.80632  16.19002  0.32632   1.000 15.46941 ?  3   DT  A N3     1 
ATOM   77  C  C4     . DT  A 1 3  ? -6.53304  16.71333  0.20405   1.000 13.44356 ?  3   DT  A C4     1 
ATOM   78  O  O4     . DT  A 1 3  ? -6.00598  16.87693  -0.88380  1.000 15.39185 ?  3   DT  A O4     1 
ATOM   79  C  C5     . DT  A 1 3  ? -5.90088  17.07688  1.44412   1.000 17.06924 ?  3   DT  A C5     1 
ATOM   80  C  C7     . DT  A 1 3  ? -4.52204  17.66290  1.44947   1.000 17.26036 ?  3   DT  A C7     1 
ATOM   81  C  C6     . DT  A 1 3  ? -6.59790  16.91640  2.58530   1.000 17.39593 ?  3   DT  A C6     1 
ATOM   82  H  "H5'"  . DT  A 1 3  ? -8.00917  19.53734  5.78958   1.000 24.21457 ?  3   DT  A "H5'"  1 
ATOM   83  H  "H5''" . DT  A 1 3  ? -7.76470  18.80550  7.17257   1.000 24.21457 ?  3   DT  A "H5''" 1 
ATOM   84  H  "H4'"  . DT  A 1 3  ? -9.63544  17.87816  6.18718   1.000 21.62148 ?  3   DT  A "H4'"  1 
ATOM   85  H  "H3'"  . DT  A 1 3  ? -7.74437  16.27231  6.99532   1.000 26.41146 ?  3   DT  A "H3'"  1 
ATOM   86  H  "H2'"  . DT  A 1 3  ? -6.88243  15.75626  4.97835   1.000 22.51373 ?  3   DT  A "H2'"  1 
ATOM   87  H  "H2''" . DT  A 1 3  ? -8.00218  14.62174  5.05815   1.000 22.51373 ?  3   DT  A "H2''" 1 
ATOM   88  H  "H1'"  . DT  A 1 3  ? -9.43560  15.78145  3.78968   1.000 21.72638 ?  3   DT  A "H1'"  1 
ATOM   89  H  H3     . DT  A 1 3  ? -8.19545  15.96148  -0.40580  1.000 18.59315 ?  3   DT  A H3     1 
ATOM   90  H  H71    . DT  A 1 3  ? -3.92768  17.09423  0.93588   1.000 20.74229 ?  3   DT  A H71    1 
ATOM   91  H  H72    . DT  A 1 3  ? -4.54590  18.54812  1.05296   1.000 20.74229 ?  3   DT  A H72    1 
ATOM   92  H  H73    . DT  A 1 3  ? -4.20122  17.72568  2.36262   1.000 20.74229 ?  3   DT  A H73    1 
ATOM   93  H  H6     . DT  A 1 3  ? -6.19365  17.15935  3.38743   1.000 20.90497 ?  3   DT  A H6     1 
ATOM   94  P  P      . DG  A 1 4  ? -9.50725  14.14822  7.41726   1.000 23.55529 ?  4   DG  A P      1 
ATOM   95  O  OP1    . DG  A 1 4  ? -10.50466 14.10804  8.49562   1.000 27.95288 ?  4   DG  A OP1    1 
ATOM   96  O  OP2    . DG  A 1 4  ? -8.11028  13.76085  7.65783   1.000 26.24243 -1 4   DG  A OP2    1 
ATOM   97  O  "O5'"  . DG  A 1 4  ? -10.01333 13.19340  6.26391   1.000 18.68913 ?  4   DG  A "O5'"  1 
ATOM   98  C  "C5'"  . DG  A 1 4  ? -11.22513 13.46502  5.65571   1.000 17.79847 ?  4   DG  A "C5'"  1 
ATOM   99  C  "C4'"  . DG  A 1 4  ? -11.55053 12.37286  4.67317   1.000 16.23553 ?  4   DG  A "C4'"  1 
ATOM   100 O  "O4'"  . DG  A 1 4  ? -10.72900 12.53378  3.50671   1.000 16.08946 ?  4   DG  A "O4'"  1 
ATOM   101 C  "C3'"  . DG  A 1 4  ? -11.31655 10.94609  5.13850   1.000 18.12860 ?  4   DG  A "C3'"  1 
ATOM   102 O  "O3'"  . DG  A 1 4  ? -12.35062 10.15303  4.58062   1.000 17.13931 ?  4   DG  A "O3'"  1 
ATOM   103 C  "C2'"  . DG  A 1 4  ? -9.91535  10.61610  4.59148   1.000 15.99240 ?  4   DG  A "C2'"  1 
ATOM   104 C  "C1'"  . DG  A 1 4  ? -9.91833  11.36050  3.27583   1.000 15.26626 ?  4   DG  A "C1'"  1 
ATOM   105 N  N9     . DG  A 1 4  ? -8.64889  11.87970  2.81022   1.000 15.43781 ?  4   DG  A N9     1 
ATOM   106 C  C8     . DG  A 1 4  ? -7.65533  12.45326  3.57167   1.000 17.74986 ?  4   DG  A C8     1 
ATOM   107 N  N7     . DG  A 1 4  ? -6.67439  12.92813  2.86609   1.000 16.51977 ?  4   DG  A N7     1 
ATOM   108 C  C5     . DG  A 1 4  ? -7.06760  12.72660  1.55371   1.000 15.48749 ?  4   DG  A C5     1 
ATOM   109 C  C6     . DG  A 1 4  ? -6.39836  13.02768  0.34610   1.000 15.37198 ?  4   DG  A C6     1 
ATOM   110 O  O6     . DG  A 1 4  ? -5.32358  13.60734  0.20014   1.000 16.41181 ?  4   DG  A O6     1 
ATOM   111 N  N1     . DG  A 1 4  ? -7.13075  12.63677  -0.76481  1.000 13.95121 ?  4   DG  A N1     1 
ATOM   112 C  C2     . DG  A 1 4  ? -8.35064  11.99172  -0.70903  1.000 15.01945 ?  4   DG  A C2     1 
ATOM   113 N  N2     . DG  A 1 4  ? -8.89505  11.66556  -1.86732  1.000 14.66487 ?  4   DG  A N2     1 
ATOM   114 N  N3     . DG  A 1 4  ? -8.98290  11.70149  0.41259   1.000 14.12979 ?  4   DG  A N3     1 
ATOM   115 C  C4     . DG  A 1 4  ? -8.27896  12.06996  1.49967   1.000 13.88462 ?  4   DG  A C4     1 
ATOM   116 H  "H5'"  . DG  A 1 4  ? -11.16968 14.31368  5.18890   1.000 21.38802 ?  4   DG  A "H5'"  1 
ATOM   117 H  "H5''" . DG  A 1 4  ? -11.92101 13.51158  6.32907   1.000 21.38802 ?  4   DG  A "H5''" 1 
ATOM   118 H  "H4'"  . DG  A 1 4  ? -12.48052 12.46249  4.41085   1.000 19.51249 ?  4   DG  A "H4'"  1 
ATOM   119 H  "H3'"  . DG  A 1 4  ? -11.32767 10.89702  6.10746   1.000 21.78417 ?  4   DG  A "H3'"  1 
ATOM   120 H  "H2'"  . DG  A 1 4  ? -9.22575  10.95569  5.18165   1.000 19.22074 ?  4   DG  A "H2'"  1 
ATOM   121 H  "H2''" . DG  A 1 4  ? -9.81534  9.66150   4.44947   1.000 19.22074 ?  4   DG  A "H2''" 1 
ATOM   122 H  "H1'"  . DG  A 1 4  ? -10.32393 10.81217  2.58603   1.000 18.34937 ?  4   DG  A "H1'"  1 
ATOM   123 H  H8     . DG  A 1 4  ? -7.67441  12.47786  4.50160   1.000 21.32968 ?  4   DG  A H8     1 
ATOM   124 H  H1     . DG  A 1 4  ? -6.78816  12.77870  -1.54031  1.000 16.77131 ?  4   DG  A H1     1 
ATOM   125 H  H21    . DG  A 1 4  ? -9.65684  11.26606  -1.88757  1.000 17.62770 ?  4   DG  A H21    1 
ATOM   126 H  H22    . DG  A 1 4  ? -8.48763  11.85162  -2.60156  1.000 17.62770 ?  4   DG  A H22    1 
ATOM   127 P  P      . DC  A 1 5  ? -12.54417 8.59841   4.90593   1.000 18.56211 ?  5   DC  A P      1 
ATOM   128 O  OP1    . DC  A 1 5  ? -13.94518 8.32886   4.50858   1.000 22.47798 ?  5   DC  A OP1    1 
ATOM   129 O  OP2    . DC  A 1 5  ? -11.99881 8.24257   6.22395   1.000 20.56682 -1 5   DC  A OP2    1 
ATOM   130 O  "O5'"  . DC  A 1 5  ? -11.61164 7.86749   3.84303   1.000 16.67997 ?  5   DC  A "O5'"  1 
ATOM   131 C  "C5'"  . DC  A 1 5  ? -11.97543 7.90604   2.49147   1.000 17.07702 ?  5   DC  A "C5'"  1 
ATOM   132 C  "C4'"  . DC  A 1 5  ? -10.87045 7.35013   1.64335   1.000 13.99221 ?  5   DC  A "C4'"  1 
ATOM   133 O  "O4'"  . DC  A 1 5  ? -9.77154  8.29794   1.56763   1.000 13.31735 ?  5   DC  A "O4'"  1 
ATOM   134 C  "C3'"  . DC  A 1 5  ? -10.23924 6.04514   2.17364   1.000 15.22792 ?  5   DC  A "C3'"  1 
ATOM   135 O  "O3'"  . DC  A 1 5  ? -10.18256 5.09991   1.13954   1.000 15.35828 ?  5   DC  A "O3'"  1 
ATOM   136 C  "C2'"  . DC  A 1 5  ? -8.83822  6.48834   2.57612   1.000 15.23590 ?  5   DC  A "C2'"  1 
ATOM   137 C  "C1'"  . DC  A 1 5  ? -8.61290  7.50678   1.49248   1.000 16.03873 ?  5   DC  A "C1'"  1 
ATOM   138 N  N1     . DC  A 1 5  ? -7.41695  8.33323   1.60671   1.000 13.15377 ?  5   DC  A N1     1 
ATOM   139 C  C2     . DC  A 1 5  ? -6.82707  8.80764   0.43281   1.000 14.77709 ?  5   DC  A C2     1 
ATOM   140 O  O2     . DC  A 1 5  ? -7.34843  8.51498   -0.64490  1.000 15.20620 ?  5   DC  A O2     1 
ATOM   141 N  N3     . DC  A 1 5  ? -5.71678  9.57646   0.50991   1.000 13.38150 ?  5   DC  A N3     1 
ATOM   142 C  C4     . DC  A 1 5  ? -5.22922  9.88509   1.71145   1.000 15.62265 ?  5   DC  A C4     1 
ATOM   143 N  N4     . DC  A 1 5  ? -4.14451  10.63647  1.75089   1.000 17.99436 ?  5   DC  A N4     1 
ATOM   144 C  C5     . DC  A 1 5  ? -5.81326  9.41676   2.91828   1.000 13.90974 ?  5   DC  A C5     1 
ATOM   145 C  C6     . DC  A 1 5  ? -6.90642  8.65478   2.82347   1.000 14.48387 ?  5   DC  A C6     1 
ATOM   146 H  "H5'"  . DC  A 1 5  ? -12.14919 8.82420   2.23212   1.000 20.52228 ?  5   DC  A "H5'"  1 
ATOM   147 H  "H5''" . DC  A 1 5  ? -12.77862 7.37762   2.35990   1.000 20.52228 ?  5   DC  A "H5''" 1 
ATOM   148 H  "H4'"  . DC  A 1 5  ? -11.21070 7.19329   0.74894   1.000 16.82051 ?  5   DC  A "H4'"  1 
ATOM   149 H  "H3'"  . DC  A 1 5  ? -10.73080 5.70360   2.93706   1.000 18.30336 ?  5   DC  A "H3'"  1 
ATOM   150 H  "H2'"  . DC  A 1 5  ? -8.83607  6.89669   3.45626   1.000 18.31293 ?  5   DC  A "H2'"  1 
ATOM   151 H  "H2''" . DC  A 1 5  ? -8.20320  5.75745   2.51466   1.000 18.31293 ?  5   DC  A "H2''" 1 
ATOM   152 H  "H1'"  . DC  A 1 5  ? -8.59976  7.05168   0.63684   1.000 19.27633 ?  5   DC  A "H1'"  1 
ATOM   153 H  H41    . DC  A 1 5  ? -3.80065  10.85580  2.50822   1.000 21.62309 ?  5   DC  A H41    1 
ATOM   154 H  H42    . DC  A 1 5  ? -3.78173  10.90581  1.01952   1.000 21.62309 ?  5   DC  A H42    1 
ATOM   155 H  H5     . DC  A 1 5  ? -5.44617  9.63093   3.74574   1.000 16.72154 ?  5   DC  A H5     1 
ATOM   156 H  H6     . DC  A 1 5  ? -7.30950  8.32867   3.59517   1.000 17.41050 ?  5   DC  A H6     1 
ATOM   157 P  P      . DG  A 1 6  ? -11.44806 4.25229   0.68131   1.000 14.16297 ?  6   DG  A P      1 
ATOM   158 O  OP1    . DG  A 1 6  ? -12.65832 5.04972   0.94924   1.000 14.40818 ?  6   DG  A OP1    1 
ATOM   159 O  OP2    . DG  A 1 6  ? -11.36847 2.88568   1.26927   1.000 14.48528 -1 6   DG  A OP2    1 
ATOM   160 O  "O5'"  . DG  A 1 6  ? -11.20923 4.03222   -0.87297  1.000 14.91382 ?  6   DG  A "O5'"  1 
ATOM   161 C  "C5'"  . DG  A 1 6  ? -11.55058 5.04701   -1.80788  1.000 14.22152 ?  6   DG  A "C5'"  1 
ATOM   162 C  "C4'"  . DG  A 1 6  ? -10.87437 4.74665   -3.11840  1.000 14.43543 ?  6   DG  A "C4'"  1 
ATOM   163 O  "O4'"  . DG  A 1 6  ? -9.50116  5.23534   -3.10132  1.000 15.71482 ?  6   DG  A "O4'"  1 
ATOM   164 C  "C3'"  . DG  A 1 6  ? -10.76084 3.28342   -3.47348  1.000 14.88033 ?  6   DG  A "C3'"  1 
ATOM   165 O  "O3'"  . DG  A 1 6  ? -10.87602 3.19701   -4.89566  1.000 18.91295 ?  6   DG  A "O3'"  1 
ATOM   166 C  "C2'"  . DG  A 1 6  ? -9.38098  2.89354   -2.89805  1.000 16.30591 ?  6   DG  A "C2'"  1 
ATOM   167 C  "C1'"  . DG  A 1 6  ? -8.56575  4.16047   -3.09998  1.000 15.72744 ?  6   DG  A "C1'"  1 
ATOM   168 N  N9     . DG  A 1 6  ? -7.59934  4.49510   -2.06047  1.000 16.86751 ?  6   DG  A N9     1 
ATOM   169 C  C8     . DG  A 1 6  ? -7.72232  4.31777   -0.70013  1.000 18.75709 ?  6   DG  A C8     1 
ATOM   170 N  N7     . DG  A 1 6  ? -6.72169  4.81409   -0.01550  1.000 16.51604 ?  6   DG  A N7     1 
ATOM   171 C  C5     . DG  A 1 6  ? -5.90488  5.38103   -0.97835  1.000 14.50922 ?  6   DG  A C5     1 
ATOM   172 C  C6     . DG  A 1 6  ? -4.67643  6.08329   -0.83770  1.000 18.36961 ?  6   DG  A C6     1 
ATOM   173 O  O6     . DG  A 1 6  ? -4.06437  6.34998   0.20601   1.000 19.68511 ?  6   DG  A O6     1 
ATOM   174 N  N1     . DG  A 1 6  ? -4.17248  6.48870   -2.05896  1.000 16.25158 ?  6   DG  A N1     1 
ATOM   175 C  C2     . DG  A 1 6  ? -4.76181  6.25695   -3.27005  1.000 16.31303 ?  6   DG  A C2     1 
ATOM   176 N  N2     . DG  A 1 6  ? -4.12506  6.72723   -4.34105  1.000 20.15340 ?  6   DG  A N2     1 
ATOM   177 N  N3     . DG  A 1 6  ? -5.92390  5.60170   -3.42600  1.000 16.58355 ?  6   DG  A N3     1 
ATOM   178 C  C4     . DG  A 1 6  ? -6.42950  5.20165   -2.23846  1.000 14.21305 ?  6   DG  A C4     1 
ATOM   179 H  "H5'"  . DG  A 1 6  ? -11.25151 5.90797   -1.47685  1.000 16.91655 ?  6   DG  A "H5'"  1 
ATOM   180 H  "H5''" . DG  A 1 6  ? -12.51237 5.06299   -1.93432  1.000 16.91655 ?  6   DG  A "H5''" 1 
ATOM   181 H  "H4'"  . DG  A 1 6  ? -11.35676 5.20133   -3.82687  1.000 17.17323 ?  6   DG  A "H4'"  1 
ATOM   182 H  "H3'"  . DG  A 1 6  ? -11.46532 2.77561   -3.04211  1.000 17.70712 ?  6   DG  A "H3'"  1 
ATOM   183 H  "H2'"  . DG  A 1 6  ? -9.45165  2.67485   -1.95640  1.000 19.59695 ?  6   DG  A "H2'"  1 
ATOM   184 H  "H2''" . DG  A 1 6  ? -8.99674  2.15557   -3.39680  1.000 19.59695 ?  6   DG  A "H2''" 1 
ATOM   185 H  "H1'"  . DG  A 1 6  ? -8.11683  4.12254   -3.95923  1.000 18.90278 ?  6   DG  A "H1'"  1 
ATOM   186 H  H8     . DG  A 1 6  ? -8.44307  3.88260   -0.30612  1.000 22.53836 ?  6   DG  A H8     1 
ATOM   187 H  H1     . DG  A 1 6  ? -3.42084  6.90618   -2.05778  1.000 19.53176 ?  6   DG  A H1     1 
ATOM   188 H  H21    . DG  A 1 6  ? -4.45839  6.61008   -5.12530  1.000 24.21394 ?  6   DG  A H21    1 
ATOM   189 H  H22    . DG  A 1 6  ? -3.38059  7.14857   -4.24846  1.000 24.21394 ?  6   DG  A H22    1 
ATOM   190 P  P      . DT  A 1 7  ? -10.71181 1.84599   -5.70056  1.000 21.23996 ?  7   DT  A P      1 
ATOM   191 O  OP1    . DT  A 1 7  ? -11.45454 2.01821   -6.97238  1.000 27.44670 ?  7   DT  A OP1    1 
ATOM   192 O  OP2    . DT  A 1 7  ? -10.91681 0.71363   -4.79254  1.000 21.29004 -1 7   DT  A OP2    1 
ATOM   193 O  "O5'"  . DT  A 1 7  ? -9.16131  1.82516   -6.04415  1.000 19.80533 ?  7   DT  A "O5'"  1 
ATOM   194 C  "C5'"  . DT  A 1 7  ? -8.66819  2.77855   -6.94551  1.000 22.45750 ?  7   DT  A "C5'"  1 
ATOM   195 C  "C4'"  . DT  A 1 7  ? -7.19226  2.60471   -7.10622  1.000 19.65546 ?  7   DT  A "C4'"  1 
ATOM   196 O  "O4'"  . DT  A 1 7  ? -6.53920  2.95826   -5.87730  1.000 18.01518 ?  7   DT  A "O4'"  1 
ATOM   197 C  "C3'"  . DT  A 1 7  ? -6.77483  1.17096   -7.42674  1.000 25.40842 ?  7   DT  A "C3'"  1 
ATOM   198 O  "O3'"  . DT  A 1 7  ? -6.23039  1.15834   -8.71535  1.000 24.97905 ?  7   DT  A "O3'"  1 
ATOM   199 C  "C2'"  . DT  A 1 7  ? -5.77717  0.79214   -6.32204  1.000 20.21458 ?  7   DT  A "C2'"  1 
ATOM   200 C  "C1'"  . DT  A 1 7  ? -5.40878  2.13466   -5.70713  1.000 18.34182 ?  7   DT  A "C1'"  1 
ATOM   201 N  N1     . DT  A 1 7  ? -5.09735  2.11826   -4.25333  1.000 18.34277 ?  7   DT  A N1     1 
ATOM   202 C  C2     . DT  A 1 7  ? -3.97604  2.76169   -3.81132  1.000 16.57218 ?  7   DT  A C2     1 
ATOM   203 O  O2     . DT  A 1 7  ? -3.20434  3.29493   -4.55453  1.000 20.43000 ?  7   DT  A O2     1 
ATOM   204 N  N3     . DT  A 1 7  ? -3.78452  2.73013   -2.46659  1.000 17.31427 ?  7   DT  A N3     1 
ATOM   205 C  C4     . DT  A 1 7  ? -4.60399  2.13083   -1.52929  1.000 14.74941 ?  7   DT  A C4     1 
ATOM   206 O  O4     . DT  A 1 7  ? -4.36422  2.15447   -0.33441  1.000 19.64398 ?  7   DT  A O4     1 
ATOM   207 C  C5     . DT  A 1 7  ? -5.77427  1.49703   -2.05006  1.000 16.03398 ?  7   DT  A C5     1 
ATOM   208 C  C7     . DT  A 1 7  ? -6.74458  0.83361   -1.11132  1.000 18.18917 ?  7   DT  A C7     1 
ATOM   209 C  C6     . DT  A 1 7  ? -5.97619  1.52707   -3.37202  1.000 18.92258 ?  7   DT  A C6     1 
ATOM   210 H  "H5'"  . DT  A 1 7  ? -8.85332  3.66836   -6.60715  1.000 26.97886 ?  7   DT  A "H5'"  1 
ATOM   211 H  "H5''" . DT  A 1 7  ? -9.10207  2.66445   -7.80538  1.000 26.97886 ?  7   DT  A "H5''" 1 
ATOM   212 H  "H4'"  . DT  A 1 7  ? -6.87931  3.19155   -7.81197  1.000 23.61641 ?  7   DT  A "H4'"  1 
ATOM   213 H  "H3'"  . DT  A 1 7  ? -7.54772  0.58559   -7.38904  1.000 30.51996 ?  7   DT  A "H3'"  1 
ATOM   214 H  "H2'"  . DT  A 1 7  ? -6.19828  0.21673   -5.66527  1.000 24.28735 ?  7   DT  A "H2'"  1 
ATOM   215 H  "H2''" . DT  A 1 7  ? -4.99336  0.36432   -6.70118  1.000 24.28735 ?  7   DT  A "H2''" 1 
ATOM   216 H  "H1'"  . DT  A 1 7  ? -4.66040  2.51421   -6.19282  1.000 22.04004 ?  7   DT  A "H1'"  1 
ATOM   217 H  H3     . DT  A 1 7  ? -3.07377  3.11244   -2.16985  1.000 20.80698 ?  7   DT  A H3     1 
ATOM   218 H  H71    . DT  A 1 7  ? -7.61478  1.25393   -1.19547  1.000 21.85686 ?  7   DT  A H71    1 
ATOM   219 H  H72    . DT  A 1 7  ? -6.81770  -0.10712  -1.33458  1.000 21.85686 ?  7   DT  A H72    1 
ATOM   220 H  H73    . DT  A 1 7  ? -6.42822  0.92590   -0.19973  1.000 21.85686 ?  7   DT  A H73    1 
ATOM   221 H  H6     . DT  A 1 7  ? -6.73717  1.11534   -3.71325  1.000 22.73695 ?  7   DT  A H6     1 
ATOM   222 P  P      . DT  A 1 8  ? -5.70331  -0.19122  -9.41872  1.000 27.15719 ?  8   DT  A P      1 
ATOM   223 O  OP1    . DT  A 1 8  ? -5.90818  0.05766   -10.85795 1.000 33.65931 ?  8   DT  A OP1    1 
ATOM   224 O  OP2    . DT  A 1 8  ? -6.26478  -1.41588  -8.78964  1.000 30.05667 -1 8   DT  A OP2    1 
ATOM   225 O  "O5'"  . DT  A 1 8  ? -4.16083  -0.18447  -9.08263  1.000 27.30178 ?  8   DT  A "O5'"  1 
ATOM   226 C  "C5'"  . DT  A 1 8  ? -3.43380  0.99032   -9.26636  1.000 31.45187 ?  8   DT  A "C5'"  1 
ATOM   227 C  "C4'"  . DT  A 1 8  ? -2.09753  0.85717   -8.61186  1.000 34.49718 ?  8   DT  A "C4'"  1 
ATOM   228 O  "O4'"  . DT  A 1 8  ? -2.26140  0.91682   -7.17960  1.000 29.00143 ?  8   DT  A "O4'"  1 
ATOM   229 C  "C3'"  . DT  A 1 8  ? -1.40150  -0.46760  -8.90387  1.000 37.76547 ?  8   DT  A "C3'"  1 
ATOM   230 O  "O3'"  . DT  A 1 8  ? -0.19304  -0.20989  -9.56227  1.000 47.56527 ?  8   DT  A "O3'"  1 
ATOM   231 C  "C2'"  . DT  A 1 8  ? -1.21570  -1.11676  -7.52779  1.000 36.39992 ?  8   DT  A "C2'"  1 
ATOM   232 C  "C1'"  . DT  A 1 8  ? -1.33043  0.06928   -6.58665  1.000 31.87750 ?  8   DT  A "C1'"  1 
ATOM   233 N  N1     . DT  A 1 8  ? -1.80206  -0.22872  -5.21855  1.000 27.87420 ?  8   DT  A N1     1 
ATOM   234 C  C2     . DT  A 1 8  ? -1.10768  0.30144   -4.15033  1.000 24.30327 ?  8   DT  A C2     1 
ATOM   235 O  O2     . DT  A 1 8  ? -0.11022  0.97012   -4.28248  1.000 30.05925 ?  8   DT  A O2     1 
ATOM   236 N  N3     . DT  A 1 8  ? -1.63402  0.02163   -2.92452  1.000 24.14775 ?  8   DT  A N3     1 
ATOM   237 C  C4     . DT  A 1 8  ? -2.76681  -0.69671  -2.65597  1.000 18.51046 ?  8   DT  A C4     1 
ATOM   238 O  O4     . DT  A 1 8  ? -3.15457  -0.90279  -1.52101  1.000 23.90168 ?  8   DT  A O4     1 
ATOM   239 C  C5     . DT  A 1 8  ? -3.46365  -1.21789  -3.81729  1.000 22.10803 ?  8   DT  A C5     1 
ATOM   240 C  C7     . DT  A 1 8  ? -4.70927  -2.03510  -3.64982  1.000 27.79644 ?  8   DT  A C7     1 
ATOM   241 C  C6     . DT  A 1 8  ? -2.95245  -0.95342  -5.03035  1.000 23.70129 ?  8   DT  A C6     1 
ATOM   242 H  "H5'"  . DT  A 1 8  ? -3.91442  1.73363   -8.87021  1.000 37.77209 ?  8   DT  A "H5'"  1 
ATOM   243 H  "H5''" . DT  A 1 8  ? -3.31475  1.15150   -10.21529 1.000 37.77209 ?  8   DT  A "H5''" 1 
ATOM   244 H  "H4'"  . DT  A 1 8  ? -1.52730  1.58736   -8.89837  1.000 41.42647 ?  8   DT  A "H4'"  1 
ATOM   245 H  "H3'"  . DT  A 1 8  ? -1.96941  -1.02452  -9.45902  1.000 45.34842 ?  8   DT  A "H3'"  1 
ATOM   246 H  "H2'"  . DT  A 1 8  ? -1.91557  -1.76365  -7.35648  1.000 43.70976 ?  8   DT  A "H2'"  1 
ATOM   247 H  "H2''" . DT  A 1 8  ? -0.34114  -1.52678  -7.45871  1.000 43.70976 ?  8   DT  A "H2''" 1 
ATOM   248 H  "H1'"  . DT  A 1 8  ? -0.47380  0.52149   -6.53928  1.000 38.28286 ?  8   DT  A "H1'"  1 
ATOM   249 H  H3     . DT  A 1 8  ? -1.21153  0.33754   -2.24541  1.000 29.00716 ?  8   DT  A H3     1 
ATOM   250 H  H71    . DT  A 1 8  ? -5.44690  -1.59692  -4.10246  1.000 33.38559 ?  8   DT  A H71    1 
ATOM   251 H  H72    . DT  A 1 8  ? -4.57198  -2.91518  -4.03309  1.000 33.38559 ?  8   DT  A H72    1 
ATOM   252 H  H73    . DT  A 1 8  ? -4.91478  -2.12204  -2.70647  1.000 33.38559 ?  8   DT  A H73    1 
ATOM   253 H  H6     . DT  A 1 8  ? -3.39919  -1.27730  -5.77904  1.000 28.47141 ?  8   DT  A H6     1 
ATOM   254 P  P      . DA  A 1 9  ? 0.68168   -1.39490  -10.19668 1.000 42.82627 ?  9   DA  A P      1 
ATOM   255 O  OP1    . DA  A 1 9  ? 0.63562   -1.12656  -11.64807 1.000 44.65861 ?  9   DA  A OP1    1 
ATOM   256 O  OP2    . DA  A 1 9  ? 0.25241   -2.71360  -9.70067  1.000 41.18824 -1 9   DA  A OP2    1 
ATOM   257 O  "O5'"  . DA  A 1 9  ? 2.11861   -1.14288  -9.55473  1.000 39.54136 ?  9   DA  A "O5'"  1 
ATOM   258 C  "C5'"  . DA  A 1 9  ? 2.48237   0.16806   -9.15717  1.000 33.03947 ?  9   DA  A "C5'"  1 
ATOM   259 C  "C4'"  . DA  A 1 9  ? 3.58585   0.12839   -8.12661  1.000 36.88948 ?  9   DA  A "C4'"  1 
ATOM   260 O  "O4'"  . DA  A 1 9  ? 3.05834   -0.17589  -6.80421  1.000 35.99255 ?  9   DA  A "O4'"  1 
ATOM   261 C  "C3'"  . DA  A 1 9  ? 4.64093   -0.91615  -8.38539  1.000 39.58273 ?  9   DA  A "C3'"  1 
ATOM   262 O  "O3'"  . DA  A 1 9  ? 5.86556   -0.36959  -8.04294  1.000 47.44218 ?  9   DA  A "O3'"  1 
ATOM   263 C  "C2'"  . DA  A 1 9  ? 4.22055   -2.08669  -7.49095  1.000 38.64113 ?  9   DA  A "C2'"  1 
ATOM   264 C  "C1'"  . DA  A 1 9  ? 3.64625   -1.36736  -6.28820  1.000 38.09627 ?  9   DA  A "C1'"  1 
ATOM   265 N  N9     . DA  A 1 9  ? 2.58683   -2.05316  -5.56797  1.000 30.40074 ?  9   DA  A N9     1 
ATOM   266 C  C8     . DA  A 1 9  ? 1.57658   -2.79403  -6.09945  1.000 27.38415 ?  9   DA  A C8     1 
ATOM   267 N  N7     . DA  A 1 9  ? 0.70523   -3.21045  -5.22179  1.000 26.26765 ?  9   DA  A N7     1 
ATOM   268 C  C5     . DA  A 1 9  ? 1.14856   -2.67543  -4.02319  1.000 22.22150 ?  9   DA  A C5     1 
ATOM   269 C  C6     . DA  A 1 9  ? 0.65526   -2.74679  -2.69410  1.000 24.54302 ?  9   DA  A C6     1 
ATOM   270 N  N6     . DA  A 1 9  ? -0.43881  -3.40837  -2.34896  1.000 26.17080 ?  9   DA  A N6     1 
ATOM   271 N  N1     . DA  A 1 9  ? 1.35524   -2.11555  -1.74048  1.000 22.63845 ?  9   DA  A N1     1 
ATOM   272 C  C2     . DA  A 1 9  ? 2.45188   -1.44010  -2.08761  1.000 26.22226 ?  9   DA  A C2     1 
ATOM   273 N  N3     . DA  A 1 9  ? 3.00693   -1.28808  -3.29080  1.000 26.34064 ?  9   DA  A N3     1 
ATOM   274 C  C4     . DA  A 1 9  ? 2.29839   -1.94062  -4.22349  1.000 29.03409 ?  9   DA  A C4     1 
ATOM   275 H  "H5'"  . DA  A 1 9  ? 1.71293   0.61543   -8.77696  1.000 39.67722 ?  9   DA  A "H5'"  1 
ATOM   276 H  "H5''" . DA  A 1 9  ? 2.78831   0.66350   -9.93358  1.000 39.67722 ?  9   DA  A "H5''" 1 
ATOM   277 H  "H4'"  . DA  A 1 9  ? 4.01258   0.99880   -8.09661  1.000 44.29723 ?  9   DA  A "H4'"  1 
ATOM   278 H  "H3'"  . DA  A 1 9  ? 4.63373   -1.18049  -9.31908  1.000 47.52913 ?  9   DA  A "H3'"  1 
ATOM   279 H  "H2'"  . DA  A 1 9  ? 3.54560   -2.62863  -7.92768  1.000 46.39921 ?  9   DA  A "H2'"  1 
ATOM   280 H  "H2''" . DA  A 1 9  ? 4.98862   -2.62274  -7.23933  1.000 46.39921 ?  9   DA  A "H2''" 1 
ATOM   281 H  "H1'"  . DA  A 1 9  ? 4.36082   -1.13687  -5.67407  1.000 45.74537 ?  9   DA  A "H1'"  1 
ATOM   282 H  H8     . DA  A 1 9  ? 1.51810   -2.99389  -7.00600  1.000 32.89084 ?  9   DA  A H8     1 
ATOM   283 H  H61    . DA  A 1 9  ? -0.68779  -3.42771  -1.52598  1.000 31.43481 ?  9   DA  A H61    1 
ATOM   284 H  H62    . DA  A 1 9  ? -0.89963  -3.81898  -2.94805  1.000 31.43481 ?  9   DA  A H62    1 
ATOM   285 H  H2     . DA  A 1 9  ? 2.88813   -1.00489  -1.39063  1.000 31.49657 ?  9   DA  A H2     1 
ATOM   286 P  P      . DA  A 1 10 ? 7.22759   -1.02658  -8.53816  1.000 49.51215 ?  10  DA  A P      1 
ATOM   287 O  OP1    . DA  A 1 10 ? 7.98233   0.05273   -9.22428  1.000 50.98731 ?  10  DA  A OP1    1 
ATOM   288 O  OP2    . DA  A 1 10 ? 6.88898   -2.30777  -9.20580  1.000 47.42901 -1 10  DA  A OP2    1 
ATOM   289 O  "O5'"  . DA  A 1 10 ? 7.92937   -1.36498  -7.16029  1.000 46.41152 ?  10  DA  A "O5'"  1 
ATOM   290 C  "C5'"  . DA  A 1 10 ? 7.67338   -0.53342  -6.04094  1.000 41.11880 ?  10  DA  A "C5'"  1 
ATOM   291 C  "C4'"  . DA  A 1 10 ? 8.12012   -1.21536  -4.78357  1.000 46.72922 ?  10  DA  A "C4'"  1 
ATOM   292 O  "O4'"  . DA  A 1 10 ? 6.98249   -1.84470  -4.11562  1.000 40.78559 ?  10  DA  A "O4'"  1 
ATOM   293 C  "C3'"  . DA  A 1 10 ? 9.10862   -2.34611  -5.01464  1.000 46.88681 ?  10  DA  A "C3'"  1 
ATOM   294 O  "O3'"  . DA  A 1 10 ? 9.95663   -2.42596  -3.93545  1.000 58.89966 ?  10  DA  A "O3'"  1 
ATOM   295 C  "C2'"  . DA  A 1 10 ? 8.20253   -3.55960  -5.09857  1.000 40.69689 ?  10  DA  A "C2'"  1 
ATOM   296 C  "C1'"  . DA  A 1 10 ? 7.25999   -3.23388  -3.96120  1.000 37.56857 ?  10  DA  A "C1'"  1 
ATOM   297 N  N9     . DA  A 1 10 ? 6.00971   -3.96444  -3.95651  1.000 30.58812 ?  10  DA  A N9     1 
ATOM   298 C  C8     . DA  A 1 10 ? 5.35592   -4.51323  -5.02334  1.000 27.86760 ?  10  DA  A C8     1 
ATOM   299 N  N7     . DA  A 1 10 ? 4.20611   -5.07825  -4.70264  1.000 26.07881 ?  10  DA  A N7     1 
ATOM   300 C  C5     . DA  A 1 10 ? 4.11265   -4.88642  -3.33513  1.000 22.09632 ?  10  DA  A C5     1 
ATOM   301 C  C6     . DA  A 1 10 ? 3.13596   -5.25382  -2.39413  1.000 17.91716 ?  10  DA  A C6     1 
ATOM   302 N  N6     . DA  A 1 10 ? 2.02101   -5.90918  -2.70914  1.000 21.99280 ?  10  DA  A N6     1 
ATOM   303 N  N1     . DA  A 1 10 ? 3.34649   -4.90908  -1.10466  1.000 20.01903 ?  10  DA  A N1     1 
ATOM   304 C  C2     . DA  A 1 10 ? 4.45598   -4.24845  -0.78657  1.000 21.49722 ?  10  DA  A C2     1 
ATOM   305 N  N3     . DA  A 1 10 ? 5.45180   -3.83217  -1.58927  1.000 28.01396 ?  10  DA  A N3     1 
ATOM   306 C  C4     . DA  A 1 10 ? 5.20853   -4.19258  -2.86281  1.000 25.64761 ?  10  DA  A C4     1 
ATOM   307 H  "H5'"  . DA  A 1 10 ? 6.72376   -0.35027  -5.98258  1.000 49.37242 ?  10  DA  A "H5'"  1 
ATOM   308 H  "H5''" . DA  A 1 10 ? 8.15590   0.30153   -6.14334  1.000 49.37242 ?  10  DA  A "H5''" 1 
ATOM   309 H  "H4'"  . DA  A 1 10 ? 8.51757   -0.56039  -4.18838  1.000 56.10493 ?  10  DA  A "H4'"  1 
ATOM   310 H  "H3'"  . DA  A 1 10 ? 9.60157   -2.21902  -5.83989  1.000 56.29403 ?  10  DA  A "H3'"  1 
ATOM   311 H  "H2'"  . DA  A 1 10 ? 7.73495   -3.59172  -5.94797  1.000 48.86612 ?  10  DA  A "H2'"  1 
ATOM   312 H  "H2''" . DA  A 1 10 ? 8.69308   -4.37823  -4.92724  1.000 48.86612 ?  10  DA  A "H2''" 1 
ATOM   313 H  "H1'"  . DA  A 1 10 ? 7.71622   -3.37597  -3.11687  1.000 45.11214 ?  10  DA  A "H1'"  1 
ATOM   314 H  H8     . DA  A 1 10 ? 5.68052   -4.47664  -5.89389  1.000 33.47097 ?  10  DA  A H8     1 
ATOM   315 H  H61    . DA  A 1 10 ? 1.45038   -6.10572  -2.09676  1.000 26.42122 ?  10  DA  A H61    1 
ATOM   316 H  H62    . DA  A 1 10 ? 1.87119   -6.13594  -3.52535  1.000 26.42122 ?  10  DA  A H62    1 
ATOM   317 H  H2     . DA  A 1 10 ? 4.54633   -4.02696  0.11240   1.000 25.82652 ?  10  DA  A H2     1 
ATOM   318 P  P      . DC  A 1 11 ? 11.52288  -2.68929  -4.10600  1.000 55.92396 ?  11  DC  A P      1 
ATOM   319 O  OP1    . DC  A 1 11 ? 12.12304  -1.35532  -4.27387  1.000 47.21019 ?  11  DC  A OP1    1 
ATOM   320 O  OP2    . DC  A 1 11 ? 11.76983  -3.81726  -5.03900  1.000 50.55287 -1 11  DC  A OP2    1 
ATOM   321 O  "O5'"  . DC  A 1 11 ? 11.89787  -3.16658  -2.64657  1.000 42.31910 ?  11  DC  A "O5'"  1 
ATOM   322 C  "C5'"  . DC  A 1 11 ? 11.32516  -2.46019  -1.56455  1.000 41.51135 ?  11  DC  A "C5'"  1 
ATOM   323 C  "C4'"  . DC  A 1 11 ? 10.87441  -3.41165  -0.51417  1.000 38.57514 ?  11  DC  A "C4'"  1 
ATOM   324 O  "O4'"  . DC  A 1 11 ? 9.67880   -4.09484  -0.93876  1.000 35.72822 ?  11  DC  A "O4'"  1 
ATOM   325 C  "C3'"  . DC  A 1 11 ? 11.89426  -4.48118  -0.20881  1.000 38.84264 ?  11  DC  A "C3'"  1 
ATOM   326 O  "O3'"  . DC  A 1 11 ? 12.30427  -4.30894  1.10805   1.000 44.73658 ?  11  DC  A "O3'"  1 
ATOM   327 C  "C2'"  . DC  A 1 11 ? 11.16217  -5.81644  -0.47148  1.000 35.45832 ?  11  DC  A "C2'"  1 
ATOM   328 C  "C1'"  . DC  A 1 11 ? 9.70353   -5.39936  -0.42168  1.000 31.46935 ?  11  DC  A "C1'"  1 
ATOM   329 N  N1     . DC  A 1 11 ? 8.73742   -6.18506  -1.22628  1.000 29.61605 ?  11  DC  A N1     1 
ATOM   330 C  C2     . DC  A 1 11 ? 7.55259   -6.65295  -0.61690  1.000 23.91194 ?  11  DC  A C2     1 
ATOM   331 O  O2     . DC  A 1 11 ? 7.38223   -6.47125  0.59581   1.000 26.09490 ?  11  DC  A O2     1 
ATOM   332 N  N3     . DC  A 1 11 ? 6.63826   -7.29322  -1.37183  1.000 21.86034 ?  11  DC  A N3     1 
ATOM   333 C  C4     . DC  A 1 11 ? 6.84280   -7.46104  -2.67058  1.000 22.30016 ?  11  DC  A C4     1 
ATOM   334 N  N4     . DC  A 1 11 ? 5.90714   -8.09804  -3.36970  1.000 25.30077 ?  11  DC  A N4     1 
ATOM   335 C  C5     . DC  A 1 11 ? 8.02215   -6.97290  -3.31576  1.000 25.00055 ?  11  DC  A C5     1 
ATOM   336 C  C6     . DC  A 1 11 ? 8.92342   -6.33409  -2.56030  1.000 27.12015 ?  11  DC  A C6     1 
ATOM   337 H  "H5'"  . DC  A 1 11 ? 10.56767  -1.94399  -1.87529  1.000 49.84347 ?  11  DC  A "H5'"  1 
ATOM   338 H  "H5''" . DC  A 1 11 ? 11.98772  -1.86032  -1.18793  1.000 49.84347 ?  11  DC  A "H5''" 1 
ATOM   339 H  "H4'"  . DC  A 1 11 ? 10.68351  -2.91680  0.29756   1.000 46.32002 ?  11  DC  A "H4'"  1 
ATOM   340 H  "H3'"  . DC  A 1 11 ? 12.65332  -4.39665  -0.80609  1.000 46.64103 ?  11  DC  A "H3'"  1 
ATOM   341 H  "H2'"  . DC  A 1 11 ? 11.39158  -6.17019  -1.34498  1.000 42.57984 ?  11  DC  A "H2'"  1 
ATOM   342 H  "H2''" . DC  A 1 11 ? 11.36017  -6.45630  0.22666   1.000 42.57984 ?  11  DC  A "H2''" 1 
ATOM   343 H  "H1'"  . DC  A 1 11 ? 9.41024   -5.37958  0.50207   1.000 37.79308 ?  11  DC  A "H1'"  1 
ATOM   344 H  H41    . DC  A 1 11 ? 6.01084   -8.22197  -4.21374  1.000 30.39077 ?  11  DC  A H41    1 
ATOM   345 H  H42    . DC  A 1 11 ? 5.19841   -8.38558  -2.97718  1.000 30.39077 ?  11  DC  A H42    1 
ATOM   346 H  H5     . DC  A 1 11 ? 8.15765   -7.09533  -4.22766  1.000 30.03052 ?  11  DC  A H5     1 
ATOM   347 H  H6     . DC  A 1 11 ? 9.69485   -5.99706  -2.95552  1.000 32.57404 ?  11  DC  A H6     1 
ATOM   348 P  P      . DG  A 1 12 ? 13.48129  -5.19426  1.70043   1.000 50.33326 ?  12  DG  A P      1 
ATOM   349 O  OP1    . DG  A 1 12 ? 14.19082  -4.33522  2.66709   1.000 45.98168 ?  12  DG  A OP1    1 
ATOM   350 O  OP2    . DG  A 1 12 ? 14.14874  -5.87124  0.56211   1.000 46.17185 -1 12  DG  A OP2    1 
ATOM   351 O  "O5'"  . DG  A 1 12 ? 12.69973  -6.29932  2.52716   1.000 34.00707 ?  12  DG  A "O5'"  1 
ATOM   352 C  "C5'"  . DG  A 1 12 ? 11.68512  -5.89879  3.39926   1.000 30.85358 ?  12  DG  A "C5'"  1 
ATOM   353 C  "C4'"  . DG  A 1 12 ? 10.96280  -7.10652  3.92990   1.000 26.88487 ?  12  DG  A "C4'"  1 
ATOM   354 O  "O4'"  . DG  A 1 12 ? 10.11019  -7.62602  2.90018   1.000 26.55410 ?  12  DG  A "O4'"  1 
ATOM   355 C  "C3'"  . DG  A 1 12 ? 11.87614  -8.24947  4.36268   1.000 24.51582 ?  12  DG  A "C3'"  1 
ATOM   356 O  "O3'"  . DG  A 1 12 ? 11.46892  -8.66503  5.61510   1.000 25.74180 ?  12  DG  A "O3'"  1 
ATOM   357 C  "C2'"  . DG  A 1 12 ? 11.69572  -9.31472  3.27719   1.000 23.24905 ?  12  DG  A "C2'"  1 
ATOM   358 C  "C1'"  . DG  A 1 12 ? 10.30789  -9.01835  2.74624   1.000 21.92231 ?  12  DG  A "C1'"  1 
ATOM   359 N  N9     . DG  A 1 12 ? 10.09823  -9.31334  1.33595   1.000 22.73258 ?  12  DG  A N9     1 
ATOM   360 C  C8     . DG  A 1 12 ? 10.93101  -9.03260  0.27649   1.000 24.80039 ?  12  DG  A C8     1 
ATOM   361 N  N7     . DG  A 1 12 ? 10.43098  -9.36174  -0.88293  1.000 22.00923 ?  12  DG  A N7     1 
ATOM   362 C  C5     . DG  A 1 12 ? 9.18408   -9.88422  -0.57452  1.000 22.08545 ?  12  DG  A C5     1 
ATOM   363 C  C6     . DG  A 1 12 ? 8.18285   -10.40301 -1.42316  1.000 18.93604 ?  12  DG  A C6     1 
ATOM   364 O  O6     . DG  A 1 12 ? 8.20911   -10.51045 -2.65599  1.000 19.50663 ?  12  DG  A O6     1 
ATOM   365 N  N1     . DG  A 1 12 ? 7.07309   -10.82450 -0.70560  1.000 16.13587 ?  12  DG  A N1     1 
ATOM   366 C  C2     . DG  A 1 12 ? 6.94181   -10.73939 0.66560   1.000 17.88485 ?  12  DG  A C2     1 
ATOM   367 N  N2     . DG  A 1 12 ? 5.79453   -11.19395 1.18741   1.000 15.80837 ?  12  DG  A N2     1 
ATOM   368 N  N3     . DG  A 1 12 ? 7.87163   -10.23887 1.46938   1.000 17.44193 ?  12  DG  A N3     1 
ATOM   369 C  C4     . DG  A 1 12 ? 8.96215   -9.85157  0.78528   1.000 20.31694 ?  12  DG  A C4     1 
ATOM   370 H  "H5'"  . DG  A 1 12 ? 11.05799  -5.33116  2.92480   1.000 37.05415 ?  12  DG  A "H5'"  1 
ATOM   371 H  "H5''" . DG  A 1 12 ? 12.07246  -5.40452  4.13841   1.000 37.05415 ?  12  DG  A "H5''" 1 
ATOM   372 H  "H4'"  . DG  A 1 12 ? 10.41618  -6.83819  4.68450   1.000 32.29169 ?  12  DG  A "H4'"  1 
ATOM   373 H  "H3'"  . DG  A 1 12 ? 12.79793  -7.94973  4.39048   1.000 29.44884 ?  12  DG  A "H3'"  1 
ATOM   374 H  "H2'"  . DG  A 1 12 ? 12.36134  -9.20921  2.58011   1.000 27.92872 ?  12  DG  A "H2'"  1 
ATOM   375 H  "H2''" . DG  A 1 12 ? 11.73351  -10.20487 3.65975   1.000 27.92872 ?  12  DG  A "H2''" 1 
ATOM   376 H  "H1'"  . DG  A 1 12 ? 9.65117   -9.49689  3.27625   1.000 26.33662 ?  12  DG  A "H1'"  1 
ATOM   377 H  H8     . DG  A 1 12 ? 11.77172  -8.64772  0.37730   1.000 29.79033 ?  12  DG  A H8     1 
ATOM   378 H  H1     . DG  A 1 12 ? 6.41488   -11.15585 -1.14906  1.000 19.39290 ?  12  DG  A H1     1 
ATOM   379 H  H21    . DG  A 1 12 ? 5.66529   -11.15943 2.03700   1.000 18.99989 ?  12  DG  A H21    1 
ATOM   380 H  H22    . DG  A 1 12 ? 5.18700   -11.51931 0.67295   1.000 18.99989 ?  12  DG  A H22    1 
ATOM   381 P  P      . DC  A 1 13 ? 12.32338  -9.71479  6.45816   1.000 29.68891 ?  13  DC  A P      1 
ATOM   382 O  OP1    . DC  A 1 13 ? 11.98850  -9.38499  7.85442   1.000 32.47742 ?  13  DC  A OP1    1 
ATOM   383 O  OP2    . DC  A 1 13 ? 13.70801  -9.85577  5.96179   1.000 29.45904 -1 13  DC  A OP2    1 
ATOM   384 O  "O5'"  . DC  A 1 13 ? 11.60588  -11.10876 6.15212   1.000 24.25842 ?  13  DC  A "O5'"  1 
ATOM   385 C  "C5'"  . DC  A 1 13 ? 10.26550  -11.26885 6.50316   1.000 23.57685 ?  13  DC  A "C5'"  1 
ATOM   386 C  "C4'"  . DC  A 1 13 ? 9.73685   -12.57120 5.97638   1.000 20.65997 ?  13  DC  A "C4'"  1 
ATOM   387 O  "O4'"  . DC  A 1 13 ? 9.48703   -12.44872 4.54471   1.000 21.70877 ?  13  DC  A "O4'"  1 
ATOM   388 C  "C3'"  . DC  A 1 13 ? 10.69256  -13.75752 6.11132   1.000 23.86425 ?  13  DC  A "C3'"  1 
ATOM   389 O  "O3'"  . DC  A 1 13 ? 9.97277   -14.90573 6.41066   1.000 19.52050 ?  13  DC  A "O3'"  1 
ATOM   390 C  "C2'"  . DC  A 1 13 ? 11.28468  -13.85472 4.71837   1.000 17.42144 ?  13  DC  A "C2'"  1 
ATOM   391 C  "C1'"  . DC  A 1 13 ? 10.02792  -13.58946 3.92629   1.000 16.32109 ?  13  DC  A "C1'"  1 
ATOM   392 N  N1     . DC  A 1 13 ? 10.20905  -13.35414 2.49125   1.000 16.69406 ?  13  DC  A N1     1 
ATOM   393 C  C2     . DC  A 1 13 ? 9.13744   -13.63100 1.64247   1.000 15.67614 ?  13  DC  A C2     1 
ATOM   394 O  O2     . DC  A 1 13 ? 8.07130   -14.06944 2.13451   1.000 16.10590 ?  13  DC  A O2     1 
ATOM   395 N  N3     . DC  A 1 13 ? 9.29057   -13.45586 0.31537   1.000 16.01115 ?  13  DC  A N3     1 
ATOM   396 C  C4     . DC  A 1 13 ? 10.44191  -12.99808 -0.16853  1.000 17.08447 ?  13  DC  A C4     1 
ATOM   397 N  N4     . DC  A 1 13 ? 10.53531  -12.82951 -1.47968  1.000 17.59902 ?  13  DC  A N4     1 
ATOM   398 C  C5     . DC  A 1 13 ? 11.54784  -12.67666 0.68350   1.000 18.94666 ?  13  DC  A C5     1 
ATOM   399 C  C6     . DC  A 1 13 ? 11.39596  -12.88927 1.99354   1.000 17.57554 ?  13  DC  A C6     1 
ATOM   400 H  "H5'"  . DC  A 1 13 ? 9.74780   -10.53884 6.13003   1.000 28.32208 ?  13  DC  A "H5'"  1 
ATOM   401 H  "H5''" . DC  A 1 13 ? 10.18412  -11.25738 7.46929   1.000 28.32208 ?  13  DC  A "H5''" 1 
ATOM   402 H  "H4'"  . DC  A 1 13 ? 8.90407   -12.78151 6.42724   1.000 24.82182 ?  13  DC  A "H4'"  1 
ATOM   403 H  "H3'"  . DC  A 1 13 ? 11.37849  -13.58341 6.77500   1.000 28.66696 ?  13  DC  A "H3'"  1 
ATOM   404 H  "H2'"  . DC  A 1 13 ? 11.95226  -13.16748 4.57115   1.000 20.93559 ?  13  DC  A "H2'"  1 
ATOM   405 H  "H2''" . DC  A 1 13 ? 11.63458  -14.74231 4.54236   1.000 20.93559 ?  13  DC  A "H2''" 1 
ATOM   406 H  "H1'"  . DC  A 1 13 ? 9.41740   -14.33315 4.04902   1.000 19.43603 ?  13  DC  A "H1'"  1 
ATOM   407 H  H41    . DC  A 1 13 ? 11.26612  -12.53481 -1.82479  1.000 20.96955 ?  13  DC  A H41    1 
ATOM   408 H  H42    . DC  A 1 13 ? 9.86485   -13.01478 -1.98611  1.000 20.96955 ?  13  DC  A H42    1 
ATOM   409 H  H5     . DC  A 1 13 ? 12.35398  -12.37266 0.33362   1.000 22.76585 ?  13  DC  A H5     1 
ATOM   410 H  H6     . DC  A 1 13 ? 12.09713  -12.70119 2.57452   1.000 20.94137 ?  13  DC  A H6     1 
ATOM   411 P  P      . DA  A 1 14 ? 9.96490   -15.52413 7.88770   1.000 19.37857 ?  14  DA  A P      1 
ATOM   412 O  OP1    . DA  A 1 14 ? 9.65229   -14.47778 8.86908   1.000 21.32274 ?  14  DA  A OP1    1 
ATOM   413 O  OP2    . DA  A 1 14 ? 11.19421  -16.33340 8.01290   1.000 24.14261 -1 14  DA  A OP2    1 
ATOM   414 O  "O5'"  . DA  A 1 14 ? 8.73911   -16.53477 7.83856   1.000 16.43851 ?  14  DA  A "O5'"  1 
ATOM   415 C  "C5'"  . DA  A 1 14 ? 7.44585   -16.01743 7.67948   1.000 18.72162 ?  14  DA  A "C5'"  1 
ATOM   416 C  "C4'"  . DA  A 1 14 ? 6.60332   -16.94809 6.83221   1.000 14.77175 ?  14  DA  A "C4'"  1 
ATOM   417 O  "O4'"  . DA  A 1 14 ? 6.98640   -16.83723 5.42042   1.000 14.62392 ?  14  DA  A "O4'"  1 
ATOM   418 C  "C3'"  . DA  A 1 14 ? 6.74287   -18.42522 7.17495   1.000 15.24896 ?  14  DA  A "C3'"  1 
ATOM   419 O  "O3'"  . DA  A 1 14 ? 5.47065   -19.03415 7.06819   1.000 13.38538 ?  14  DA  A "O3'"  1 
ATOM   420 C  "C2'"  . DA  A 1 14 ? 7.76552   -18.94229 6.14950   1.000 14.03806 ?  14  DA  A "C2'"  1 
ATOM   421 C  "C1'"  . DA  A 1 14 ? 7.43736   -18.12206 4.92093   1.000 13.48526 ?  14  DA  A "C1'"  1 
ATOM   422 N  N9     . DA  A 1 14 ? 8.55044   -17.84422 4.01871   1.000 13.85059 ?  14  DA  A N9     1 
ATOM   423 C  C8     . DA  A 1 14 ? 9.80746   -17.40847 4.37069   1.000 16.50028 ?  14  DA  A C8     1 
ATOM   424 N  N7     . DA  A 1 14 ? 10.57440  -17.08906 3.34572   1.000 17.08523 ?  14  DA  A N7     1 
ATOM   425 C  C5     . DA  A 1 14 ? 9.73704   -17.25381 2.24783   1.000 14.57370 ?  14  DA  A C5     1 
ATOM   426 C  C6     . DA  A 1 14 ? 9.94077   -17.06865 0.85726   1.000 14.90284 ?  14  DA  A C6     1 
ATOM   427 N  N6     . DA  A 1 14 ? 11.07063  -16.62066 0.33150   1.000 15.86792 ?  14  DA  A N6     1 
ATOM   428 N  N1     . DA  A 1 14 ? 8.91870   -17.33062 0.03513   1.000 14.45005 ?  14  DA  A N1     1 
ATOM   429 C  C2     . DA  A 1 14 ? 7.77206   -17.76782 0.55465   1.000 13.72051 ?  14  DA  A C2     1 
ATOM   430 N  N3     . DA  A 1 14 ? 7.45602   -17.96791 1.84301   1.000 13.90581 ?  14  DA  A N3     1 
ATOM   431 C  C4     . DA  A 1 14 ? 8.48989   -17.71541 2.63899   1.000 13.80565 ?  14  DA  A C4     1 
ATOM   432 H  "H5'"  . DA  A 1 14 ? 7.49900   -15.15104 7.24696   1.000 22.49580 ?  14  DA  A "H5'"  1 
ATOM   433 H  "H5''" . DA  A 1 14 ? 7.03242   -15.91519 8.55050   1.000 22.49580 ?  14  DA  A "H5''" 1 
ATOM   434 H  "H4'"  . DA  A 1 14 ? 5.67141   -16.69383 6.92282   1.000 17.75596 ?  14  DA  A "H4'"  1 
ATOM   435 H  "H3'"  . DA  A 1 14 ? 7.08978   -18.52803 8.07479   1.000 18.32861 ?  14  DA  A "H3'"  1 
ATOM   436 H  "H2'"  . DA  A 1 14 ? 8.67147   -18.76794 6.44893   1.000 16.87553 ?  14  DA  A "H2'"  1 
ATOM   437 H  "H2''" . DA  A 1 14 ? 7.63317   -19.88738 5.97782   1.000 16.87553 ?  14  DA  A "H2''" 1 
ATOM   438 H  "H1'"  . DA  A 1 14 ? 6.71838   -18.54872 4.42842   1.000 16.03304 ?  14  DA  A "H1'"  1 
ATOM   439 H  H8     . DA  A 1 14 ? 10.10302  -17.37624 5.25164   1.000 19.83019 ?  14  DA  A H8     1 
ATOM   440 H  H61    . DA  A 1 14 ? 11.13299  -16.50538 -0.51838  1.000 18.89223 ?  14  DA  A H61    1 
ATOM   441 H  H62    . DA  A 1 14 ? 11.74202  -16.44506 0.83955   1.000 18.89223 ?  14  DA  A H62    1 
ATOM   442 H  H2     . DA  A 1 14 ? 7.08768   -17.92387 -0.05586  1.000 16.42904 ?  14  DA  A H2     1 
ATOM   443 P  P      . DG  A 1 15 ? 5.23850   -20.54536 7.57403   1.000 14.07754 ?  15  DG  A P      1 
ATOM   444 O  OP1    . DG  A 1 15 ? 3.78750   -20.71310 7.74998   1.000 15.72111 ?  15  DG  A OP1    1 
ATOM   445 O  OP2    . DG  A 1 15 ? 6.15876   -20.84236 8.63607   1.000 17.37411 -1 15  DG  A OP2    1 
ATOM   446 O  "O5'"  . DG  A 1 15 ? 5.70802   -21.43170 6.33295   1.000 14.02348 ?  15  DG  A "O5'"  1 
ATOM   447 C  "C5'"  . DG  A 1 15 ? 4.94196   -21.43132 5.16098   1.000 13.59716 ?  15  DG  A "C5'"  1 
ATOM   448 C  "C4'"  . DG  A 1 15 ? 5.65462   -22.21504 4.10349   1.000 12.66046 ?  15  DG  A "C4'"  1 
ATOM   449 O  "O4'"  . DG  A 1 15 ? 6.75396   -21.42374 3.59206   1.000 12.41722 ?  15  DG  A "O4'"  1 
ATOM   450 C  "C3'"  . DG  A 1 15 ? 6.26780   -23.50679 4.61080   1.000 12.62349 ?  15  DG  A "C3'"  1 
ATOM   451 O  "O3'"  . DG  A 1 15 ? 5.80318   -24.58081 3.81788   1.000 11.78534 ?  15  DG  A "O3'"  1 
ATOM   452 C  "C2'"  . DG  A 1 15 ? 7.77334   -23.26409 4.44747   1.000 13.08214 ?  15  DG  A "C2'"  1 
ATOM   453 C  "C1'"  . DG  A 1 15 ? 7.78557   -22.30419 3.28549   1.000 12.24789 ?  15  DG  A "C1'"  1 
ATOM   454 N  N9     . DG  A 1 15 ? 9.00797   -21.56901 3.07431   1.000 12.65986 ?  15  DG  A N9     1 
ATOM   455 C  C8     . DG  A 1 15 ? 9.93292   -21.17952 4.00576   1.000 13.17016 ?  15  DG  A C8     1 
ATOM   456 N  N7     . DG  A 1 15 ? 10.96160  -20.57311 3.49453   1.000 14.82379 ?  15  DG  A N7     1 
ATOM   457 C  C5     . DG  A 1 15 ? 10.70940  -20.55454 2.13717   1.000 13.76038 ?  15  DG  A C5     1 
ATOM   458 C  C6     . DG  A 1 15 ? 11.46806  -20.02568 1.08018   1.000 14.51053 ?  15  DG  A C6     1 
ATOM   459 O  O6     . DG  A 1 15 ? 12.54965  -19.44300 1.12548   1.000 15.43093 ?  15  DG  A O6     1 
ATOM   460 N  N1     . DG  A 1 15 ? 10.86525  -20.23663 -0.13545  1.000 15.04516 ?  15  DG  A N1     1 
ATOM   461 C  C2     . DG  A 1 15 ? 9.66845   -20.85710 -0.31644  1.000 13.72722 ?  15  DG  A C2     1 
ATOM   462 N  N2     . DG  A 1 15 ? 9.24869   -20.93400 -1.58206  1.000 13.89185 ?  15  DG  A N2     1 
ATOM   463 N  N3     . DG  A 1 15 ? 8.93552   -21.37144 0.66312   1.000 12.95448 ?  15  DG  A N3     1 
ATOM   464 C  C4     . DG  A 1 15 ? 9.51441   -21.17765 1.86035   1.000 13.03582 ?  15  DG  A C4     1 
ATOM   465 H  "H5'"  . DG  A 1 15 ? 4.81482   -20.51862 4.85721   1.000 16.34645 ?  15  DG  A "H5'"  1 
ATOM   466 H  "H5''" . DG  A 1 15 ? 4.07920   -21.83665 5.33830   1.000 16.34645 ?  15  DG  A "H5''" 1 
ATOM   467 H  "H4'"  . DG  A 1 15 ? 5.03900   -22.41364 3.38127   1.000 15.22241 ?  15  DG  A "H4'"  1 
ATOM   468 H  "H3'"  . DG  A 1 15 ? 6.04364   -23.64743 5.54363   1.000 15.17804 ?  15  DG  A "H3'"  1 
ATOM   469 H  "H2'"  . DG  A 1 15 ? 8.14736   -22.85385 5.24268   1.000 15.72842 ?  15  DG  A "H2'"  1 
ATOM   470 H  "H2''" . DG  A 1 15 ? 8.23633   -24.08602 4.22482   1.000 15.72842 ?  15  DG  A "H2''" 1 
ATOM   471 H  "H1'"  . DG  A 1 15 ? 7.56035   -22.78577 2.47393   1.000 14.72732 ?  15  DG  A "H1'"  1 
ATOM   472 H  H8     . DG  A 1 15 ? 9.83695   -21.34035 4.91646   1.000 15.65492 ?  15  DG  A H8     1 
ATOM   473 H  H1     . DG  A 1 15 ? 11.26197  -19.92839 -0.83357  1.000 18.08404 ?  15  DG  A H1     1 
ATOM   474 H  H21    . DG  A 1 15 ? 8.50133   -21.31766 -1.76469  1.000 16.70007 ?  15  DG  A H21    1 
ATOM   475 H  H22    . DG  A 1 15 ? 9.72629   -20.59931 -2.21477  1.000 16.70007 ?  15  DG  A H22    1 
ATOM   476 P  P      . DC  A 1 16 ? 6.09095   -26.11321 4.22813   1.000 13.76220 ?  16  DC  A P      1 
ATOM   477 O  OP1    . DC  A 1 16 ? 5.08516   -26.90902 3.52225   1.000 16.50755 ?  16  DC  A OP1    1 
ATOM   478 O  OP2    . DC  A 1 16 ? 6.23312   -26.18922 5.65484   1.000 17.27138 -1 16  DC  A OP2    1 
ATOM   479 O  "O5'"  . DC  A 1 16 ? 7.58889   -26.39242 3.75366   1.000 16.70732 ?  16  DC  A "O5'"  1 
ATOM   480 C  "C5'"  . DC  A 1 16 ? 7.83653   -27.11631 2.56638   1.000 18.26628 ?  16  DC  A "C5'"  1 
ATOM   481 C  "C4'"  . DC  A 1 16 ? 7.68061   -26.26731 1.32051   1.000 18.62777 ?  16  DC  A "C4'"  1 
ATOM   482 O  "O4'"  . DC  A 1 16 ? 8.41820   -25.00884 1.45496   1.000 15.62201 ?  16  DC  A "O4'"  1 
ATOM   483 C  "C3'"  . DC  A 1 16 ? 8.24400   -26.91698 0.06453   1.000 20.65125 ?  16  DC  A "C3'"  1 
ATOM   484 O  "O3'"  . DC  A 1 16 ? 7.49612   -26.53331 -1.07610  1.000 28.17683 ?  16  DC  A "O3'"  1 
ATOM   485 C  "C2'"  . DC  A 1 16 ? 9.66409   -26.37968 0.02406   1.000 18.02455 ?  16  DC  A "C2'"  1 
ATOM   486 C  "C1'"  . DC  A 1 16 ? 9.45367   -24.95914 0.49505   1.000 14.38373 ?  16  DC  A "C1'"  1 
ATOM   487 N  N1     . DC  A 1 16 ? 10.65438  -24.35072 1.11110   1.000 12.39917 ?  16  DC  A N1     1 
ATOM   488 C  C2     . DC  A 1 16 ? 11.57498  -23.71011 0.29481   1.000 13.20051 ?  16  DC  A C2     1 
ATOM   489 O  O2     . DC  A 1 16 ? 11.36992  -23.65754 -0.93164  1.000 14.35568 ?  16  DC  A O2     1 
ATOM   490 N  N3     . DC  A 1 16 ? 12.65469  -23.12853 0.85988   1.000 13.90905 ?  16  DC  A N3     1 
ATOM   491 C  C4     . DC  A 1 16 ? 12.83111  -23.20853 2.17906   1.000 13.70625 ?  16  DC  A C4     1 
ATOM   492 N  N4     . DC  A 1 16 ? 13.90798  -22.62970 2.69043   1.000 16.48951 ?  16  DC  A N4     1 
ATOM   493 C  C5     . DC  A 1 16 ? 11.90296  -23.87034 3.02434   1.000 14.73009 ?  16  DC  A C5     1 
ATOM   494 C  C6     . DC  A 1 16 ? 10.85029  -24.43407 2.45222   1.000 14.60135 ?  16  DC  A C6     1 
ATOM   495 H  "H5'"  . DC  A 1 16 ? 7.21501   -27.86020 2.51768   1.000 21.94939 ?  16  DC  A "H5'"  1 
ATOM   496 H  "H5''" . DC  A 1 16 ? 8.74102   -27.46492 2.59611   1.000 21.94939 ?  16  DC  A "H5''" 1 
ATOM   497 H  "H4'"  . DC  A 1 16 ? 6.74050   -26.07155 1.18389   1.000 22.38318 ?  16  DC  A "H4'"  1 
ATOM   498 H  "H3'"  . DC  A 1 16 ? 8.25044   -27.88266 0.15795   1.000 24.81135 ?  16  DC  A "H3'"  1 
ATOM   499 H  "HO3'" . DC  A 1 16 ? 7.87243   -26.12869 -1.70889  1.000 33.84205 ?  16  DC  A "HO3'" 1 
ATOM   500 H  "H2'"  . DC  A 1 16 ? 10.23777  -26.86769 0.63577   1.000 21.65931 ?  16  DC  A "H2'"  1 
ATOM   501 H  "H2''" . DC  A 1 16 ? 10.01690  -26.39794 -0.87956  1.000 21.65931 ?  16  DC  A "H2''" 1 
ATOM   502 H  "H1'"  . DC  A 1 16 ? 9.16736   -24.41394 -0.25356  1.000 17.29034 ?  16  DC  A "H1'"  1 
ATOM   503 H  H41    . DC  A 1 16 ? 14.05275  -22.66229 3.53783   1.000 19.81726 ?  16  DC  A H41    1 
ATOM   504 H  H42    . DC  A 1 16 ? 14.46271  -22.22145 2.17497   1.000 19.81726 ?  16  DC  A H42    1 
ATOM   505 H  H5     . DC  A 1 16 ? 12.03506  -23.91641 3.94358   1.000 17.70597 ?  16  DC  A H5     1 
ATOM   506 H  H6     . DC  A 1 16 ? 10.21703  -24.86296 2.98129   1.000 17.55148 ?  16  DC  A H6     1 
HETATM 507 CA CA     . CA  B 2 .  ? -1.23334  24.45405  5.87339   0.410 20.13605 ?  101 CA  A CA     1 
HETATM 508 CA CA     . CA  C 2 .  ? -14.14515 14.67624  1.57889   1.000 19.39053 ?  102 CA  A CA     1 
HETATM 509 CA CA     . CA  D 2 .  ? -15.01247 5.28162   0.39937   0.389 16.38765 ?  103 CA  A CA     1 
HETATM 510 CA CA     . CA  E 2 .  ? -12.46469 0.86177   0.81841   0.391 15.51117 ?  104 CA  A CA     1 
HETATM 511 CA CA     . CA  F 2 .  ? -7.28343  7.55350   -7.41990  1.000 24.82116 ?  105 CA  A CA     1 
HETATM 512 CA CA     . CA  G 2 .  ? 4.15270   -28.95851 3.29066   0.421 12.35580 ?  106 CA  A CA     1 
HETATM 513 CA CA     . CA  H 2 .  ? -12.65809 -0.67362  -8.00146  1.000 46.96723 ?  107 CA  A CA     1 
HETATM 514 O  O      . HOH I 3 .  ? -5.99771  21.13920  8.80256   1.000 29.58321 ?  201 HOH A O      1 
HETATM 515 O  O      . HOH I 3 .  ? -9.84455  7.39269   6.82732   1.000 30.86131 ?  202 HOH A O      1 
HETATM 516 O  O      . HOH I 3 .  ? -3.65804  16.29744  4.93694   1.000 31.54858 ?  203 HOH A O      1 
HETATM 517 O  O      . HOH I 3 .  ? -7.13365  -0.11778  -13.12265 1.000 47.85923 ?  204 HOH A O      1 
HETATM 518 O  O      . HOH I 3 .  ? 11.82460  -9.04746  -3.04011  1.000 35.02222 ?  205 HOH A O      1 
HETATM 519 O  O      . HOH I 3 .  ? 9.82457   -10.00898 -4.61560  1.000 33.14759 ?  206 HOH A O      1 
HETATM 520 O  O      . HOH I 3 .  ? 7.98484   -22.68416 8.44019   1.000 25.87039 ?  207 HOH A O      1 
HETATM 521 O  O      . HOH I 3 .  ? -11.96032 14.05116  1.77097   1.000 22.62076 ?  208 HOH A O      1 
HETATM 522 O  O      . HOH I 3 .  ? -4.13477  -2.57260  -7.79606  1.000 36.66102 ?  209 HOH A O      1 
HETATM 523 O  O      . HOH I 3 .  ? -10.27904 14.70019  11.04463  1.000 33.96609 ?  210 HOH A O      1 
HETATM 524 O  O      . HOH I 3 .  ? -2.00518  4.38170   -6.65044  1.000 31.95533 ?  211 HOH A O      1 
HETATM 525 O  O      . HOH I 3 .  ? -10.64179 20.07975  3.27160   1.000 29.36449 ?  212 HOH A O      1 
HETATM 526 O  O      . HOH I 3 .  ? -1.87740  19.88768  4.69655   1.000 30.20292 ?  213 HOH A O      1 
HETATM 527 O  O      . HOH I 3 .  ? -12.46920 -0.44744  -2.92062  1.000 23.94527 ?  214 HOH A O      1 
HETATM 528 O  O      . HOH I 3 .  ? 14.79723  -18.85506 2.49370   1.000 25.05458 ?  215 HOH A O      1 
HETATM 529 O  O      . HOH I 3 .  ? -4.47063  13.92016  4.08082   1.000 29.15402 ?  216 HOH A O      1 
HETATM 530 O  O      . HOH I 3 .  ? -3.10483  14.19181  1.64741   1.000 24.72365 ?  217 HOH A O      1 
HETATM 531 O  O      . HOH I 3 .  ? -5.05442  1.36042   2.17251   1.000 33.27689 ?  218 HOH A O      1 
HETATM 532 O  O      . HOH I 3 .  ? 6.35344   -14.40519 4.22830   1.000 20.64794 ?  219 HOH A O      1 
HETATM 533 O  O      . HOH I 3 .  ? 13.28873  -16.73368 6.30600   1.000 40.97659 ?  220 HOH A O      1 
HETATM 534 O  O      . HOH I 3 .  ? -16.33511 7.00507   4.43996   1.000 26.45252 ?  221 HOH A O      1 
HETATM 535 O  O      . HOH I 3 .  ? -3.68237  17.86419  -1.98002  1.000 21.71467 ?  222 HOH A O      1 
HETATM 536 O  O      . HOH I 3 .  ? -2.20704  20.72093  1.78740   1.000 26.92469 ?  223 HOH A O      1 
HETATM 537 O  O      . HOH I 3 .  ? 6.81937   -28.51424 7.01925   1.000 19.37837 ?  224 HOH A O      1 
HETATM 538 O  O      . HOH I 3 .  ? 13.05100  -19.73422 5.09433   1.000 21.73808 ?  225 HOH A O      1 
HETATM 539 O  O      . HOH I 3 .  ? 9.82360   -24.22241 -3.22548  1.000 27.53999 ?  226 HOH A O      1 
HETATM 540 O  O      . HOH I 3 .  ? -10.02120 8.50015   -1.56651  1.000 23.20192 ?  227 HOH A O      1 
HETATM 541 O  O      . HOH I 3 .  ? 11.36128  -19.14822 7.76144   1.000 34.01175 ?  228 HOH A O      1 
HETATM 542 O  O      . HOH I 3 .  ? 4.77815   -18.88540 1.98279   1.000 18.87104 ?  229 HOH A O      1 
HETATM 543 O  O      . HOH I 3 .  ? -8.61356  23.95836  -7.10354  1.000 32.11251 ?  230 HOH A O      1 
HETATM 544 O  O      . HOH I 3 .  ? 7.40073   -2.55118  0.08293   1.000 37.07616 ?  231 HOH A O      1 
HETATM 545 O  O      . HOH I 3 .  ? -11.73829 10.96176  -0.04163  1.000 19.68576 ?  232 HOH A O      1 
HETATM 546 O  O      . HOH I 3 .  ? -9.93003  11.40493  9.39302   1.000 28.03824 ?  233 HOH A O      1 
HETATM 547 O  O      . HOH I 3 .  ? -11.81968 9.94704   8.57597   1.000 28.08707 ?  234 HOH A O      1 
HETATM 548 O  O      . HOH I 3 .  ? -5.87789  5.65778   -6.76732  1.000 25.20642 ?  235 HOH A O      1 
HETATM 549 O  O      . HOH I 3 .  ? 14.05499  -22.36254 5.59618   1.000 27.50797 ?  236 HOH A O      1 
HETATM 550 O  O      . HOH I 3 .  ? 12.92385  -11.88458 -2.88722  1.000 31.68793 ?  237 HOH A O      1 
HETATM 551 O  O      . HOH I 3 .  ? -7.98640  -2.37909  -6.59180  1.000 34.47023 ?  238 HOH A O      1 
HETATM 552 O  O      . HOH I 3 .  ? -4.47317  20.48369  -4.41536  1.000 31.96928 ?  239 HOH A O      1 
HETATM 553 O  O      . HOH I 3 .  ? -7.78614  7.12863   -5.17849  1.000 21.24380 ?  240 HOH A O      1 
HETATM 554 O  O      . HOH I 3 .  ? -3.05008  30.51076  -1.22976  1.000 26.11720 ?  241 HOH A O      1 
HETATM 555 O  O      . HOH I 3 .  ? -14.35383 6.92520   7.68600   1.000 23.79802 ?  242 HOH A O      1 
HETATM 556 O  O      . HOH I 3 .  ? 13.38307  -16.09132 2.33386   1.000 30.64367 ?  243 HOH A O      1 
HETATM 557 O  O      . HOH I 3 .  ? 6.37567   -8.38276  -6.45268  1.000 32.26863 ?  244 HOH A O      1 
HETATM 558 O  O      . HOH I 3 .  ? -11.06071 -1.76014  -6.75392  1.000 33.17923 ?  245 HOH A O      1 
HETATM 559 O  O      . HOH I 3 .  ? -10.44902 23.02439  2.92221   1.000 27.01480 ?  246 HOH A O      1 
HETATM 560 O  O      . HOH I 3 .  ? 5.78291   -29.75098 4.78470   1.000 16.90624 ?  247 HOH A O      1 
HETATM 561 O  O      . HOH I 3 .  ? -15.17244 10.83276  2.96068   1.000 28.91309 ?  248 HOH A O      1 
HETATM 562 O  O      . HOH I 3 .  ? -8.25101  -0.95764  -4.23886  1.000 25.53624 ?  249 HOH A O      1 
HETATM 563 O  O      . HOH I 3 .  ? -3.05570  11.34049  4.69585   1.000 38.14749 ?  250 HOH A O      1 
HETATM 564 O  O      . HOH I 3 .  ? -12.03923 17.01573  4.11591   1.000 26.87438 ?  251 HOH A O      1 
HETATM 565 O  O      . HOH I 3 .  ? -10.59197 0.18411   -0.41395  1.000 19.88313 ?  252 HOH A O      1 
HETATM 566 O  O      . HOH I 3 .  ? -13.62060 -0.99720  -5.84165  1.000 28.88299 ?  253 HOH A O      1 
HETATM 567 O  O      . HOH I 3 .  ? 9.87444   -18.99638 9.84504   1.000 38.94179 ?  254 HOH A O      1 
HETATM 568 O  O      . HOH I 3 .  ? -8.03898  21.65019  8.01044   1.000 33.01092 ?  255 HOH A O      1 
HETATM 569 O  O      . HOH I 3 .  ? 6.13634   -12.43407 6.22365   1.000 25.47225 ?  256 HOH A O      1 
HETATM 570 O  O      . HOH I 3 .  ? 8.29879   -17.86912 11.37320  1.000 38.86572 ?  257 HOH A O      1 
HETATM 571 O  O      . HOH I 3 .  ? -13.76894 12.18574  1.22738   1.000 24.83755 ?  258 HOH A O      1 
HETATM 572 O  O      . HOH I 3 .  ? -4.14231  4.37218   -8.60846  1.000 30.66715 ?  259 HOH A O      1 
HETATM 573 O  O      . HOH I 3 .  ? 9.93274   -21.68653 7.39635   1.000 25.71967 ?  260 HOH A O      1 
HETATM 574 O  O      . HOH I 3 .  ? 16.32135  -19.97339 4.72527   1.000 43.25442 ?  261 HOH A O      1 
HETATM 575 O  O      . HOH I 3 .  ? 6.98813   1.65254   -1.84474  1.000 41.33136 ?  262 HOH A O      1 
HETATM 576 O  O      . HOH I 3 .  ? -6.27155  9.55205   -6.54579  1.000 24.88641 ?  263 HOH A O      1 
HETATM 577 O  O      . HOH I 3 .  ? -4.84493  7.79010   -8.31646  1.000 31.49219 ?  264 HOH A O      1 
HETATM 578 O  O      . HOH I 3 .  ? 2.75408   -20.21275 2.93892   1.000 28.59095 ?  265 HOH A O      1 
HETATM 579 O  O      . HOH I 3 .  ? 8.13239   -1.39634  1.94591   1.000 32.25690 ?  266 HOH A O      1 
HETATM 580 O  O      . HOH I 3 .  ? -11.76476 -2.75814  -2.40666  1.000 33.65940 ?  267 HOH A O      1 
HETATM 581 O  O      . HOH I 3 .  ? 8.11556   -23.85897 11.26289  1.000 32.72162 ?  268 HOH A O      1 
HETATM 582 O  O      . HOH I 3 .  ? -8.99058  5.98155   -8.07384  1.000 24.91824 ?  269 HOH A O      1 
HETATM 583 O  O      . HOH I 3 .  ? -9.10798  4.25231   -10.41883 1.000 41.16728 ?  270 HOH A O      1 
HETATM 584 O  O      . HOH I 3 .  ? 14.78709  -18.33629 4.93809   1.000 27.58917 ?  271 HOH A O      1 
HETATM 585 O  O      . HOH I 3 .  ? -13.70341 15.29264  -0.61580  1.000 15.69802 ?  272 HOH A O      1 
HETATM 586 O  O      . HOH I 3 .  ? -10.56857 19.85066  8.16690   1.000 42.74117 ?  273 HOH A O      1 
HETATM 587 O  O      . HOH I 3 .  ? -10.77287 10.91169  11.79515  1.000 32.48208 ?  274 HOH A O      1 
HETATM 588 O  O      . HOH I 3 .  ? -14.98504 -0.71179  -8.29265  1.000 32.05408 ?  275 HOH A O      1 
HETATM 589 O  O      . HOH I 3 .  ? -17.12951 5.73813   -0.25674  1.000 22.72720 ?  276 HOH A O      1 
HETATM 590 O  O      . HOH I 3 .  ? -7.38698  25.71295  -8.05270  1.000 38.35156 ?  277 HOH A O      1 
HETATM 591 O  O      . HOH I 3 .  ? 0.30603   23.88093  7.58359   1.000 24.43032 ?  278 HOH A O      1 
HETATM 592 O  O      . HOH I 3 .  ? -2.20345  19.88914  -0.93355  1.000 27.93288 ?  279 HOH A O      1 
HETATM 593 O  O      . HOH I 3 .  ? 11.71655  -9.57916  -5.75223  1.000 46.61340 ?  280 HOH A O      1 
HETATM 594 O  O      . HOH I 3 .  ? -6.54766  23.11955  -8.65632  1.000 40.10433 ?  281 HOH A O      1 
HETATM 595 O  O      . HOH I 3 .  ? 12.12401  -23.74666 7.03865   1.000 31.01498 ?  282 HOH A O      1 
HETATM 596 O  O      . HOH I 3 .  ? -14.00955 17.62463  1.81599   1.000 26.67443 ?  283 HOH A O      1 
HETATM 597 O  O      . HOH I 3 .  ? 0.71341   28.70680  -0.63687  1.000 41.45645 ?  284 HOH A O      1 
HETATM 598 O  O      . HOH I 3 .  ? -10.97696 -4.95577  -3.83803  1.000 39.78801 ?  285 HOH A O      1 
HETATM 599 O  O      . HOH I 3 .  ? -15.19141 -0.39774  -11.12582 1.000 41.42377 ?  286 HOH A O      1 
HETATM 600 O  O      . HOH I 3 .  ? -16.19403 13.82143  0.66645   1.000 25.63607 ?  287 HOH A O      1 
HETATM 601 O  O      . HOH I 3 .  ? -16.17429 16.09395  1.74248   1.000 18.62674 ?  288 HOH A O      1 
HETATM 602 O  O      . HOH I 3 .  ? -7.62862  8.30769   -9.74706  1.000 31.87137 ?  289 HOH A O      1 
HETATM 603 O  O      . HOH I 3 .  ? 0.84122   -18.92522 1.53067   1.000 33.40455 ?  290 HOH A O      1 
HETATM 604 O  O      . HOH I 3 .  ? -4.70888  8.54171   -11.30042 1.000 39.41321 ?  291 HOH A O      1 
HETATM 605 O  O      . HOH I 3 .  ? -18.41096 15.24290  0.23196   1.000 25.72816 ?  292 HOH A O      1 
# 
loop_
_atom_site_anisotrop.id 
_atom_site_anisotrop.type_symbol 
_atom_site_anisotrop.pdbx_label_atom_id 
_atom_site_anisotrop.pdbx_label_alt_id 
_atom_site_anisotrop.pdbx_label_comp_id 
_atom_site_anisotrop.pdbx_label_asym_id 
_atom_site_anisotrop.pdbx_label_seq_id 
_atom_site_anisotrop.pdbx_PDB_ins_code 
_atom_site_anisotrop.U[1][1] 
_atom_site_anisotrop.U[2][2] 
_atom_site_anisotrop.U[3][3] 
_atom_site_anisotrop.U[1][2] 
_atom_site_anisotrop.U[1][3] 
_atom_site_anisotrop.U[2][3] 
_atom_site_anisotrop.pdbx_auth_seq_id 
_atom_site_anisotrop.pdbx_auth_comp_id 
_atom_site_anisotrop.pdbx_auth_asym_id 
_atom_site_anisotrop.pdbx_auth_atom_id 
1   O  "O5'" . DG  A 1  ? 0.40169 0.45087 0.58144 -0.01697 0.03929  0.02642  1   DG  A "O5'" 
2   C  "C5'" . DG  A 1  ? 0.20174 0.24815 0.40586 -0.01843 0.02742  0.02776  1   DG  A "C5'" 
3   C  "C4'" . DG  A 1  ? 0.15076 0.18923 0.32190 -0.02412 0.00360  0.01829  1   DG  A "C4'" 
4   O  "O4'" . DG  A 1  ? 0.15826 0.19538 0.27815 -0.02460 0.01145  0.01232  1   DG  A "O4'" 
5   C  "C3'" . DG  A 1  ? 0.17425 0.20643 0.35449 -0.02438 -0.00778 0.01754  1   DG  A "C3'" 
6   O  "O3'" . DG  A 1  ? 0.15044 0.16910 0.30870 -0.02681 -0.03306 0.01048  1   DG  A "O3'" 
7   C  "C2'" . DG  A 1  ? 0.13524 0.16857 0.28125 -0.02240 0.00852  0.01584  1   DG  A "C2'" 
8   C  "C1'" . DG  A 1  ? 0.13863 0.17202 0.24337 -0.02385 0.01264  0.01028  1   DG  A "C1'" 
9   N  N9    . DG  A 1  ? 0.13650 0.17174 0.21875 -0.01937 0.03129  0.00948  1   DG  A N9    
10  C  C8    . DG  A 1  ? 0.18458 0.22057 0.27742 -0.01129 0.05073  0.01530  1   DG  A C8    
11  N  N7    . DG  A 1  ? 0.18252 0.21293 0.24248 -0.00586 0.06015  0.01120  1   DG  A N7    
12  C  C5    . DG  A 1  ? 0.14386 0.17376 0.17889 -0.01264 0.04692  0.00278  1   DG  A C5    
13  C  C6    . DG  A 1  ? 0.17147 0.19610 0.17609 -0.01122 0.04680  -0.00471 1   DG  A C6    
14  O  O6    . DG  A 1  ? 0.20385 0.22066 0.19144 -0.00272 0.05472  -0.00734 1   DG  A O6    
15  N  N1    . DG  A 1  ? 0.16708 0.19211 0.16211 -0.01900 0.03523  -0.00917 1   DG  A N1    
16  C  C2    . DG  A 1  ? 0.15717 0.18253 0.15959 -0.02490 0.02483  -0.00721 1   DG  A C2    
17  N  N2    . DG  A 1  ? 0.17200 0.19168 0.15755 -0.02851 0.01886  -0.01030 1   DG  A N2    
18  N  N3    . DG  A 1  ? 0.13556 0.16291 0.16111 -0.02536 0.02019  -0.00233 1   DG  A N3    
19  C  C4    . DG  A 1  ? 0.13451 0.16639 0.18017 -0.02024 0.03172  0.00263  1   DG  A C4    
32  P  P     . DC  A 2  ? 0.16041 0.16450 0.31951 -0.02569 -0.05310 0.00729  2   DC  A P     
33  O  OP1   . DC  A 2  ? 0.17794 0.16346 0.33908 -0.02382 -0.08303 0.00286  2   DC  A OP1   
34  O  OP2   . DC  A 2  ? 0.16303 0.17509 0.36271 -0.02464 -0.04451 0.01315  2   DC  A OP2   
35  O  "O5'" . DC  A 2  ? 0.16521 0.16307 0.26978 -0.02576 -0.04631 0.00253  2   DC  A "O5'" 
36  C  "C5'" . DC  A 2  ? 0.22980 0.21351 0.29112 -0.02497 -0.05388 -0.00212 2   DC  A "C5'" 
37  C  "C4'" . DC  A 2  ? 0.21372 0.19401 0.23907 -0.02476 -0.04241 -0.00407 2   DC  A "C4'" 
38  O  "O4'" . DC  A 2  ? 0.22118 0.21965 0.24837 -0.02744 -0.02151 -0.00291 2   DC  A "O4'" 
39  C  "C3'" . DC  A 2  ? 0.31656 0.29123 0.34551 -0.02295 -0.04555 -0.00434 2   DC  A "C3'" 
40  O  "O3'" . DC  A 2  ? 0.32180 0.27125 0.31822 -0.01781 -0.05796 -0.00721 2   DC  A "O3'" 
41  C  "C2'" . DC  A 2  ? 0.35316 0.34145 0.37640 -0.02499 -0.02541 -0.00374 2   DC  A "C2'" 
42  C  "C1'" . DC  A 2  ? 0.28642 0.28514 0.30244 -0.02699 -0.01338 -0.00397 2   DC  A "C1'" 
43  N  N1    . DC  A 2  ? 0.21200 0.22462 0.24130 -0.02643 0.00149  -0.00248 2   DC  A N1    
44  C  C2    . DC  A 2  ? 0.16136 0.17573 0.17273 -0.02583 0.01123  -0.00559 2   DC  A C2    
45  O  O2    . DC  A 2  ? 0.20610 0.21356 0.19834 -0.02729 0.00940  -0.00827 2   DC  A O2    
46  N  N3    . DC  A 2  ? 0.15128 0.17127 0.16722 -0.02186 0.02230  -0.00518 2   DC  A N3    
47  C  C4    . DC  A 2  ? 0.14852 0.17241 0.18560 -0.01818 0.02865  0.00021  2   DC  A C4    
48  N  N4    . DC  A 2  ? 0.16067 0.18313 0.19332 -0.01070 0.04162  0.00140  2   DC  A N4    
49  C  C5    . DC  A 2  ? 0.18724 0.21304 0.25229 -0.02023 0.02157  0.00498  2   DC  A C5    
50  C  C6    . DC  A 2  ? 0.21377 0.23367 0.27393 -0.02456 0.00550  0.00237  2   DC  A C6    
62  P  P     . DT  A 3  ? 0.33371 0.27322 0.32662 -0.01479 -0.06183 -0.00816 3   DT  A P     
63  O  OP1   . DT  A 3  ? 0.43834 0.34417 0.40282 -0.00592 -0.08267 -0.01133 3   DT  A OP1   
64  O  OP2   . DT  A 3  ? 0.32193 0.27962 0.35607 -0.01831 -0.05865 -0.00587 3   DT  A OP2   
65  O  "O5'" . DT  A 3  ? 0.31451 0.25865 0.28329 -0.01596 -0.04112 -0.00749 3   DT  A "O5'" 
66  C  "C5'" . DT  A 3  ? 0.29772 0.23189 0.23614 -0.01402 -0.03339 -0.00709 3   DT  A "C5'" 
67  C  "C4'" . DT  A 3  ? 0.26993 0.21082 0.20290 -0.01564 -0.01544 -0.00613 3   DT  A "C4'" 
68  O  "O4'" . DT  A 3  ? 0.26948 0.23625 0.22753 -0.02176 -0.00624 -0.00696 3   DT  A "O4'" 
69  C  "C3'" . DT  A 3  ? 0.32501 0.25663 0.25368 -0.01234 -0.01551 -0.00602 3   DT  A "C3'" 
70  O  "O3'" . DT  A 3  ? 0.34595 0.26648 0.25590 -0.00909 -0.00178 -0.00365 3   DT  A "O3'" 
71  C  "C2'" . DT  A 3  ? 0.26542 0.22146 0.22502 -0.01798 -0.01156 -0.00687 3   DT  A "C2'" 
72  C  "C1'" . DT  A 3  ? 0.24829 0.22165 0.21704 -0.02218 -0.00170 -0.00736 3   DT  A "C1'" 
73  N  N1    . DT  A 3  ? 0.20459 0.19574 0.19757 -0.02420 0.00081  -0.00723 3   DT  A N1    
74  C  C2    . DT  A 3  ? 0.21946 0.22043 0.21517 -0.02428 0.01074  -0.00896 3   DT  A C2    
75  O  O2    . DT  A 3  ? 0.22240 0.22118 0.20975 -0.02451 0.01513  -0.01129 3   DT  A O2    
76  N  N3    . DT  A 3  ? 0.18951 0.19915 0.19911 -0.02224 0.01509  -0.00754 3   DT  A N3    
77  C  C4    . DT  A 3  ? 0.15605 0.16899 0.18576 -0.02141 0.01348  -0.00307 3   DT  A C4    
78  O  O4    . DT  A 3  ? 0.17519 0.19299 0.21664 -0.01742 0.02263  0.00015  3   DT  A O4    
79  C  C5    . DT  A 3  ? 0.20217 0.20826 0.23813 -0.02349 0.00022  -0.00213 3   DT  A C5    
80  C  C7    . DT  A 3  ? 0.19289 0.20140 0.26152 -0.02301 -0.00582 0.00226  3   DT  A C7    
81  C  C6    . DT  A 3  ? 0.21810 0.21188 0.23100 -0.02401 -0.00673 -0.00496 3   DT  A C6    
94  P  P     . DG  A 4  ? 0.36301 0.26919 0.26280 -0.00383 0.00258  -0.00229 4   DG  A P     
95  O  OP1   . DG  A 4  ? 0.43811 0.31668 0.30729 0.00518  0.01401  0.00261  4   DG  A OP1   
96  O  OP2   . DG  A 4  ? 0.39706 0.29905 0.30097 -0.00227 -0.01330 -0.00497 4   DG  A OP2   
97  O  "O5'" . DG  A 4  ? 0.28377 0.21476 0.21158 -0.01072 0.01432  -0.00305 4   DG  A "O5'" 
98  C  "C5'" . DG  A 4  ? 0.26567 0.20674 0.20385 -0.01405 0.02522  -0.00259 4   DG  A "C5'" 
99  C  "C4'" . DG  A 4  ? 0.23240 0.18956 0.19492 -0.01765 0.03004  -0.00495 4   DG  A "C4'" 
100 O  "O4'" . DG  A 4  ? 0.22042 0.19491 0.19600 -0.02110 0.02248  -0.00884 4   DG  A "O4'" 
101 C  "C3'" . DG  A 4  ? 0.25840 0.20864 0.22177 -0.01479 0.03318  -0.00354 4   DG  A "C3'" 
102 O  "O3'" . DG  A 4  ? 0.23610 0.19353 0.22159 -0.01636 0.04130  -0.00407 4   DG  A "O3'" 
103 C  "C2'" . DG  A 4  ? 0.22591 0.18654 0.19519 -0.01675 0.02220  -0.00654 4   DG  A "C2'" 
104 C  "C1'" . DG  A 4  ? 0.20635 0.18438 0.18931 -0.02055 0.01995  -0.00954 4   DG  A "C1'" 
105 N  N9    . DG  A 4  ? 0.20432 0.18945 0.19280 -0.02125 0.01280  -0.00957 4   DG  A N9    
106 C  C8    . DG  A 4  ? 0.23718 0.21498 0.22226 -0.02041 0.00385  -0.00792 4   DG  A C8    
107 N  N7    . DG  A 4  ? 0.21255 0.20017 0.21495 -0.02139 0.00064  -0.00695 4   DG  A N7    
108 C  C5    . DG  A 4  ? 0.19344 0.19261 0.20240 -0.02127 0.00958  -0.00777 4   DG  A C5    
109 C  C6    . DG  A 4  ? 0.18475 0.19233 0.20698 -0.01898 0.01453  -0.00569 4   DG  A C6    
110 O  O6    . DG  A 4  ? 0.19120 0.20163 0.23075 -0.01834 0.01386  -0.00152 4   DG  A O6    
111 N  N1    . DG  A 4  ? 0.16874 0.17778 0.18356 -0.01544 0.02104  -0.00847 4   DG  A N1    
112 C  C2    . DG  A 4  ? 0.18626 0.19230 0.19211 -0.01597 0.02013  -0.01325 4   DG  A C2    
113 N  N2    . DG  A 4  ? 0.18401 0.18796 0.18523 -0.01075 0.02152  -0.01708 4   DG  A N2    
114 N  N3    . DG  A 4  ? 0.17746 0.17927 0.18013 -0.01955 0.01814  -0.01374 4   DG  A N3    
115 C  C4    . DG  A 4  ? 0.17667 0.17394 0.17693 -0.02125 0.01420  -0.01058 4   DG  A C4    
127 P  P     . DC  A 5  ? 0.25211 0.20480 0.24835 -0.01394 0.04808  -0.00214 5   DC  A P     
128 O  OP1   . DC  A 5  ? 0.29103 0.24729 0.31574 -0.01506 0.05607  -0.00164 5   DC  A OP1   
129 O  OP2   . DC  A 5  ? 0.29307 0.22472 0.26366 -0.00745 0.05186  0.00249  5   DC  A OP2   
130 O  "O5'" . DC  A 5  ? 0.21952 0.18803 0.22620 -0.01691 0.03732  -0.00768 5   DC  A "O5'" 
131 C  "C5'" . DC  A 5  ? 0.21454 0.19615 0.23817 -0.01904 0.03188  -0.01301 5   DC  A "C5'" 
132 C  "C4'" . DC  A 5  ? 0.17331 0.16267 0.19567 -0.01842 0.02433  -0.01593 5   DC  A "C4'" 
133 O  "O4'" . DC  A 5  ? 0.16786 0.15990 0.17824 -0.01889 0.02090  -0.01461 5   DC  A "O4'" 
134 C  "C3'" . DC  A 5  ? 0.18991 0.17642 0.21226 -0.01745 0.02525  -0.01413 5   DC  A "C3'" 
135 O  "O3'" . DC  A 5  ? 0.18615 0.17836 0.21904 -0.01587 0.02058  -0.01793 5   DC  A "O3'" 
136 C  "C2'" . DC  A 5  ? 0.19494 0.18046 0.20348 -0.01763 0.02112  -0.01195 5   DC  A "C2'" 
137 C  "C1'" . DC  A 5  ? 0.20159 0.19550 0.21230 -0.01793 0.01822  -0.01356 5   DC  A "C1'" 
138 N  N1    . DC  A 5  ? 0.16520 0.16056 0.17402 -0.01837 0.01465  -0.01095 5   DC  A N1    
139 C  C2    . DC  A 5  ? 0.18131 0.18370 0.19645 -0.01632 0.01586  -0.01026 5   DC  A C2    
140 O  O2    . DC  A 5  ? 0.18698 0.19044 0.20034 -0.01270 0.01823  -0.01295 5   DC  A O2    
141 N  N3    . DC  A 5  ? 0.16010 0.16445 0.18388 -0.01661 0.01419  -0.00644 5   DC  A N3    
142 C  C4    . DC  A 5  ? 0.19028 0.18863 0.21468 -0.01891 0.00650  -0.00545 5   DC  A C4    
143 N  N4    . DC  A 5  ? 0.21427 0.21406 0.25537 -0.01907 0.00184  -0.00227 5   DC  A N4    
144 C  C5    . DC  A 5  ? 0.17783 0.16453 0.18615 -0.01909 0.00322  -0.00728 5   DC  A C5    
145 C  C6    . DC  A 5  ? 0.18750 0.17368 0.18913 -0.01881 0.01000  -0.00901 5   DC  A C6    
157 P  P     . DG  A 6  ? 0.16382 0.15503 0.21927 -0.01456 0.01888  -0.02169 6   DG  A P     
158 O  OP1   . DG  A 6  ? 0.16406 0.15255 0.23083 -0.01601 0.02284  -0.02126 6   DG  A OP1   
159 O  OP2   . DG  A 6  ? 0.16556 0.15463 0.23018 -0.01430 0.02239  -0.01963 6   DG  A OP2   
160 O  "O5'" . DG  A 6  ? 0.17392 0.16620 0.22654 -0.00953 0.00759  -0.02809 6   DG  A "O5'" 
161 C  "C5'" . DG  A 6  ? 0.16829 0.15824 0.21382 -0.00632 0.00249  -0.03215 6   DG  A "C5'" 
162 C  "C4'" . DG  A 6  ? 0.17869 0.16224 0.20755 0.00254  -0.00423 -0.03553 6   DG  A "C4'" 
163 O  "O4'" . DG  A 6  ? 0.19894 0.18619 0.21196 0.00287  0.00392  -0.02930 6   DG  A "O4'" 
164 C  "C3'" . DG  A 6  ? 0.18437 0.16329 0.21772 0.00684  -0.01091 -0.03813 6   DG  A "C3'" 
165 O  "O3'" . DG  A 6  ? 0.24617 0.20950 0.26294 0.01913  -0.02194 -0.04459 6   DG  A "O3'" 
166 C  "C2'" . DG  A 6  ? 0.20285 0.18874 0.22796 0.00387  -0.00169 -0.03087 6   DG  A "C2'" 
167 C  "C1'" . DG  A 6  ? 0.19961 0.18727 0.21068 0.00459  0.00522  -0.02649 6   DG  A "C1'" 
168 N  N9    . DG  A 6  ? 0.21020 0.20614 0.22454 -0.00218 0.01225  -0.01983 6   DG  A N9    
169 C  C8    . DG  A 6  ? 0.23078 0.22978 0.25213 -0.00919 0.01370  -0.01799 6   DG  A C8    
170 N  N7    . DG  A 6  ? 0.20235 0.20309 0.22210 -0.01190 0.01538  -0.01357 6   DG  A N7    
171 C  C5    . DG  A 6  ? 0.17649 0.17907 0.19572 -0.00801 0.01752  -0.01110 6   DG  A C5    
172 C  C6    . DG  A 6  ? 0.22178 0.22694 0.24924 -0.00865 0.01948  -0.00560 6   DG  A C6    
173 O  O6    . DG  A 6  ? 0.23608 0.24113 0.27072 -0.01289 0.01502  -0.00374 6   DG  A O6    
174 N  N1    . DG  A 6  ? 0.19522 0.19921 0.22306 -0.00182 0.02664  -0.00209 6   DG  A N1    
175 C  C2    . DG  A 6  ? 0.20371 0.20015 0.21597 0.00672  0.02944  -0.00477 6   DG  A C2    
176 N  N2    . DG  A 6  ? 0.25619 0.24574 0.26382 0.01624  0.03933  0.00051  6   DG  A N2    
177 N  N3    . DG  A 6  ? 0.21167 0.20397 0.21445 0.00765  0.02239  -0.01209 6   DG  A N3    
178 C  C4    . DG  A 6  ? 0.17681 0.17483 0.18839 -0.00100 0.01761  -0.01430 6   DG  A C4    
190 P  P     . DT  A 7  ? 0.28233 0.23254 0.29215 0.02906  -0.03314 -0.04902 7   DT  A P     
191 O  OP1   . DT  A 7  ? 0.37334 0.30066 0.36886 0.04280  -0.05007 -0.05879 7   DT  A OP1   
192 O  OP2   . DT  A 7  ? 0.27059 0.23117 0.30717 0.02100  -0.03298 -0.04771 7   DT  A OP2   
193 O  "O5'" . DT  A 7  ? 0.27363 0.22216 0.25672 0.03431  -0.02111 -0.04127 7   DT  A "O5'" 
194 C  "C5'" . DT  A 7  ? 0.32019 0.25654 0.27655 0.04453  -0.01518 -0.03910 7   DT  A "C5'" 
195 C  "C4'" . DT  A 7  ? 0.28868 0.22516 0.23298 0.04841  -0.00055 -0.02921 7   DT  A "C4'" 
196 O  "O4'" . DT  A 7  ? 0.25283 0.21186 0.21981 0.03367  0.00957  -0.02208 7   DT  A "O4'" 
197 C  "C3'" . DT  A 7  ? 0.36671 0.29494 0.30375 0.05476  -0.00480 -0.02937 7   DT  A "C3'" 
198 O  "O3'" . DT  A 7  ? 0.38155 0.28367 0.28387 0.07406  -0.00047 -0.02692 7   DT  A "O3'" 
199 C  "C2'" . DT  A 7  ? 0.28686 0.23637 0.24484 0.04191  0.00586  -0.02118 7   DT  A "C2'" 
200 C  "C1'" . DT  A 7  ? 0.25500 0.21728 0.22462 0.03363  0.01608  -0.01566 7   DT  A "C1'" 
201 N  N1    . DT  A 7  ? 0.24096 0.22202 0.23397 0.01871  0.01763  -0.01291 7   DT  A N1    
202 C  C2    . DT  A 7  ? 0.21251 0.20082 0.21634 0.01486  0.02616  -0.00519 7   DT  A C2    
203 O  O2    . DT  A 7  ? 0.26402 0.24700 0.26522 0.02208  0.03570  0.00111  7   DT  A O2    
204 N  N3    . DT  A 7  ? 0.21362 0.21199 0.23225 0.00408  0.02296  -0.00480 7   DT  A N3    
205 C  C4    . DT  A 7  ? 0.17980 0.18044 0.20017 -0.00202 0.01681  -0.00962 7   DT  A C4    
206 O  O4    . DT  A 7  ? 0.23926 0.24215 0.26497 -0.00808 0.01520  -0.00863 7   DT  A O4    
207 C  C5    . DT  A 7  ? 0.19898 0.19516 0.21509 0.00124  0.01209  -0.01567 7   DT  A C5    
208 C  C7    . DT  A 7  ? 0.22249 0.22010 0.24851 -0.00405 0.00938  -0.01887 7   DT  A C7    
209 C  C6    . DT  A 7  ? 0.24258 0.22964 0.24676 0.01084  0.01025  -0.01798 7   DT  A C6    
222 P  P     . DT  A 8  ? 0.42271 0.30580 0.30334 0.08752  -0.00353 -0.02614 8   DT  A P     
223 O  OP1   . DT  A 8  ? 0.53296 0.37736 0.36859 0.11195  -0.00732 -0.02929 8   DT  A OP1   
224 O  OP2   . DT  A 8  ? 0.44857 0.34269 0.35075 0.07821  -0.01887 -0.03293 8   DT  A OP2   
225 O  "O5'" . DT  A 8  ? 0.41783 0.31273 0.30678 0.08397  0.01917  -0.01163 8   DT  A "O5'" 
226 C  "C5'" . DT  A 8  ? 0.47017 0.36527 0.35959 0.08661  0.03795  -0.00192 8   DT  A "C5'" 
227 C  "C4'" . DT  A 8  ? 0.49384 0.40660 0.41030 0.07789  0.05349  0.01002  8   DT  A "C4'" 
228 O  "O4'" . DT  A 8  ? 0.40309 0.34482 0.35403 0.05646  0.04556  0.00676  8   DT  A "O4'" 
229 C  "C3'" . DT  A 8  ? 0.54106 0.44533 0.44853 0.08475  0.05606  0.01405  8   DT  A "C3'" 
230 O  "O3'" . DT  A 8  ? 0.67078 0.56222 0.57427 0.09708  0.07905  0.02845  8   DT  A "O3'" 
231 C  "C2'" . DT  A 8  ? 0.50284 0.43570 0.44449 0.06437  0.04838  0.01200  8   DT  A "C2'" 
232 C  "C1'" . DT  A 8  ? 0.43021 0.38246 0.39854 0.05016  0.04876  0.01194  8   DT  A "C1'" 
233 N  N1    . DT  A 8  ? 0.36622 0.33793 0.35495 0.03325  0.03661  0.00547  8   DT  A N1    
234 C  C2    . DT  A 8  ? 0.30754 0.29379 0.32209 0.02197  0.03869  0.00953  8   DT  A C2    
235 O  O2    . DT  A 8  ? 0.37505 0.36227 0.40479 0.02348  0.04857  0.01801  8   DT  A O2    
236 N  N3    . DT  A 8  ? 0.29965 0.29554 0.32231 0.01072  0.02854  0.00358  8   DT  A N3    
237 C  C4    . DT  A 8  ? 0.23090 0.22638 0.24603 0.00856  0.02024  -0.00413 8   DT  A C4    
238 O  O4    . DT  A 8  ? 0.29508 0.29582 0.31726 0.00062  0.01594  -0.00694 8   DT  A O4    
239 C  C5    . DT  A 8  ? 0.28578 0.26991 0.28432 0.01854  0.01674  -0.00834 8   DT  A C5    
240 C  C7    . DT  A 8  ? 0.35748 0.34033 0.35832 0.01706  0.00585  -0.01663 8   DT  A C7    
241 C  C6    . DT  A 8  ? 0.31565 0.28685 0.29804 0.03092  0.02336  -0.00420 8   DT  A C6    
254 P  P     . DA  A 9  ? 0.62249 0.49610 0.50861 0.11071  0.08885  0.03656  9   DA  A P     
255 O  OP1   . DA  A 9  ? 0.67548 0.50804 0.51330 0.13838  0.10047  0.04100  9   DA  A OP1   
256 O  OP2   . DA  A 9  ? 0.59882 0.48129 0.48485 0.10251  0.06960  0.02699  9   DA  A OP2   
257 O  "O5'" . DA  A 9  ? 0.55884 0.45241 0.49113 0.10080  0.10776  0.05113  9   DA  A "O5'" 
258 C  "C5'" . DA  A 9  ? 0.46089 0.36802 0.42642 0.09320  0.11734  0.05706  9   DA  A "C5'" 
259 C  "C4'" . DA  A 9  ? 0.48376 0.41529 0.50259 0.07758  0.12017  0.06406  9   DA  A "C4'" 
260 O  "O4'" . DA  A 9  ? 0.45946 0.41453 0.49357 0.05749  0.09662  0.05153  9   DA  A "O4'" 
261 C  "C3'" . DA  A 9  ? 0.51765 0.44297 0.54335 0.08373  0.13182  0.07412  9   DA  A "C3'" 
262 O  "O3'" . DA  A 9  ? 0.59646 0.53185 0.67428 0.07915  0.14573  0.08705  9   DA  A "O3'" 
263 C  "C2'" . DA  A 9  ? 0.50160 0.44211 0.52448 0.07001  0.10912  0.06180  9   DA  A "C2'" 
264 C  "C1'" . DA  A 9  ? 0.48005 0.44235 0.52508 0.05175  0.09182  0.05187  9   DA  A "C1'" 
265 N  N9    . DA  A 9  ? 0.38490 0.35564 0.41456 0.04204  0.07110  0.03763  9   DA  A N9    
266 C  C8    . DA  A 9  ? 0.36161 0.32172 0.35716 0.04858  0.06270  0.02931  9   DA  A C8    
267 N  N7    . DA  A 9  ? 0.34301 0.31440 0.34064 0.03737  0.04672  0.01868  9   DA  A N7    
268 C  C5    . DA  A 9  ? 0.27695 0.26421 0.30315 0.02409  0.04446  0.01963  9   DA  A C5    
269 C  C6    . DA  A 9  ? 0.29959 0.29782 0.33510 0.01157  0.03257  0.01243  9   DA  A C6    
270 N  N6    . DA  A 9  ? 0.32377 0.32253 0.34806 0.00884  0.02397  0.00422  9   DA  A N6    
271 N  N1    . DA  A 9  ? 0.26594 0.27070 0.32353 0.00402  0.03024  0.01473  9   DA  A N1    
272 C  C2    . DA  A 9  ? 0.30412 0.30883 0.38337 0.00657  0.03844  0.02359  9   DA  A C2    
273 N  N3    . DA  A 9  ? 0.30770 0.30535 0.38778 0.01701  0.05369  0.03272  9   DA  A N3    
274 C  C4    . DA  A 9  ? 0.35603 0.34343 0.40370 0.02633  0.05657  0.03017  9   DA  A C4    
286 P  P     . DA  A 10 ? 0.61910 0.54444 0.71770 0.08929  0.16850  0.10425  10  DA  A P     
287 O  OP1   . DA  A 10 ? 0.63371 0.54854 0.75503 0.09717  0.19383  0.12087  10  DA  A OP1   
288 O  OP2   . DA  A 10 ? 0.61601 0.52279 0.66329 0.10134  0.16764  0.10131  10  DA  A OP2   
289 O  "O5'" . DA  A 10 ? 0.55286 0.50557 0.70501 0.06811  0.15164  0.10090  10  DA  A "O5'" 
290 C  "C5'" . DA  A 10 ? 0.46960 0.44183 0.65089 0.05133  0.13187  0.09166  10  DA  A "C5'" 
291 C  "C4'" . DA  A 10 ? 0.52634 0.51445 0.73471 0.03588  0.11094  0.08462  10  DA  A "C4'" 
292 O  "O4'" . DA  A 10 ? 0.46236 0.45589 0.63142 0.02775  0.08925  0.06790  10  DA  A "O4'" 
293 C  "C3'" . DA  A 10 ? 0.52510 0.50976 0.74663 0.03983  0.12047  0.09336  10  DA  A "C3'" 
294 O  "O3'" . DA  A 10 ? 0.65702 0.65384 0.92707 0.02757  0.10565  0.09191  10  DA  A "O3'" 
295 C  "C2'" . DA  A 10 ? 0.46613 0.44745 0.63272 0.04080  0.11065  0.08239  10  DA  A "C2'" 
296 C  "C1'" . DA  A 10 ? 0.42483 0.41868 0.58392 0.02679  0.08553  0.06625  10  DA  A "C1'" 
297 N  N9    . DA  A 10 ? 0.35249 0.34460 0.46512 0.02647  0.07479  0.05416  10  DA  A N9    
298 C  C8    . DA  A 10 ? 0.33611 0.31453 0.40821 0.03865  0.08144  0.05365  10  DA  A C8    
299 N  N7    . DA  A 10 ? 0.32138 0.30206 0.36744 0.03452  0.06611  0.04102  10  DA  A N7    
300 C  C5    . DA  A 10 ? 0.25925 0.25471 0.32558 0.01977  0.05247  0.03426  10  DA  A C5    
301 C  C6    . DA  A 10 ? 0.20773 0.20932 0.26372 0.01113  0.03763  0.02284  10  DA  A C6    
302 N  N6    . DA  A 10 ? 0.26864 0.26651 0.30048 0.01393  0.03258  0.01576  10  DA  A N6    
303 N  N1    . DA  A 10 ? 0.22662 0.23466 0.29936 0.00127  0.02811  0.01942  10  DA  A N1    
304 C  C2    . DA  A 10 ? 0.23491 0.24468 0.33720 -0.00100 0.02860  0.02525  10  DA  A C2    
305 N  N3    . DA  A 10 ? 0.31028 0.31857 0.43555 0.00455  0.04137  0.03632  10  DA  A N3    
306 C  C4    . DA  A 10 ? 0.29009 0.29089 0.39351 0.01531  0.05536  0.04115  10  DA  A C4    
318 P  P     . DC  A 11 ? 0.59996 0.59575 0.92915 0.03040  0.11987  0.10783  11  DC  A P     
319 O  OP1   . DC  A 11 ? 0.47396 0.46848 0.85134 0.03408  0.12769  0.11643  11  DC  A OP1   
320 O  OP2   . DC  A 11 ? 0.54497 0.52930 0.84651 0.04230  0.14010  0.11685  11  DC  A OP2   
321 O  "O5'" . DC  A 11 ? 0.41565 0.42256 0.76973 0.01510  0.08866  0.09558  11  DC  A "O5'" 
322 C  "C5'" . DC  A 11 ? 0.40446 0.41627 0.75651 0.00515  0.06228  0.08138  11  DC  A "C5'" 
323 C  "C4'" . DC  A 11 ? 0.37767 0.39076 0.69725 -0.00264 0.03850  0.06604  11  DC  A "C4'" 
324 O  "O4'" . DC  A 11 ? 0.36247 0.37473 0.62031 0.00034  0.04428  0.06007  11  DC  A "O4'" 
325 C  "C3'" . DC  A 11 ? 0.37304 0.38624 0.71656 -0.00458 0.03435  0.06846  11  DC  A "C3'" 
326 O  "O3'" . DC  A 11 ? 0.44091 0.45121 0.80767 -0.01210 0.00529  0.05825  11  DC  A "O3'" 
327 C  "C2'" . DC  A 11 ? 0.34917 0.36232 0.63575 -0.00271 0.03900  0.06335  11  DC  A "C2'" 
328 C  "C1'" . DC  A 11 ? 0.31457 0.32740 0.55372 -0.00303 0.03490  0.05358  11  DC  A "C1'" 
329 N  N1    . DC  A 11 ? 0.30821 0.31919 0.49787 0.00281  0.04570  0.05197  11  DC  A N1    
330 C  C2    . DC  A 11 ? 0.24843 0.26036 0.39975 -0.00140 0.03293  0.03898  11  DC  A C2    
331 O  O2    . DC  A 11 ? 0.27558 0.28747 0.42843 -0.00847 0.01596  0.03019  11  DC  A O2    
332 N  N3    . DC  A 11 ? 0.23546 0.24478 0.35034 0.00416  0.03938  0.03688  11  DC  A N3    
333 C  C4    . DC  A 11 ? 0.24657 0.24856 0.35218 0.01523  0.05585  0.04586  11  DC  A C4    
334 N  N4    . DC  A 11 ? 0.29940 0.29440 0.36752 0.02213  0.05650  0.04161  11  DC  A N4    
335 C  C5    . DC  A 11 ? 0.27220 0.26991 0.40781 0.02164  0.07264  0.06024  11  DC  A C5    
336 C  C6    . DC  A 11 ? 0.28142 0.28592 0.46311 0.01420  0.06770  0.06325  11  DC  A C6    
348 P  P     . DG  A 12 ? 0.50094 0.50866 0.90284 -0.01512 -0.00767 0.05801  12  DG  A P     
349 O  OP1   . DG  A 12 ? 0.43430 0.43511 0.87767 -0.01576 -0.03446 0.05198  12  DG  A OP1   
350 O  OP2   . DG  A 12 ? 0.44074 0.45310 0.86049 -0.00962 0.02053  0.07392  12  DG  A OP2   
351 O  "O5'" . DG  A 12 ? 0.31586 0.31928 0.65697 -0.01797 -0.02268 0.04304  12  DG  A "O5'" 
352 C  "C5'" . DG  A 12 ? 0.29190 0.28778 0.59260 -0.01953 -0.03920 0.02984  12  DG  A "C5'" 
353 C  "C4'" . DG  A 12 ? 0.26069 0.25276 0.50805 -0.01999 -0.04320 0.02035  12  DG  A "C4'" 
354 O  "O4'" . DG  A 12 ? 0.26362 0.26597 0.47935 -0.01782 -0.02058 0.02495  12  DG  A "O4'" 
355 C  "C3'" . DG  A 12 ? 0.22809 0.21659 0.48681 -0.02116 -0.05186 0.01873  12  DG  A "C3'" 
356 O  "O3'" . DG  A 12 ? 0.26102 0.23369 0.48336 -0.02060 -0.07155 0.00539  12  DG  A "O3'" 
357 C  "C2'" . DG  A 12 ? 0.21339 0.21441 0.45557 -0.01974 -0.02776 0.02671  12  DG  A "C2'" 
358 C  "C1'" . DG  A 12 ? 0.20875 0.21377 0.41043 -0.01761 -0.01561 0.02534  12  DG  A "C1'" 
359 N  N9    . DG  A 12 ? 0.21920 0.23166 0.41288 -0.01252 0.00777  0.03532  12  DG  A N9    
360 C  C8    . DG  A 12 ? 0.23459 0.24883 0.45889 -0.00726 0.02572  0.04949  12  DG  A C8    
361 N  N7    . DG  A 12 ? 0.20890 0.22181 0.40554 0.00069  0.04400  0.05533  12  DG  A N7    
362 C  C5    . DG  A 12 ? 0.22434 0.23783 0.37697 -0.00125 0.03527  0.04361  12  DG  A C5    
363 C  C6    . DG  A 12 ? 0.19866 0.20894 0.31189 0.00535  0.04250  0.04196  12  DG  A C6    
364 O  O6    . DG  A 12 ? 0.21295 0.21535 0.31285 0.01625  0.05756  0.05005  12  DG  A O6    
365 N  N1    . DG  A 12 ? 0.17071 0.18334 0.25905 0.00028  0.02988  0.02975  12  DG  A N1    
366 C  C2    . DG  A 12 ? 0.19100 0.20515 0.28339 -0.00790 0.01557  0.02130  12  DG  A C2    
367 N  N2    . DG  A 12 ? 0.17318 0.18660 0.24087 -0.00976 0.00996  0.01253  12  DG  A N2    
368 N  N3    . DG  A 12 ? 0.17696 0.18948 0.29627 -0.01205 0.00696  0.02169  12  DG  A N3    
369 C  C4    . DG  A 12 ? 0.20204 0.21601 0.35389 -0.00940 0.01589  0.03248  12  DG  A C4    
381 P  P     . DC  A 13 ? 0.31412 0.27494 0.53898 -0.02039 -0.08877 -0.00095 13  DC  A P     
382 O  OP1   . DC  A 13 ? 0.36894 0.30282 0.56223 -0.01567 -0.11372 -0.01447 13  DC  A OP1   
383 O  OP2   . DC  A 13 ? 0.28876 0.25711 0.57344 -0.02269 -0.08836 0.00783  13  DC  A OP2   
384 O  "O5'" . DC  A 13 ? 0.25707 0.22630 0.43835 -0.02060 -0.07186 -0.00115 13  DC  A "O5'" 
385 C  "C5'" . DC  A 13 ? 0.26663 0.23120 0.39798 -0.01846 -0.06697 -0.00716 13  DC  A "C5'" 
386 C  "C4'" . DC  A 13 ? 0.23391 0.20988 0.34120 -0.01917 -0.05070 -0.00521 13  DC  A "C4'" 
387 O  "O4'" . DC  A 13 ? 0.23750 0.23166 0.35568 -0.01985 -0.03111 0.00458  13  DC  A "O4'" 
388 C  "C3'" . DC  A 13 ? 0.27145 0.24774 0.38754 -0.02029 -0.05443 -0.00512 13  DC  A "C3'" 
389 O  "O3'" . DC  A 13 ? 0.22918 0.20405 0.30845 -0.01913 -0.04904 -0.00963 13  DC  A "O3'" 
390 C  "C2'" . DC  A 13 ? 0.17343 0.16789 0.32062 -0.02184 -0.03767 0.00745  13  DC  A "C2'" 
391 C  "C1'" . DC  A 13 ? 0.16508 0.16739 0.28766 -0.01999 -0.02246 0.00963  13  DC  A "C1'" 
392 N  N1    . DC  A 13 ? 0.16164 0.17379 0.29886 -0.01697 -0.00451 0.02126  13  DC  A N1    
393 C  C2    . DC  A 13 ? 0.15720 0.17309 0.26533 -0.01315 0.00701  0.02194  13  DC  A C2    
394 O  O2    . DC  A 13 ? 0.17234 0.18704 0.25258 -0.01429 0.00247  0.01346  13  DC  A O2    
395 N  N3    . DC  A 13 ? 0.15997 0.17708 0.27130 -0.00653 0.02266  0.03201  13  DC  A N3    
396 C  C4    . DC  A 13 ? 0.16256 0.17894 0.30763 -0.00397 0.03168  0.04325  13  DC  A C4    
397 N  N4    . DC  A 13 ? 0.17206 0.18376 0.31286 0.00595  0.05053  0.05433  13  DC  A N4    
398 C  C5    . DC  A 13 ? 0.17234 0.18904 0.35851 -0.00974 0.02121  0.04377  13  DC  A C5    
399 C  C6    . DC  A 13 ? 0.15834 0.17212 0.33734 -0.01599 0.00090  0.03157  13  DC  A C6    
411 P  P     . DA  A 14 ? 0.24564 0.19668 0.29399 -0.01482 -0.06365 -0.02042 14  DA  A P     
412 O  OP1   . DA  A 14 ? 0.28307 0.21092 0.31618 -0.00944 -0.07726 -0.02694 14  DA  A OP1   
413 O  OP2   . DA  A 14 ? 0.30020 0.25046 0.36665 -0.01642 -0.07254 -0.02076 14  DA  A OP2   
414 O  "O5'" . DA  A 14 ? 0.21835 0.17396 0.23228 -0.01347 -0.04752 -0.02125 14  DA  A "O5'" 
415 C  "C5'" . DA  A 14 ? 0.25132 0.20888 0.25114 -0.01208 -0.03705 -0.02053 14  DA  A "C5'" 
416 C  "C4'" . DA  A 14 ? 0.19679 0.17160 0.19287 -0.01395 -0.02126 -0.01711 14  DA  A "C4'" 
417 O  "O4'" . DA  A 14 ? 0.18087 0.17481 0.19995 -0.01719 -0.01573 -0.01005 14  DA  A "O4'" 
418 C  "C3'" . DA  A 14 ? 0.20747 0.18104 0.19088 -0.01326 -0.01892 -0.01928 14  DA  A "C3'" 
419 O  "O3'" . DA  A 14 ? 0.18611 0.16346 0.15901 -0.01177 -0.00687 -0.01925 14  DA  A "O3'" 
420 C  "C2'" . DA  A 14 ? 0.17944 0.16946 0.18448 -0.01738 -0.01879 -0.01401 14  DA  A "C2'" 
421 C  "C1'" . DA  A 14 ? 0.16330 0.16583 0.18325 -0.01809 -0.01184 -0.00782 14  DA  A "C1'" 
422 N  N9    . DA  A 14 ? 0.15728 0.16739 0.20160 -0.01893 -0.01024 -0.00011 14  DA  A N9    
423 C  C8    . DA  A 14 ? 0.18405 0.18999 0.25288 -0.02060 -0.01838 0.00179  14  DA  A C8    
424 N  N7    . DA  A 14 ? 0.18035 0.19362 0.27518 -0.01980 -0.01022 0.01180  14  DA  A N7    
425 C  C5    . DA  A 14 ? 0.15222 0.17148 0.23002 -0.01583 0.00278  0.01572  14  DA  A C5    
426 C  C6    . DA  A 14 ? 0.15409 0.17549 0.23665 -0.00966 0.01705  0.02625  14  DA  A C6    
427 N  N6    . DA  A 14 ? 0.15670 0.17733 0.26889 -0.00727 0.02538  0.03713  14  DA  A N6    
428 N  N1    . DA  A 14 ? 0.15743 0.17788 0.21372 -0.00409 0.02252  0.02548  14  DA  A N1    
429 C  C2    . DA  A 14 ? 0.15432 0.17592 0.19108 -0.00648 0.01531  0.01582  14  DA  A C2    
430 N  N3    . DA  A 14 ? 0.15768 0.17898 0.19170 -0.01240 0.00659  0.00759  14  DA  A N3    
431 C  C4    . DA  A 14 ? 0.15200 0.17045 0.20211 -0.01603 0.00054  0.00769  14  DA  A C4    
443 P  P     . DG  A 15 ? 0.20061 0.17457 0.15970 -0.00971 -0.00095 -0.02137 15  DG  A P     
444 O  OP1   . DG  A 15 ? 0.22318 0.19492 0.17923 -0.00663 0.01141  -0.02080 15  DG  A OP1   
445 O  OP2   . DG  A 15 ? 0.25401 0.20956 0.19656 -0.00649 -0.00968 -0.02572 15  DG  A OP2   
446 O  "O5'" . DG  A 15 ? 0.18767 0.18277 0.16239 -0.01425 -0.00020 -0.01782 15  DG  A "O5'" 
447 C  "C5'" . DG  A 15 ? 0.17407 0.18264 0.15993 -0.01479 0.00449  -0.01484 15  DG  A "C5'" 
448 C  "C4'" . DG  A 15 ? 0.15680 0.17638 0.14787 -0.01556 0.00339  -0.01131 15  DG  A "C4'" 
449 O  "O4'" . DG  A 15 ? 0.14998 0.17105 0.15076 -0.01629 0.00104  -0.00639 15  DG  A "O4'" 
450 C  "C3'" . DG  A 15 ? 0.15882 0.17805 0.14276 -0.01662 0.00272  -0.01295 15  DG  A "C3'" 
451 O  "O3'" . DG  A 15 ? 0.14535 0.17282 0.12962 -0.01526 0.00483  -0.01224 15  DG  A "O3'" 
452 C  "C2'" . DG  A 15 ? 0.16181 0.18169 0.15356 -0.01858 -0.00196 -0.00935 15  DG  A "C2'" 
453 C  "C1'" . DG  A 15 ? 0.14582 0.17066 0.14887 -0.01686 0.00098  -0.00320 15  DG  A "C1'" 
454 N  N9    . DG  A 15 ? 0.14521 0.16942 0.16638 -0.01773 -0.00006 0.00254  15  DG  A N9    
455 C  C8    . DG  A 15 ? 0.14961 0.16723 0.18357 -0.02070 -0.00863 0.00055  15  DG  A C8    
456 N  N7    . DG  A 15 ? 0.16107 0.18055 0.22161 -0.02087 -0.00740 0.00800  15  DG  A N7    
457 C  C5    . DG  A 15 ? 0.14632 0.17176 0.20475 -0.01632 0.00561  0.01626  15  DG  A C5    
458 C  C6    . DG  A 15 ? 0.14909 0.17489 0.22736 -0.01191 0.01675  0.02824  15  DG  A C6    
459 O  O6    . DG  A 15 ? 0.14987 0.17469 0.26176 -0.01299 0.01791  0.03484  15  DG  A O6    
460 N  N1    . DG  A 15 ? 0.16355 0.18747 0.22061 -0.00378 0.02750  0.03307  15  DG  A N1    
461 C  C2    . DG  A 15 ? 0.15661 0.18038 0.18459 -0.00164 0.02396  0.02603  15  DG  A C2    
462 N  N2    . DG  A 15 ? 0.16751 0.18371 0.17661 0.00879  0.03087  0.03069  15  DG  A N2    
463 N  N3    . DG  A 15 ? 0.14864 0.17592 0.16766 -0.00745 0.01447  0.01562  15  DG  A N3    
464 C  C4    . DG  A 15 ? 0.14535 0.17252 0.17743 -0.01403 0.00758  0.01185  15  DG  A C4    
476 P  P     . DC  A 16 ? 0.17206 0.20133 0.14950 -0.01604 0.00563  -0.01422 16  DC  A P     
477 O  OP1   . DC  A 16 ? 0.20306 0.23806 0.18609 -0.01359 0.00599  -0.01498 16  DC  A OP1   
478 O  OP2   . DC  A 16 ? 0.22375 0.24148 0.19099 -0.01629 0.00706  -0.01819 16  DC  A OP2   
479 O  "O5'" . DC  A 16 ? 0.20825 0.24110 0.18545 -0.01748 0.00273  -0.00990 16  DC  A "O5'" 
480 C  "C5'" . DC  A 16 ? 0.22658 0.26545 0.20200 -0.01467 0.00342  -0.00548 16  DC  A "C5'" 
481 C  "C4'" . DC  A 16 ? 0.23126 0.26840 0.20810 -0.00926 0.00473  -0.00016 16  DC  A "C4'" 
482 O  "O4'" . DC  A 16 ? 0.19024 0.22503 0.17829 -0.01085 0.00698  0.00401  16  DC  A "O4'" 
483 C  "C3'" . DC  A 16 ? 0.26112 0.29583 0.22771 -0.00226 0.00687  0.00642  16  DC  A "C3'" 
484 O  "O3'" . DC  A 16 ? 0.36250 0.38898 0.31911 0.00691  0.00515  0.00760  16  DC  A "O3'" 
485 C  "C2'" . DC  A 16 ? 0.22445 0.25840 0.20200 -0.00337 0.01361  0.01480  16  DC  A "C2'" 
486 C  "C1'" . DC  A 16 ? 0.17401 0.20713 0.16537 -0.00648 0.01302  0.01355  16  DC  A "C1'" 
487 N  N1    . DC  A 16 ? 0.14135 0.17477 0.15499 -0.01132 0.01333  0.01703  16  DC  A N1    
488 C  C2    . DC  A 16 ? 0.14690 0.17749 0.17718 -0.00711 0.02247  0.02832  16  DC  A C2    
489 O  O2    . DC  A 16 ? 0.16784 0.19251 0.18511 0.00235  0.03188  0.03547  16  DC  A O2    
490 N  N3    . DC  A 16 ? 0.14547 0.17629 0.20672 -0.01169 0.02059  0.03141  16  DC  A N3    
491 C  C4    . DC  A 16 ? 0.14099 0.17133 0.20847 -0.01882 0.00693  0.02204  16  DC  A C4    
492 N  N4    . DC  A 16 ? 0.16619 0.19342 0.26691 -0.02199 0.00052  0.02394  16  DC  A N4    
493 C  C5    . DC  A 16 ? 0.16320 0.19252 0.20396 -0.02105 -0.00067 0.01072  16  DC  A C5    
494 C  C6    . DC  A 16 ? 0.16787 0.20060 0.18632 -0.01787 0.00449  0.00948  16  DC  A C6    
507 CA CA    . CA  B .  ? 0.21425 0.16304 0.38779 -0.01648 -0.13104 -0.00440 101 CA  A CA    
508 CA CA    . CA  C .  ? 0.25039 0.23940 0.24697 -0.02617 0.03117  -0.01611 102 CA  A CA    
509 CA CA    . CA  D .  ? 0.17474 0.16002 0.28790 -0.01589 0.01958  -0.02594 103 CA  A CA    
510 CA CA    . CA  E .  ? 0.16488 0.15302 0.27145 -0.01182 0.01751  -0.02354 104 CA  A CA    
511 CA CA    . CA  F .  ? 0.35498 0.29765 0.29047 0.04675  0.02553  -0.02094 105 CA  A CA    
512 CA CA    . CA  G .  ? 0.14552 0.18679 0.13715 -0.01154 0.00526  -0.01810 106 CA  A CA    
513 CA CA    . CA  H .  ? 0.62263 0.52001 0.64189 0.05852  -0.09318 -0.07643 107 CA  A CA    
514 O  O     . HOH I .  ? 0.44748 0.31729 0.35926 0.00402  -0.09677 -0.01302 201 HOH A O     
515 O  O     . HOH I .  ? 0.43390 0.35718 0.38151 -0.00419 0.03588  -0.00027 202 HOH A O     
516 O  O     . HOH I .  ? 0.39908 0.36123 0.43839 -0.01822 -0.04963 -0.00527 203 HOH A O     
517 O  O     . HOH I .  ? 0.75998 0.53579 0.52267 0.15015  -0.03789 -0.04427 204 HOH A O     
518 O  O     . HOH I .  ? 0.36647 0.36777 0.59645 0.02010  0.08874  0.08581  205 HOH A O     
519 O  O     . HOH I .  ? 0.38486 0.36777 0.50683 0.03801  0.09757  0.07881  206 HOH A O     
520 O  O     . HOH I .  ? 0.35642 0.32154 0.30499 -0.01110 -0.01841 -0.02675 207 HOH A O     
521 O  O     . HOH I .  ? 0.29385 0.28482 0.28081 -0.02455 0.02444  -0.01409 208 HOH A O     
522 O  O     . HOH I .  ? 0.51811 0.43679 0.43806 0.06679  0.00403  -0.01631 209 HOH A O     
523 O  O     . HOH I .  ? 0.56703 0.36963 0.35391 0.03166  0.00381  0.00665  210 HOH A O     
524 O  O     . HOH I .  ? 0.42377 0.38266 0.40773 0.04644  0.06225  0.01537  211 HOH A O     
525 O  O     . HOH I .  ? 0.39332 0.37605 0.34635 -0.02718 0.00485  -0.00830 212 HOH A O     
526 O  O     . HOH I .  ? 0.35151 0.32091 0.47515 -0.01987 -0.07745 -0.00097 213 HOH A O     
527 O  O     . HOH I .  ? 0.27687 0.25245 0.38049 0.00596  -0.02863 -0.04560 214 HOH A O     
528 O  O     . HOH I .  ? 0.24787 0.26793 0.43615 -0.02138 -0.00155 0.03596  215 HOH A O     
529 O  O     . HOH I .  ? 0.36980 0.34448 0.39344 -0.01967 -0.02482 -0.00493 216 HOH A O     
530 O  O     . HOH I .  ? 0.28492 0.28951 0.36495 -0.02050 -0.00657 0.00357  217 HOH A O     
531 O  O     . HOH I .  ? 0.41685 0.41051 0.43702 -0.01426 0.01285  -0.01048 218 HOH A O     
532 O  O     . HOH I .  ? 0.24791 0.24920 0.28743 -0.01683 -0.01054 -0.00366 219 HOH A O     
533 O  O     . HOH I .  ? 0.47674 0.45606 0.62412 -0.02408 -0.06300 -0.00316 220 HOH A O     
534 O  O     . HOH I .  ? 0.31963 0.27302 0.41243 -0.01385 0.07395  0.00321  221 HOH A O     
535 O  O     . HOH I .  ? 0.23407 0.25824 0.33275 -0.01043 0.03688  0.01493  222 HOH A O     
536 O  O     . HOH I .  ? 0.28418 0.29605 0.44279 -0.02347 -0.02734 0.01123  223 HOH A O     
537 O  O     . HOH I .  ? 0.26040 0.27010 0.20580 -0.01511 0.01081  -0.02330 224 HOH A O     
538 O  O     . HOH I .  ? 0.23794 0.24089 0.34712 -0.02532 -0.03407 0.00378  225 HOH A O     
539 O  O     . HOH I .  ? 0.36174 0.36439 0.32026 0.02591  0.03540  0.03745  226 HOH A O     
540 O  O     . HOH I .  ? 0.29045 0.28831 0.30281 -0.01011 0.01436  -0.02351 227 HOH A O     
541 O  O     . HOH I .  ? 0.42918 0.39278 0.47034 -0.01856 -0.05794 -0.02030 228 HOH A O     
542 O  O     . HOH I .  ? 0.22916 0.25085 0.23701 -0.01052 0.00549  -0.00374 229 HOH A O     
543 O  O     . HOH I .  ? 0.41719 0.41543 0.38752 0.02141  0.08495  -0.00087 230 HOH A O     
544 O  O     . HOH I .  ? 0.39694 0.40877 0.60302 -0.00654 0.02196  0.03971  231 HOH A O     
545 O  O     . HOH I .  ? 0.24636 0.24387 0.25776 -0.01927 0.02011  -0.02134 232 HOH A O     
546 O  O     . HOH I .  ? 0.44962 0.30712 0.30859 0.01447  0.02111  0.00441  233 HOH A O     
547 O  O     . HOH I .  ? 0.42929 0.30839 0.32950 0.00860  0.05382  0.01030  234 HOH A O     
548 O  O     . HOH I .  ? 0.35122 0.30348 0.30302 0.04222  0.02952  -0.01320 235 HOH A O     
549 O  O     . HOH I .  ? 0.31607 0.31991 0.40919 -0.02756 -0.03770 -0.00026 236 HOH A O     
550 O  O     . HOH I .  ? 0.32750 0.32999 0.54650 0.01902  0.08808  0.08772  237 HOH A O     
551 O  O     . HOH I .  ? 0.46627 0.40062 0.44281 0.04674  -0.03580 -0.04260 238 HOH A O     
552 O  O     . HOH I .  ? 0.37017 0.39143 0.45309 0.00434  0.07039  0.02049  239 HOH A O     
553 O  O     . HOH I .  ? 0.28554 0.25973 0.26189 0.02048  0.01741  -0.02232 240 HOH A O     
554 O  O     . HOH I .  ? 0.22713 0.28251 0.48270 -0.02238 0.01467  0.03133  241 HOH A O     
555 O  O     . HOH I .  ? 0.33800 0.23835 0.32786 0.00438  0.09251  0.01817  242 HOH A O     
556 O  O     . HOH I .  ? 0.31935 0.33585 0.50912 -0.01905 -0.00173 0.03418  243 HOH A O     
557 O  O     . HOH I .  ? 0.41824 0.37100 0.43681 0.06036  0.09261  0.06210  244 HOH A O     
558 O  O     . HOH I .  ? 0.43790 0.36292 0.45983 0.04533  -0.06714 -0.06153 245 HOH A O     
559 O  O     . HOH I .  ? 0.35967 0.35080 0.31597 -0.02998 -0.00230 -0.00804 246 HOH A O     
560 O  O     . HOH I .  ? 0.21199 0.24868 0.18169 -0.01581 0.01047  -0.01891 247 HOH A O     
561 O  O     . HOH I .  ? 0.36348 0.33598 0.39911 -0.02153 0.04707  -0.00903 248 HOH A O     
562 O  O     . HOH I .  ? 0.32780 0.29878 0.34368 0.01944  -0.01635 -0.03478 249 HOH A O     
563 O  O     . HOH I .  ? 0.48393 0.44999 0.51551 -0.01700 -0.03231 -0.00553 250 HOH A O     
564 O  O     . HOH I .  ? 0.36995 0.33619 0.31496 -0.02311 0.02082  -0.00656 251 HOH A O     
565 O  O     . HOH I .  ? 0.22941 0.22135 0.30470 -0.00750 0.00507  -0.02759 252 HOH A O     
566 O  O     . HOH I .  ? 0.35508 0.29088 0.45146 0.03167  -0.07764 -0.06883 253 HOH A O     
567 O  O     . HOH I .  ? 0.52930 0.45007 0.50024 -0.00565 -0.06486 -0.03475 254 HOH A O     
568 O  O     . HOH I .  ? 0.49073 0.38125 0.38229 -0.00282 -0.06208 -0.00824 255 HOH A O     
569 O  O     . HOH I .  ? 0.32176 0.29459 0.35148 -0.01460 -0.02931 -0.01225 256 HOH A O     
570 O  O     . HOH I .  ? 0.56109 0.43952 0.47610 0.00940  -0.06420 -0.04153 257 HOH A O     
571 O  O     . HOH I .  ? 0.31269 0.30238 0.32863 -0.02348 0.02909  -0.01820 258 HOH A O     
572 O  O     . HOH I .  ? 0.44398 0.36162 0.35962 0.07150  0.04787  -0.00111 259 HOH A O     
573 O  O     . HOH I .  ? 0.33453 0.31348 0.32922 -0.01820 -0.03272 -0.02052 260 HOH A O     
574 O  O     . HOH I .  ? 0.47582 0.48116 0.68649 -0.02923 -0.04104 0.01900  261 HOH A O     
575 O  O     . HOH I .  ? 0.43708 0.44874 0.68458 0.00509  0.05468  0.05825  262 HOH A O     
576 O  O     . HOH I .  ? 0.33987 0.30447 0.30122 0.03484  0.04329  -0.00887 263 HOH A O     
577 O  O     . HOH I .  ? 0.44479 0.37661 0.37516 0.06238  0.05775  -0.00012 264 HOH A O     
578 O  O     . HOH I .  ? 0.35354 0.37399 0.35879 -0.01089 0.00677  -0.01248 265 HOH A O     
579 O  O     . HOH I .  ? 0.32475 0.32941 0.57146 -0.01468 -0.01198 0.03126  266 HOH A O     
580 O  O     . HOH I .  ? 0.39449 0.37389 0.51052 0.00535  -0.02746 -0.04282 267 HOH A O     
581 O  O     . HOH I .  ? 0.48517 0.39187 0.36622 0.00649  -0.02377 -0.03993 268 HOH A O     
582 O  O     . HOH I .  ? 0.36700 0.28884 0.29093 0.05521  -0.00353 -0.03844 269 HOH A O     
583 O  O     . HOH I .  ? 0.61326 0.47429 0.47662 0.09372  -0.02457 -0.04924 270 HOH A O     
584 O  O     . HOH I .  ? 0.28777 0.28791 0.47258 -0.02698 -0.04337 0.01276  271 HOH A O     
585 O  O     . HOH I .  ? 0.19978 0.20027 0.19641 -0.02339 0.02222  -0.02498 272 HOH A O     
586 O  O     . HOH I .  ? 0.62863 0.51293 0.48241 -0.00049 -0.01706 -0.00125 273 HOH A O     
587 O  O     . HOH I .  ? 0.55540 0.33846 0.34032 0.04283  0.04064  0.01515  274 HOH A O     
588 O  O     . HOH I .  ? 0.41874 0.30273 0.49644 0.06000  -0.12782 -0.09304 275 HOH A O     
589 O  O     . HOH I .  ? 0.23965 0.22102 0.40285 -0.01566 0.01169  -0.03166 276 HOH A O     
590 O  O     . HOH I .  ? 0.48990 0.48451 0.48278 0.03232  0.10914  0.01359  277 HOH A O     
591 O  O     . HOH I .  ? 0.27648 0.18285 0.46891 -0.00578 -0.18347 -0.01298 278 HOH A O     
592 O  O     . HOH I .  ? 0.28965 0.31864 0.45303 -0.01570 0.02119  0.02189  279 HOH A O     
593 O  O     . HOH I .  ? 0.54431 0.51244 0.71434 0.05372  0.13618  0.10824  280 HOH A O     
594 O  O     . HOH I .  ? 0.52166 0.49771 0.50440 0.04598  0.11710  0.01737  281 HOH A O     
595 O  O     . HOH I .  ? 0.39088 0.38100 0.40654 -0.02338 -0.03799 -0.01715 282 HOH A O     
596 O  O     . HOH I .  ? 0.35049 0.34104 0.32198 -0.02886 0.02920  -0.01437 283 HOH A O     
597 O  O     . HOH I .  ? 0.38346 0.42259 0.76911 -0.01371 -0.00272 0.04618  284 HOH A O     
598 O  O     . HOH I .  ? 0.48131 0.44706 0.58340 0.01878  -0.04988 -0.05043 285 HOH A O     
599 O  O     . HOH I .  ? 0.58048 0.41734 0.57608 0.09427  -0.16364 -0.10193 286 HOH A O     
600 O  O     . HOH I .  ? 0.31668 0.30590 0.35146 -0.02598 0.03116  -0.02221 287 HOH A O     
601 O  O     . HOH I .  ? 0.23959 0.22473 0.24341 -0.02858 0.03869  -0.01540 288 HOH A O     
602 O  O     . HOH I .  ? 0.47970 0.37493 0.35634 0.07953  0.02854  -0.02500 289 HOH A O     
603 O  O     . HOH I .  ? 0.41020 0.43014 0.42888 -0.00564 0.00293  -0.01430 290 HOH A O     
604 O  O     . HOH I .  ? 0.59496 0.45810 0.44446 0.11144  0.08057  0.00509  291 HOH A O     
605 O  O     . HOH I .  ? 0.31021 0.29783 0.36950 -0.02856 0.03193  -0.02574 292 HOH A O     
# 
